data_3NIO
#
_entry.id   3NIO
#
_cell.length_a   82.047
_cell.length_b   158.954
_cell.length_c   84.547
_cell.angle_alpha   90.00
_cell.angle_beta   114.84
_cell.angle_gamma   90.00
#
_symmetry.space_group_name_H-M   'P 1 21 1'
#
loop_
_entity.id
_entity.type
_entity.pdbx_description
1 polymer Guanidinobutyrase
2 non-polymer 'MANGANESE (II) ION'
3 water water
#
_entity_poly.entity_id   1
_entity_poly.type   'polypeptide(L)'
_entity_poly.pdbx_seq_one_letter_code
;MDKNLHQPLGGNEMPRFGGIATMMRLPHVQSPAELDALDAAFVGVPLDIGTSLRSGTRFGPREIRAESVMIRPYNMATGA
APFDSLNVADIGDVAINTFNLLEAVRIIEQEYDRILGHGILPLTLGGDHTITLPILRAI(MLY)K(MLY)HG(MLY)VGL
VHVDAHADVNDHMFGE(MLY)IAHGTTFRRAVEEDLLDCDRVVQIGLRAQGYTAEDFNWSR(MLY)QGFRVVQAEECWH
(MLY)SLEPLMAEVRE(MLY)VGGGPVYLSFDIDGIDPAWAPGTGTPEIGGLTTIQAMEIIRGCQGLDLIGCDLVEVSPP
YDTTGNTSLLGANLLYEMLCVLPGVVRR
;
_entity_poly.pdbx_strand_id   A,B,C,D,E,F
#
loop_
_chem_comp.id
_chem_comp.type
_chem_comp.name
_chem_comp.formula
MN non-polymer 'MANGANESE (II) ION' 'Mn 2'
#
# COMPACT_ATOMS: atom_id res chain seq x y z
N ASN A 4 -27.63 -37.16 9.78
CA ASN A 4 -26.56 -36.41 9.06
C ASN A 4 -26.61 -34.91 9.33
N LEU A 5 -25.46 -34.36 9.71
CA LEU A 5 -25.33 -32.92 9.99
C LEU A 5 -24.42 -32.25 8.95
N HIS A 6 -24.58 -30.94 8.76
CA HIS A 6 -23.78 -30.16 7.81
C HIS A 6 -22.29 -30.16 8.14
N GLN A 7 -21.44 -30.14 7.11
CA GLN A 7 -19.98 -30.12 7.27
C GLN A 7 -19.30 -29.10 6.34
N PRO A 8 -18.21 -28.46 6.81
CA PRO A 8 -17.41 -27.56 5.95
C PRO A 8 -16.60 -28.30 4.90
N LEU A 9 -16.34 -27.65 3.76
CA LEU A 9 -15.57 -28.24 2.65
C LEU A 9 -14.11 -28.48 2.99
N GLY A 10 -13.64 -29.70 2.74
CA GLY A 10 -12.26 -30.11 3.04
C GLY A 10 -11.27 -29.82 1.93
N GLY A 11 -9.99 -29.79 2.29
CA GLY A 11 -8.90 -29.50 1.35
C GLY A 11 -8.70 -30.55 0.27
N ASN A 12 -8.89 -31.82 0.64
CA ASN A 12 -8.74 -32.93 -0.31
C ASN A 12 -9.94 -33.09 -1.25
N GLU A 13 -10.96 -32.25 -1.07
CA GLU A 13 -12.10 -32.16 -1.99
C GLU A 13 -11.88 -31.03 -3.02
N MET A 14 -11.51 -29.85 -2.51
CA MET A 14 -11.21 -28.68 -3.36
C MET A 14 -10.19 -27.80 -2.63
N PRO A 15 -9.08 -27.44 -3.31
CA PRO A 15 -8.06 -26.57 -2.72
C PRO A 15 -8.67 -25.29 -2.13
N ARG A 16 -8.11 -24.84 -1.00
CA ARG A 16 -8.72 -23.77 -0.20
C ARG A 16 -8.72 -22.37 -0.83
N PHE A 17 -7.96 -22.19 -1.92
CA PHE A 17 -8.00 -20.92 -2.67
C PHE A 17 -9.14 -20.84 -3.69
N GLY A 18 -9.87 -21.94 -3.88
CA GLY A 18 -11.02 -21.99 -4.78
C GLY A 18 -12.35 -22.30 -4.08
N GLY A 19 -13.44 -22.26 -4.84
CA GLY A 19 -14.79 -22.47 -4.32
C GLY A 19 -15.52 -21.17 -3.97
N ILE A 20 -16.85 -21.22 -3.97
CA ILE A 20 -17.70 -20.07 -3.59
C ILE A 20 -17.46 -19.70 -2.10
N ALA A 21 -17.39 -18.39 -1.83
CA ALA A 21 -16.91 -17.89 -0.53
C ALA A 21 -17.99 -17.58 0.53
N THR A 22 -18.63 -18.63 1.06
CA THR A 22 -19.49 -18.52 2.24
C THR A 22 -18.62 -18.63 3.51
N MET A 23 -19.22 -18.42 4.69
CA MET A 23 -18.49 -18.53 5.97
C MET A 23 -18.07 -19.99 6.23
N MET A 24 -16.76 -20.20 6.39
CA MET A 24 -16.15 -21.53 6.57
C MET A 24 -16.50 -22.55 5.47
N ARG A 25 -16.84 -22.04 4.28
CA ARG A 25 -17.30 -22.83 3.12
C ARG A 25 -18.46 -23.80 3.44
N LEU A 26 -19.47 -23.28 4.14
CA LEU A 26 -20.66 -24.04 4.52
C LEU A 26 -21.83 -23.85 3.53
N PRO A 27 -22.87 -24.70 3.59
CA PRO A 27 -24.07 -24.53 2.75
C PRO A 27 -24.86 -23.24 3.01
N HIS A 28 -25.59 -22.77 2.01
CA HIS A 28 -26.40 -21.55 2.07
C HIS A 28 -27.90 -21.89 2.15
N VAL A 29 -28.52 -21.60 3.29
CA VAL A 29 -29.88 -22.04 3.61
C VAL A 29 -30.92 -20.90 3.54
N GLN A 30 -32.07 -21.17 2.91
CA GLN A 30 -33.09 -20.14 2.66
C GLN A 30 -34.58 -20.52 2.92
N SER A 31 -34.91 -21.80 2.79
CA SER A 31 -36.33 -22.25 2.87
C SER A 31 -36.88 -22.37 4.31
N PRO A 32 -38.23 -22.26 4.47
CA PRO A 32 -38.87 -22.38 5.79
C PRO A 32 -38.62 -23.71 6.51
N ALA A 33 -38.60 -24.81 5.75
CA ALA A 33 -38.37 -26.14 6.32
C ALA A 33 -36.93 -26.34 6.80
N GLU A 34 -35.97 -25.86 6.00
CA GLU A 34 -34.55 -25.99 6.34
C GLU A 34 -34.13 -25.08 7.50
N LEU A 35 -34.81 -23.94 7.64
CA LEU A 35 -34.54 -23.00 8.74
C LEU A 35 -35.03 -23.52 10.10
N ASP A 36 -36.15 -24.26 10.08
CA ASP A 36 -36.71 -24.86 11.30
C ASP A 36 -35.83 -25.95 11.91
N ALA A 37 -34.90 -26.48 11.11
CA ALA A 37 -34.05 -27.61 11.52
C ALA A 37 -32.65 -27.23 12.05
N LEU A 38 -32.34 -25.93 12.09
CA LEU A 38 -31.02 -25.47 12.54
C LEU A 38 -30.96 -25.13 14.04
N ASP A 39 -29.85 -25.52 14.67
CA ASP A 39 -29.60 -25.20 16.08
C ASP A 39 -28.91 -23.83 16.26
N ALA A 40 -28.06 -23.46 15.30
CA ALA A 40 -27.32 -22.16 15.31
C ALA A 40 -26.97 -21.69 13.89
N ALA A 41 -26.69 -20.39 13.72
CA ALA A 41 -26.40 -19.82 12.40
C ALA A 41 -25.52 -18.55 12.40
N PHE A 42 -24.78 -18.34 11.30
CA PHE A 42 -24.00 -17.11 11.06
C PHE A 42 -24.81 -16.12 10.19
N VAL A 43 -24.80 -14.84 10.57
CA VAL A 43 -25.59 -13.79 9.87
C VAL A 43 -24.93 -12.39 9.91
N GLY A 44 -25.14 -11.58 8.87
CA GLY A 44 -24.50 -10.25 8.75
C GLY A 44 -25.43 -9.03 8.60
N VAL A 45 -24.97 -7.88 9.10
CA VAL A 45 -25.71 -6.60 9.03
C VAL A 45 -24.75 -5.45 8.64
N PRO A 46 -24.79 -5.01 7.36
CA PRO A 46 -23.79 -4.05 6.84
C PRO A 46 -24.18 -2.57 6.95
N LEU A 47 -24.02 -1.99 8.15
CA LEU A 47 -24.40 -0.60 8.43
C LEU A 47 -23.23 0.25 8.94
N ASP A 48 -23.08 1.47 8.41
CA ASP A 48 -22.06 2.42 8.90
C ASP A 48 -22.49 3.89 9.04
N ILE A 49 -23.79 4.16 8.91
CA ILE A 49 -24.30 5.54 8.95
C ILE A 49 -24.54 6.11 10.36
N GLY A 50 -23.99 5.43 11.37
CA GLY A 50 -24.05 5.90 12.76
C GLY A 50 -22.69 6.22 13.37
N THR A 51 -21.66 6.35 12.52
CA THR A 51 -20.27 6.56 12.94
C THR A 51 -19.89 8.04 13.10
N SER A 52 -18.95 8.31 14.05
CA SER A 52 -18.60 9.73 14.37
C SER A 52 -17.22 10.23 13.88
N LEU A 53 -16.36 9.31 13.43
CA LEU A 53 -15.07 9.69 12.85
C LEU A 53 -14.85 9.07 11.45
N ARG A 54 -14.22 7.88 11.40
CA ARG A 54 -13.98 7.19 10.12
C ARG A 54 -15.14 6.26 9.75
N SER A 55 -15.50 6.26 8.46
CA SER A 55 -16.51 5.30 7.94
C SER A 55 -15.83 4.12 7.20
N GLY A 56 -16.66 3.16 6.75
CA GLY A 56 -16.11 1.97 5.97
C GLY A 56 -16.50 0.57 6.50
N THR A 57 -17.11 0.50 7.68
CA THR A 57 -17.50 -0.80 8.27
C THR A 57 -18.69 -1.48 7.56
N ARG A 58 -19.21 -0.85 6.50
CA ARG A 58 -20.24 -1.47 5.65
C ARG A 58 -19.70 -2.69 4.86
N PHE A 59 -18.40 -2.73 4.62
CA PHE A 59 -17.74 -3.85 3.94
C PHE A 59 -17.24 -4.96 4.88
N GLY A 60 -17.51 -4.80 6.18
CA GLY A 60 -17.11 -5.76 7.22
C GLY A 60 -17.46 -7.22 6.96
N PRO A 61 -18.76 -7.55 6.78
CA PRO A 61 -19.20 -8.92 6.54
C PRO A 61 -18.57 -9.63 5.33
N ARG A 62 -18.28 -8.89 4.26
CA ARG A 62 -17.71 -9.48 3.04
C ARG A 62 -16.25 -9.95 3.21
N GLU A 63 -15.40 -9.11 3.82
CA GLU A 63 -13.98 -9.47 4.00
C GLU A 63 -13.74 -10.55 5.07
N ILE A 64 -14.60 -10.60 6.09
CA ILE A 64 -14.51 -11.65 7.12
C ILE A 64 -14.75 -13.04 6.52
N ARG A 65 -15.76 -13.15 5.65
CA ARG A 65 -16.08 -14.40 4.96
C ARG A 65 -14.92 -14.90 4.07
N ALA A 66 -14.24 -13.96 3.41
CA ALA A 66 -13.14 -14.28 2.49
C ALA A 66 -11.88 -14.83 3.18
N GLU A 67 -11.57 -14.31 4.37
CA GLU A 67 -10.38 -14.75 5.12
C GLU A 67 -10.63 -16.01 5.97
N SER A 68 -11.88 -16.45 6.06
CA SER A 68 -12.27 -17.59 6.91
C SER A 68 -11.96 -18.98 6.34
N VAL A 69 -11.50 -19.03 5.08
CA VAL A 69 -11.28 -20.30 4.37
C VAL A 69 -10.16 -21.20 4.92
N MET A 70 -9.37 -20.68 5.85
CA MET A 70 -8.23 -21.38 6.47
C MET A 70 -8.58 -22.31 7.62
N ILE A 71 -9.73 -22.10 8.26
CA ILE A 71 -10.06 -22.72 9.55
C ILE A 71 -10.49 -24.20 9.45
N ARG A 72 -9.88 -25.04 10.29
CA ARG A 72 -10.22 -26.46 10.41
C ARG A 72 -11.23 -26.71 11.56
N PRO A 73 -11.88 -27.90 11.60
CA PRO A 73 -13.05 -28.09 12.47
C PRO A 73 -12.84 -28.50 13.95
N TYR A 74 -11.68 -29.04 14.31
CA TYR A 74 -11.43 -29.57 15.68
C TYR A 74 -10.41 -28.76 16.48
N ASN A 75 -10.72 -28.51 17.76
CA ASN A 75 -9.91 -27.66 18.66
C ASN A 75 -8.84 -28.45 19.43
N MET A 76 -7.58 -28.29 19.03
CA MET A 76 -6.47 -29.10 19.58
C MET A 76 -6.25 -28.90 21.08
N ALA A 77 -6.41 -27.67 21.55
CA ALA A 77 -6.16 -27.33 22.97
C ALA A 77 -7.26 -27.76 23.95
N THR A 78 -8.53 -27.52 23.60
CA THR A 78 -9.65 -27.77 24.52
C THR A 78 -10.38 -29.09 24.29
N GLY A 79 -10.27 -29.63 23.07
CA GLY A 79 -10.93 -30.90 22.71
C GLY A 79 -12.36 -30.79 22.21
N ALA A 80 -12.85 -29.56 22.03
CA ALA A 80 -14.23 -29.31 21.59
C ALA A 80 -14.48 -29.68 20.13
N ALA A 81 -15.66 -30.26 19.86
CA ALA A 81 -16.04 -30.70 18.51
C ALA A 81 -17.51 -30.35 18.16
N PRO A 82 -17.78 -29.07 17.83
CA PRO A 82 -19.15 -28.56 17.60
C PRO A 82 -19.91 -29.17 16.43
N PHE A 83 -19.21 -29.50 15.34
CA PHE A 83 -19.87 -30.03 14.13
C PHE A 83 -20.31 -31.49 14.24
N ASP A 84 -19.98 -32.13 15.36
CA ASP A 84 -20.40 -33.52 15.63
C ASP A 84 -21.68 -33.57 16.47
N SER A 85 -22.13 -32.41 16.94
CA SER A 85 -23.22 -32.33 17.92
C SER A 85 -24.36 -31.39 17.51
N LEU A 86 -24.02 -30.27 16.86
CA LEU A 86 -25.00 -29.27 16.45
C LEU A 86 -25.12 -29.13 14.92
N ASN A 87 -26.28 -28.65 14.45
CA ASN A 87 -26.56 -28.42 13.03
C ASN A 87 -26.43 -26.93 12.69
N VAL A 88 -25.43 -26.57 11.88
CA VAL A 88 -25.05 -25.16 11.62
C VAL A 88 -24.92 -24.81 10.12
N ALA A 89 -25.23 -23.56 9.75
CA ALA A 89 -25.12 -23.05 8.36
C ALA A 89 -25.01 -21.52 8.22
N ASP A 90 -24.92 -21.03 6.98
CA ASP A 90 -24.86 -19.59 6.65
C ASP A 90 -26.19 -19.11 6.02
N ILE A 91 -26.81 -18.10 6.62
CA ILE A 91 -28.16 -17.66 6.23
C ILE A 91 -28.26 -16.29 5.51
N GLY A 92 -27.12 -15.67 5.20
CA GLY A 92 -27.09 -14.44 4.41
C GLY A 92 -27.05 -13.12 5.18
N ASP A 93 -27.47 -12.03 4.52
CA ASP A 93 -27.45 -10.67 5.08
C ASP A 93 -28.86 -10.05 5.23
N VAL A 94 -28.95 -9.01 6.05
CA VAL A 94 -30.19 -8.24 6.27
C VAL A 94 -30.22 -7.01 5.35
N ALA A 95 -31.36 -6.78 4.69
CA ALA A 95 -31.50 -5.70 3.70
C ALA A 95 -31.91 -4.35 4.31
N ILE A 96 -30.92 -3.58 4.75
CA ILE A 96 -31.15 -2.28 5.40
C ILE A 96 -31.36 -1.11 4.42
N ASN A 97 -31.86 0.01 4.93
CA ASN A 97 -32.02 1.26 4.18
C ASN A 97 -30.87 2.20 4.50
N THR A 98 -29.98 2.40 3.54
CA THR A 98 -28.75 3.19 3.76
C THR A 98 -28.95 4.70 3.61
N PHE A 99 -30.20 5.13 3.40
CA PHE A 99 -30.54 6.54 3.22
C PHE A 99 -31.37 7.14 4.37
N ASN A 100 -31.73 6.32 5.36
CA ASN A 100 -32.54 6.75 6.50
C ASN A 100 -32.28 5.86 7.73
N LEU A 101 -31.71 6.46 8.78
CA LEU A 101 -31.23 5.71 9.96
C LEU A 101 -32.33 5.10 10.84
N LEU A 102 -33.35 5.89 11.18
CA LEU A 102 -34.46 5.41 12.02
C LEU A 102 -35.30 4.31 11.36
N GLU A 103 -35.38 4.34 10.03
CA GLU A 103 -36.08 3.31 9.27
C GLU A 103 -35.29 1.99 9.24
N ALA A 104 -33.96 2.11 9.21
CA ALA A 104 -33.07 0.94 9.27
C ALA A 104 -33.18 0.19 10.61
N VAL A 105 -33.37 0.95 11.69
CA VAL A 105 -33.53 0.40 13.03
C VAL A 105 -34.82 -0.44 13.16
N ARG A 106 -35.89 0.02 12.52
CA ARG A 106 -37.17 -0.70 12.50
C ARG A 106 -37.07 -2.05 11.77
N ILE A 107 -36.34 -2.06 10.65
CA ILE A 107 -36.14 -3.27 9.84
C ILE A 107 -35.39 -4.38 10.60
N ILE A 108 -34.39 -3.97 11.38
CA ILE A 108 -33.55 -4.92 12.14
C ILE A 108 -34.34 -5.69 13.22
N GLU A 109 -35.17 -4.99 13.99
CA GLU A 109 -35.99 -5.62 15.03
C GLU A 109 -36.98 -6.64 14.46
N GLN A 110 -37.57 -6.32 13.30
CA GLN A 110 -38.54 -7.19 12.64
C GLN A 110 -37.95 -8.52 12.17
N GLU A 111 -36.72 -8.48 11.65
CA GLU A 111 -36.09 -9.67 11.09
C GLU A 111 -35.53 -10.61 12.16
N TYR A 112 -35.11 -10.06 13.29
CA TYR A 112 -34.64 -10.87 14.43
C TYR A 112 -35.79 -11.52 15.22
N ASP A 113 -36.99 -10.94 15.11
CA ASP A 113 -38.21 -11.59 15.62
C ASP A 113 -38.48 -12.90 14.84
N ARG A 114 -38.17 -12.90 13.55
CA ARG A 114 -38.36 -14.06 12.68
C ARG A 114 -37.32 -15.17 12.92
N ILE A 115 -36.07 -14.77 13.16
CA ILE A 115 -34.97 -15.70 13.42
C ILE A 115 -35.19 -16.48 14.73
N LEU A 116 -35.56 -15.76 15.78
CA LEU A 116 -35.82 -16.38 17.09
C LEU A 116 -37.11 -17.22 17.12
N GLY A 117 -37.98 -16.98 16.14
CA GLY A 117 -39.20 -17.76 15.97
C GLY A 117 -38.96 -19.16 15.42
N HIS A 118 -37.86 -19.32 14.68
CA HIS A 118 -37.44 -20.63 14.17
C HIS A 118 -36.69 -21.45 15.24
N GLY A 119 -36.32 -20.80 16.34
CA GLY A 119 -35.58 -21.45 17.43
C GLY A 119 -34.07 -21.43 17.26
N ILE A 120 -33.56 -20.43 16.54
CA ILE A 120 -32.13 -20.32 16.19
C ILE A 120 -31.36 -19.38 17.12
N LEU A 121 -30.17 -19.80 17.53
CA LEU A 121 -29.23 -18.95 18.29
C LEU A 121 -28.26 -18.25 17.31
N PRO A 122 -28.26 -16.90 17.29
CA PRO A 122 -27.49 -16.14 16.29
C PRO A 122 -26.05 -15.75 16.67
N LEU A 123 -25.15 -15.79 15.68
CA LEU A 123 -23.77 -15.30 15.79
C LEU A 123 -23.51 -14.24 14.71
N THR A 124 -23.51 -12.96 15.13
CA THR A 124 -23.64 -11.81 14.21
C THR A 124 -22.31 -11.14 13.76
N LEU A 125 -22.22 -10.86 12.46
CA LEU A 125 -21.10 -10.12 11.85
C LEU A 125 -21.51 -8.68 11.50
N GLY A 126 -20.82 -7.69 12.09
CA GLY A 126 -21.14 -6.26 11.86
C GLY A 126 -20.18 -5.52 10.93
N GLY A 127 -20.37 -4.21 10.74
CA GLY A 127 -21.45 -3.41 11.34
C GLY A 127 -21.00 -2.55 12.51
N ASP A 128 -21.55 -1.34 12.64
CA ASP A 128 -21.22 -0.46 13.79
C ASP A 128 -22.10 -0.75 15.03
N HIS A 129 -21.74 -0.14 16.17
CA HIS A 129 -22.31 -0.53 17.48
C HIS A 129 -23.78 -0.12 17.73
N THR A 130 -24.39 0.59 16.79
CA THR A 130 -25.81 0.96 16.89
C THR A 130 -26.73 -0.26 16.74
N ILE A 131 -26.26 -1.30 16.04
CA ILE A 131 -27.05 -2.51 15.76
C ILE A 131 -27.48 -3.30 17.01
N THR A 132 -26.72 -3.17 18.10
CA THR A 132 -26.96 -3.96 19.32
C THR A 132 -28.26 -3.58 20.07
N LEU A 133 -28.74 -2.35 19.86
CA LEU A 133 -29.97 -1.89 20.51
C LEU A 133 -31.25 -2.61 20.05
N PRO A 134 -31.54 -2.60 18.73
CA PRO A 134 -32.74 -3.30 18.26
C PRO A 134 -32.67 -4.84 18.38
N ILE A 135 -31.45 -5.38 18.48
CA ILE A 135 -31.25 -6.81 18.73
C ILE A 135 -31.71 -7.18 20.15
N LEU A 136 -31.30 -6.38 21.13
CA LEU A 136 -31.69 -6.60 22.54
C LEU A 136 -33.19 -6.43 22.78
N ARG A 137 -33.85 -5.59 21.96
CA ARG A 137 -35.30 -5.40 22.00
C ARG A 137 -36.05 -6.70 21.67
N ALA A 138 -35.55 -7.46 20.71
CA ALA A 138 -36.14 -8.74 20.32
C ALA A 138 -35.81 -9.87 21.30
N ILE A 139 -34.63 -9.81 21.92
CA ILE A 139 -34.18 -10.80 22.91
C ILE A 139 -35.09 -10.83 24.15
N MLY A 140 -35.54 -9.66 24.61
CA MLY A 140 -36.40 -9.54 25.79
CB MLY A 140 -36.55 -8.08 26.18
CG MLY A 140 -36.86 -7.92 27.67
CD MLY A 140 -37.59 -6.61 27.94
CE MLY A 140 -38.94 -6.85 28.61
NZ MLY A 140 -39.15 -5.85 29.68
CH1 MLY A 140 -39.81 -6.50 30.82
CH2 MLY A 140 -40.00 -4.76 29.20
C MLY A 140 -37.78 -10.17 25.61
O MLY A 140 -38.35 -10.69 26.57
N LYS A 141 -38.32 -10.10 24.39
CA LYS A 141 -39.63 -10.68 24.08
C LYS A 141 -39.66 -12.20 24.22
N MLY A 142 -38.52 -12.84 23.94
CA MLY A 142 -38.40 -14.30 23.95
CB MLY A 142 -37.47 -14.75 22.82
CG MLY A 142 -37.22 -16.26 22.70
CD MLY A 142 -38.39 -17.00 22.07
CE MLY A 142 -38.05 -18.46 21.84
NZ MLY A 142 -39.22 -19.23 21.33
C MLY A 142 -37.93 -14.87 25.30
O MLY A 142 -38.40 -15.93 25.71
N HIS A 143 -37.03 -14.15 25.97
CA HIS A 143 -36.35 -14.67 27.15
C HIS A 143 -36.59 -13.88 28.45
N GLY A 144 -36.87 -12.59 28.33
CA GLY A 144 -36.95 -11.69 29.49
C GLY A 144 -35.65 -10.92 29.69
N MLY A 145 -35.48 -10.35 30.89
CA MLY A 145 -34.26 -9.59 31.24
CB MLY A 145 -34.42 -8.93 32.61
CG MLY A 145 -35.32 -7.71 32.60
CD MLY A 145 -35.75 -7.37 34.03
CE MLY A 145 -35.90 -5.87 34.22
NZ MLY A 145 -35.94 -5.43 35.63
CH1 MLY A 145 -34.59 -5.46 36.24
CH2 MLY A 145 -36.86 -6.25 36.44
C MLY A 145 -33.03 -10.46 31.29
O MLY A 145 -33.08 -11.60 31.77
N VAL A 146 -31.91 -9.93 30.80
CA VAL A 146 -30.64 -10.69 30.69
C VAL A 146 -29.41 -9.98 31.29
N GLY A 147 -28.38 -10.76 31.62
CA GLY A 147 -27.06 -10.22 32.02
C GLY A 147 -26.17 -9.92 30.82
N LEU A 148 -24.98 -9.38 31.08
CA LEU A 148 -24.09 -8.89 29.99
C LEU A 148 -22.58 -8.91 30.30
N VAL A 149 -21.80 -9.38 29.31
CA VAL A 149 -20.33 -9.27 29.32
C VAL A 149 -19.90 -8.41 28.12
N HIS A 150 -19.26 -7.28 28.39
CA HIS A 150 -18.98 -6.25 27.37
C HIS A 150 -17.49 -5.84 27.30
N VAL A 151 -16.87 -6.04 26.14
CA VAL A 151 -15.44 -5.71 25.92
C VAL A 151 -15.29 -4.51 24.97
N ASP A 152 -14.57 -3.47 25.42
CA ASP A 152 -14.50 -2.18 24.70
C ASP A 152 -13.41 -1.27 25.27
N ALA A 153 -12.99 -0.28 24.49
CA ALA A 153 -12.11 0.79 24.97
C ALA A 153 -12.91 2.02 25.44
N HIS A 154 -14.21 2.02 25.15
CA HIS A 154 -15.11 3.12 25.49
C HIS A 154 -16.33 2.63 26.29
N ALA A 155 -16.97 3.54 27.01
CA ALA A 155 -18.13 3.21 27.85
C ALA A 155 -19.46 3.16 27.08
N ASP A 156 -19.59 4.04 26.09
CA ASP A 156 -20.78 4.14 25.23
C ASP A 156 -22.10 4.44 25.98
N VAL A 157 -22.05 5.41 26.88
CA VAL A 157 -23.23 5.81 27.68
C VAL A 157 -23.61 7.29 27.56
N ASN A 158 -23.34 7.90 26.39
CA ASN A 158 -23.69 9.30 26.12
C ASN A 158 -25.20 9.55 26.11
N ASP A 159 -25.60 10.77 26.50
CA ASP A 159 -27.00 11.17 26.50
C ASP A 159 -27.47 11.62 25.10
N HIS A 160 -26.54 12.21 24.34
CA HIS A 160 -26.81 12.63 22.96
C HIS A 160 -25.52 12.78 22.12
N MET A 161 -25.68 12.80 20.80
CA MET A 161 -24.59 13.09 19.86
C MET A 161 -25.07 14.06 18.78
N PHE A 162 -24.54 15.29 18.80
CA PHE A 162 -24.98 16.40 17.93
C PHE A 162 -26.50 16.62 18.00
N GLY A 163 -27.09 16.37 19.18
CA GLY A 163 -28.51 16.57 19.41
C GLY A 163 -29.42 15.36 19.19
N GLU A 164 -28.88 14.30 18.58
CA GLU A 164 -29.66 13.10 18.24
C GLU A 164 -29.55 12.01 19.32
N MLY A 165 -30.66 11.28 19.54
CA MLY A 165 -30.75 10.30 20.63
CB MLY A 165 -32.20 10.16 21.11
CG MLY A 165 -32.85 11.50 21.46
CD MLY A 165 -32.69 11.83 22.94
CE MLY A 165 -32.53 13.35 23.12
NZ MLY A 165 -33.35 13.93 24.20
CH1 MLY A 165 -32.51 14.16 25.39
CH2 MLY A 165 -34.51 13.09 24.56
C MLY A 165 -30.20 8.93 20.33
O MLY A 165 -29.77 8.22 21.25
N ILE A 166 -30.23 8.53 19.06
CA ILE A 166 -29.79 7.19 18.66
C ILE A 166 -28.51 7.25 17.80
N ALA A 167 -27.41 6.80 18.40
CA ALA A 167 -26.10 6.76 17.73
C ALA A 167 -25.19 5.67 18.32
N HIS A 168 -24.03 5.45 17.73
CA HIS A 168 -23.14 4.35 18.14
C HIS A 168 -22.47 4.54 19.51
N GLY A 169 -22.60 5.74 20.07
CA GLY A 169 -22.08 6.04 21.41
C GLY A 169 -23.12 6.19 22.51
N THR A 170 -24.39 5.90 22.20
CA THR A 170 -25.49 6.05 23.17
C THR A 170 -26.19 4.71 23.52
N THR A 171 -25.76 3.63 22.87
CA THR A 171 -26.41 2.31 22.93
C THR A 171 -26.83 1.82 24.32
N PHE A 172 -25.89 1.81 25.27
CA PHE A 172 -26.14 1.21 26.59
C PHE A 172 -26.83 2.14 27.61
N ARG A 173 -26.89 3.43 27.30
CA ARG A 173 -27.70 4.38 28.06
C ARG A 173 -29.19 4.13 27.80
N ARG A 174 -29.53 3.88 26.53
CA ARG A 174 -30.92 3.61 26.12
C ARG A 174 -31.43 2.27 26.65
N ALA A 175 -30.56 1.26 26.67
CA ALA A 175 -30.90 -0.07 27.17
C ALA A 175 -31.31 -0.08 28.64
N VAL A 176 -30.66 0.77 29.44
CA VAL A 176 -30.99 0.92 30.86
C VAL A 176 -32.34 1.61 31.05
N GLU A 177 -32.58 2.67 30.28
CA GLU A 177 -33.84 3.44 30.33
C GLU A 177 -35.06 2.63 29.89
N GLU A 178 -34.85 1.67 28.99
CA GLU A 178 -35.94 0.85 28.43
C GLU A 178 -36.19 -0.45 29.20
N ASP A 179 -35.46 -0.64 30.31
CA ASP A 179 -35.63 -1.78 31.23
C ASP A 179 -35.36 -3.15 30.58
N LEU A 180 -34.23 -3.25 29.87
CA LEU A 180 -33.88 -4.46 29.12
C LEU A 180 -32.88 -5.38 29.86
N LEU A 181 -32.15 -4.82 30.82
CA LEU A 181 -31.08 -5.55 31.52
C LEU A 181 -31.31 -5.74 33.02
N ASP A 182 -30.68 -6.77 33.58
CA ASP A 182 -30.58 -6.95 35.03
C ASP A 182 -29.26 -6.31 35.49
N CYS A 183 -29.37 -5.11 36.06
CA CYS A 183 -28.22 -4.25 36.37
C CYS A 183 -27.19 -4.84 37.35
N ASP A 184 -27.62 -5.78 38.18
CA ASP A 184 -26.74 -6.42 39.16
C ASP A 184 -25.94 -7.61 38.60
N ARG A 185 -26.02 -7.83 37.28
CA ARG A 185 -25.27 -8.91 36.61
C ARG A 185 -24.53 -8.43 35.34
N VAL A 186 -23.78 -7.33 35.46
CA VAL A 186 -23.09 -6.70 34.31
C VAL A 186 -21.61 -6.36 34.61
N VAL A 187 -20.73 -6.62 33.65
CA VAL A 187 -19.29 -6.29 33.74
C VAL A 187 -18.76 -5.67 32.43
N GLN A 188 -18.02 -4.55 32.55
CA GLN A 188 -17.36 -3.89 31.41
C GLN A 188 -15.83 -3.95 31.54
N ILE A 189 -15.14 -4.43 30.50
CA ILE A 189 -13.68 -4.67 30.54
C ILE A 189 -12.86 -3.97 29.44
N GLY A 190 -11.91 -3.12 29.85
CA GLY A 190 -10.91 -2.57 28.93
C GLY A 190 -10.84 -1.05 28.72
N LEU A 191 -11.64 -0.30 29.47
CA LEU A 191 -11.77 1.16 29.25
C LEU A 191 -10.49 1.94 29.59
N ARG A 192 -10.20 2.97 28.78
CA ARG A 192 -8.96 3.77 28.91
C ARG A 192 -9.08 5.17 28.24
N ALA A 193 -7.94 5.85 28.09
CA ALA A 193 -7.79 7.14 27.37
C ALA A 193 -8.34 8.40 28.08
N GLN A 194 -8.82 9.38 27.30
CA GLN A 194 -9.23 10.70 27.83
C GLN A 194 -10.74 10.93 27.89
N GLY A 195 -11.16 11.95 28.65
CA GLY A 195 -12.58 12.32 28.80
C GLY A 195 -12.78 13.78 29.16
N TYR A 196 -13.82 14.07 29.94
CA TYR A 196 -14.15 15.44 30.38
C TYR A 196 -14.16 15.60 31.92
N THR A 197 -14.89 14.72 32.61
CA THR A 197 -14.91 14.69 34.08
C THR A 197 -14.77 13.26 34.60
N ALA A 198 -14.70 13.11 35.93
CA ALA A 198 -14.61 11.81 36.59
C ALA A 198 -15.89 10.99 36.50
N GLU A 199 -17.00 11.65 36.19
CA GLU A 199 -18.31 10.99 36.07
C GLU A 199 -18.47 10.16 34.79
N ASP A 200 -17.51 10.29 33.87
CA ASP A 200 -17.52 9.55 32.60
C ASP A 200 -17.39 8.03 32.80
N PHE A 201 -16.73 7.63 33.89
CA PHE A 201 -16.68 6.22 34.29
C PHE A 201 -17.53 5.94 35.53
N ASN A 202 -17.73 6.95 36.38
CA ASN A 202 -18.47 6.79 37.63
C ASN A 202 -20.00 6.63 37.49
N TRP A 203 -20.56 7.07 36.36
CA TRP A 203 -22.00 6.90 36.11
C TRP A 203 -22.42 5.43 36.07
N SER A 204 -21.58 4.60 35.43
CA SER A 204 -21.81 3.16 35.33
C SER A 204 -21.77 2.45 36.69
N ARG A 205 -20.81 2.83 37.52
CA ARG A 205 -20.65 2.26 38.87
C ARG A 205 -21.87 2.52 39.76
N MLY A 206 -22.47 3.70 39.60
CA MLY A 206 -23.67 4.08 40.36
CB MLY A 206 -23.94 5.58 40.15
CG MLY A 206 -23.12 6.44 41.09
CD MLY A 206 -22.90 7.85 40.52
CE MLY A 206 -22.99 8.90 41.61
NZ MLY A 206 -22.17 10.07 41.28
CH1 MLY A 206 -21.15 10.28 42.31
CH2 MLY A 206 -23.02 11.27 41.21
C MLY A 206 -24.90 3.29 39.99
O MLY A 206 -25.83 3.17 40.80
N GLN A 207 -24.91 2.72 38.78
CA GLN A 207 -26.03 1.89 38.32
C GLN A 207 -25.98 0.47 38.89
N GLY A 208 -24.77 0.00 39.21
CA GLY A 208 -24.58 -1.35 39.75
C GLY A 208 -23.53 -2.19 39.04
N PHE A 209 -23.01 -1.69 37.92
CA PHE A 209 -22.02 -2.41 37.11
C PHE A 209 -20.64 -2.48 37.80
N ARG A 210 -19.83 -3.46 37.41
CA ARG A 210 -18.40 -3.47 37.75
C ARG A 210 -17.58 -2.96 36.55
N VAL A 211 -16.63 -2.06 36.81
CA VAL A 211 -15.76 -1.51 35.78
C VAL A 211 -14.31 -1.95 35.98
N VAL A 212 -13.71 -2.54 34.94
CA VAL A 212 -12.32 -2.96 34.95
C VAL A 212 -11.49 -2.16 33.93
N GLN A 213 -10.71 -1.20 34.41
CA GLN A 213 -9.85 -0.38 33.55
C GLN A 213 -8.63 -1.17 33.04
N ALA A 214 -8.10 -0.76 31.88
CA ALA A 214 -6.97 -1.44 31.24
C ALA A 214 -5.72 -1.55 32.13
N GLU A 215 -5.50 -0.53 32.98
CA GLU A 215 -4.38 -0.51 33.92
C GLU A 215 -4.38 -1.69 34.90
N GLU A 216 -5.58 -2.19 35.22
CA GLU A 216 -5.74 -3.36 36.10
C GLU A 216 -5.38 -4.68 35.39
N CYS A 217 -5.26 -4.63 34.06
CA CYS A 217 -4.97 -5.80 33.24
C CYS A 217 -3.49 -5.93 32.83
N TRP A 218 -2.75 -4.83 32.87
CA TRP A 218 -1.34 -4.82 32.41
C TRP A 218 -0.43 -5.85 33.12
N HIS A 219 0.38 -6.54 32.31
CA HIS A 219 1.38 -7.55 32.75
C HIS A 219 0.83 -8.90 33.26
N MLY A 220 -0.49 -9.12 33.17
CA MLY A 220 -1.11 -10.27 33.86
CB MLY A 220 -2.06 -9.77 34.96
CG MLY A 220 -1.39 -8.99 36.09
CD MLY A 220 -2.43 -8.34 36.99
CE MLY A 220 -1.79 -7.45 38.04
NZ MLY A 220 -2.80 -6.59 38.73
C MLY A 220 -1.86 -11.28 32.98
O MLY A 220 -2.34 -10.94 31.88
N SER A 221 -1.98 -12.51 33.47
CA SER A 221 -2.88 -13.52 32.91
C SER A 221 -4.30 -13.27 33.42
N LEU A 222 -5.30 -13.53 32.57
CA LEU A 222 -6.69 -13.20 32.91
C LEU A 222 -7.55 -14.38 33.36
N GLU A 223 -6.93 -15.54 33.58
CA GLU A 223 -7.63 -16.72 34.10
C GLU A 223 -8.21 -16.56 35.53
N PRO A 224 -7.45 -15.93 36.46
CA PRO A 224 -8.02 -15.67 37.79
C PRO A 224 -9.19 -14.69 37.80
N LEU A 225 -9.15 -13.68 36.92
CA LEU A 225 -10.22 -12.69 36.80
C LEU A 225 -11.57 -13.30 36.37
N MET A 226 -11.51 -14.22 35.42
CA MET A 226 -12.73 -14.84 34.86
C MET A 226 -13.47 -15.75 35.85
N ALA A 227 -12.76 -16.19 36.90
CA ALA A 227 -13.38 -16.94 38.00
C ALA A 227 -14.29 -16.04 38.84
N GLU A 228 -13.86 -14.80 39.04
CA GLU A 228 -14.66 -13.78 39.74
C GLU A 228 -15.88 -13.35 38.90
N VAL A 229 -15.68 -13.24 37.59
CA VAL A 229 -16.74 -12.81 36.66
C VAL A 229 -17.91 -13.82 36.59
N ARG A 230 -17.59 -15.11 36.54
CA ARG A 230 -18.61 -16.16 36.44
C ARG A 230 -19.62 -16.18 37.59
N GLU A 231 -19.15 -15.89 38.81
CA GLU A 231 -20.01 -15.90 39.99
C GLU A 231 -20.93 -14.67 40.08
N MLY A 232 -20.47 -13.56 39.51
CA MLY A 232 -21.23 -12.32 39.50
CB MLY A 232 -20.31 -11.14 39.18
CG MLY A 232 -20.99 -9.81 38.80
CD MLY A 232 -21.61 -9.10 39.99
CE MLY A 232 -20.60 -8.19 40.68
NZ MLY A 232 -21.25 -7.33 41.72
C MLY A 232 -22.43 -12.34 38.53
O MLY A 232 -23.53 -11.89 38.87
N VAL A 233 -22.22 -12.90 37.33
CA VAL A 233 -23.22 -12.84 36.26
C VAL A 233 -24.08 -14.12 36.10
N GLY A 234 -23.68 -15.20 36.77
CA GLY A 234 -24.38 -16.49 36.67
C GLY A 234 -25.74 -16.52 37.34
N GLY A 235 -26.51 -17.58 37.06
CA GLY A 235 -27.83 -17.77 37.65
C GLY A 235 -29.00 -17.54 36.70
N GLY A 236 -28.72 -17.05 35.50
CA GLY A 236 -29.73 -16.79 34.47
C GLY A 236 -29.10 -16.66 33.08
N PRO A 237 -29.90 -16.20 32.09
CA PRO A 237 -29.42 -16.01 30.71
C PRO A 237 -28.47 -14.80 30.55
N VAL A 238 -27.58 -14.87 29.56
CA VAL A 238 -26.53 -13.86 29.35
C VAL A 238 -26.18 -13.62 27.86
N TYR A 239 -25.80 -12.39 27.52
CA TYR A 239 -25.41 -12.00 26.15
C TYR A 239 -23.94 -11.52 26.12
N LEU A 240 -23.22 -11.80 25.03
CA LEU A 240 -21.82 -11.41 24.86
C LEU A 240 -21.60 -10.46 23.66
N SER A 241 -21.01 -9.29 23.92
CA SER A 241 -20.78 -8.26 22.88
C SER A 241 -19.32 -7.77 22.84
N PHE A 242 -18.68 -7.89 21.68
CA PHE A 242 -17.23 -7.64 21.52
C PHE A 242 -16.91 -6.55 20.47
N ASP A 243 -16.47 -5.38 20.94
CA ASP A 243 -15.95 -4.30 20.08
C ASP A 243 -14.46 -4.52 19.84
N ILE A 244 -14.05 -4.51 18.57
CA ILE A 244 -12.67 -4.84 18.18
C ILE A 244 -11.62 -3.82 18.63
N ASP A 245 -12.03 -2.58 18.92
CA ASP A 245 -11.08 -1.54 19.38
C ASP A 245 -10.63 -1.72 20.84
N GLY A 246 -11.14 -2.76 21.50
CA GLY A 246 -10.62 -3.19 22.81
C GLY A 246 -9.20 -3.71 22.74
N ILE A 247 -8.83 -4.30 21.61
CA ILE A 247 -7.48 -4.83 21.37
C ILE A 247 -6.53 -3.75 20.82
N ASP A 248 -5.27 -3.80 21.28
CA ASP A 248 -4.20 -2.87 20.88
C ASP A 248 -4.02 -2.76 19.35
N PRO A 249 -3.87 -1.52 18.83
CA PRO A 249 -3.73 -1.24 17.38
C PRO A 249 -2.56 -1.92 16.66
N ALA A 250 -1.60 -2.50 17.39
CA ALA A 250 -0.51 -3.25 16.79
C ALA A 250 -1.02 -4.55 16.13
N TRP A 251 -2.11 -5.09 16.69
CA TRP A 251 -2.75 -6.30 16.17
C TRP A 251 -4.00 -6.01 15.31
N ALA A 252 -4.69 -4.89 15.59
CA ALA A 252 -5.92 -4.54 14.87
C ALA A 252 -6.03 -3.05 14.44
N PRO A 253 -5.29 -2.64 13.39
CA PRO A 253 -5.31 -1.24 12.94
C PRO A 253 -6.56 -0.82 12.15
N GLY A 254 -7.28 -1.78 11.57
CA GLY A 254 -8.45 -1.48 10.72
C GLY A 254 -9.74 -1.26 11.48
N THR A 255 -9.87 -0.09 12.11
CA THR A 255 -11.07 0.26 12.89
C THR A 255 -11.34 1.78 12.90
N GLY A 256 -12.54 2.16 13.35
CA GLY A 256 -13.00 3.56 13.29
C GLY A 256 -12.39 4.53 14.29
N THR A 257 -12.32 4.14 15.56
CA THR A 257 -11.79 4.99 16.63
C THR A 257 -10.76 4.26 17.52
N PRO A 258 -9.48 4.23 17.11
CA PRO A 258 -8.43 3.51 17.86
C PRO A 258 -7.83 4.27 19.05
N GLU A 259 -7.37 3.53 20.07
CA GLU A 259 -6.73 4.08 21.27
C GLU A 259 -5.50 3.26 21.68
N ILE A 260 -4.43 3.94 22.12
CA ILE A 260 -3.14 3.27 22.43
C ILE A 260 -3.09 2.48 23.75
N GLY A 261 -2.22 1.48 23.80
CA GLY A 261 -1.95 0.69 25.01
C GLY A 261 -3.09 -0.17 25.55
N GLY A 262 -3.54 -1.14 24.76
CA GLY A 262 -4.66 -1.99 25.12
C GLY A 262 -4.34 -3.45 25.41
N LEU A 263 -5.32 -4.32 25.18
CA LEU A 263 -5.20 -5.77 25.45
C LEU A 263 -4.48 -6.53 24.33
N THR A 264 -3.92 -7.69 24.65
CA THR A 264 -3.23 -8.55 23.66
C THR A 264 -4.18 -9.64 23.12
N THR A 265 -3.75 -10.34 22.07
CA THR A 265 -4.57 -11.43 21.49
C THR A 265 -4.60 -12.70 22.37
N ILE A 266 -3.54 -12.90 23.16
CA ILE A 266 -3.49 -13.97 24.17
C ILE A 266 -4.52 -13.71 25.28
N GLN A 267 -4.63 -12.45 25.72
CA GLN A 267 -5.59 -12.05 26.73
C GLN A 267 -7.04 -12.18 26.23
N ALA A 268 -7.26 -11.87 24.96
CA ALA A 268 -8.58 -12.00 24.32
C ALA A 268 -9.06 -13.45 24.26
N MET A 269 -8.12 -14.36 24.01
CA MET A 269 -8.41 -15.80 23.97
C MET A 269 -8.76 -16.35 25.36
N GLU A 270 -8.13 -15.81 26.38
CA GLU A 270 -8.38 -16.20 27.78
C GLU A 270 -9.77 -15.78 28.28
N ILE A 271 -10.30 -14.68 27.73
CA ILE A 271 -11.64 -14.18 28.07
C ILE A 271 -12.76 -15.08 27.50
N ILE A 272 -12.67 -15.42 26.22
CA ILE A 272 -13.69 -16.22 25.53
C ILE A 272 -13.76 -17.67 26.03
N ARG A 273 -12.59 -18.28 26.24
CA ARG A 273 -12.51 -19.66 26.76
C ARG A 273 -12.99 -19.76 28.22
N GLY A 274 -12.93 -18.63 28.93
CA GLY A 274 -13.39 -18.56 30.33
C GLY A 274 -14.88 -18.35 30.53
N CYS A 275 -15.62 -18.30 29.43
CA CYS A 275 -17.08 -18.19 29.47
C CYS A 275 -17.79 -19.56 29.53
N GLN A 276 -17.01 -20.64 29.45
CA GLN A 276 -17.54 -22.01 29.50
C GLN A 276 -18.25 -22.29 30.83
N GLY A 277 -19.54 -22.63 30.73
CA GLY A 277 -20.37 -22.89 31.91
C GLY A 277 -21.61 -22.02 32.02
N LEU A 278 -21.65 -20.93 31.26
CA LEU A 278 -22.75 -19.96 31.31
C LEU A 278 -23.86 -20.29 30.30
N ASP A 279 -25.08 -19.84 30.62
CA ASP A 279 -26.25 -20.02 29.75
C ASP A 279 -26.34 -18.91 28.69
N LEU A 280 -25.49 -19.03 27.65
CA LEU A 280 -25.41 -18.04 26.58
C LEU A 280 -26.57 -18.13 25.58
N ILE A 281 -27.17 -16.99 25.24
CA ILE A 281 -28.29 -16.93 24.30
C ILE A 281 -28.02 -16.13 23.00
N GLY A 282 -26.80 -15.61 22.85
CA GLY A 282 -26.41 -14.83 21.65
C GLY A 282 -25.06 -14.13 21.77
N CYS A 283 -24.41 -13.86 20.63
CA CYS A 283 -23.08 -13.22 20.57
C CYS A 283 -22.91 -12.28 19.35
N ASP A 284 -22.05 -11.26 19.46
CA ASP A 284 -21.68 -10.40 18.29
C ASP A 284 -20.24 -9.86 18.27
N LEU A 285 -19.75 -9.51 17.07
CA LEU A 285 -18.38 -9.00 16.85
C LEU A 285 -18.41 -7.81 15.87
N VAL A 286 -18.15 -6.60 16.38
CA VAL A 286 -18.43 -5.35 15.65
C VAL A 286 -17.21 -4.41 15.37
N GLU A 287 -17.41 -3.50 14.41
CA GLU A 287 -16.52 -2.35 14.10
C GLU A 287 -15.24 -2.61 13.26
N VAL A 288 -15.22 -3.70 12.49
CA VAL A 288 -14.10 -3.98 11.57
C VAL A 288 -14.23 -3.16 10.28
N SER A 289 -13.18 -2.39 9.95
CA SER A 289 -13.19 -1.49 8.80
C SER A 289 -12.07 -1.78 7.76
N PRO A 290 -12.41 -2.50 6.68
CA PRO A 290 -11.47 -2.96 5.63
C PRO A 290 -10.58 -1.92 4.90
N PRO A 291 -11.11 -0.71 4.57
CA PRO A 291 -10.24 0.22 3.83
C PRO A 291 -9.08 0.83 4.63
N TYR A 292 -9.01 0.58 5.93
CA TYR A 292 -7.93 1.11 6.77
C TYR A 292 -6.89 0.06 7.22
N ASP A 293 -6.98 -1.13 6.65
CA ASP A 293 -5.94 -2.17 6.80
C ASP A 293 -5.74 -2.89 5.47
N THR A 294 -4.52 -2.79 4.93
CA THR A 294 -4.21 -3.25 3.58
C THR A 294 -3.77 -4.72 3.47
N THR A 295 -3.48 -5.36 4.60
CA THR A 295 -2.96 -6.73 4.62
C THR A 295 -4.04 -7.80 4.74
N GLY A 296 -5.20 -7.42 5.28
CA GLY A 296 -6.28 -8.38 5.55
C GLY A 296 -6.20 -9.04 6.91
N ASN A 297 -5.20 -8.65 7.72
CA ASN A 297 -4.95 -9.26 9.03
C ASN A 297 -6.02 -8.98 10.10
N THR A 298 -6.66 -7.81 10.03
CA THR A 298 -7.73 -7.46 10.98
C THR A 298 -8.99 -8.34 10.78
N SER A 299 -9.33 -8.61 9.51
CA SER A 299 -10.44 -9.50 9.17
C SER A 299 -10.14 -10.97 9.51
N LEU A 300 -8.87 -11.37 9.39
CA LEU A 300 -8.43 -12.72 9.75
C LEU A 300 -8.55 -13.00 11.25
N LEU A 301 -8.26 -11.99 12.07
CA LEU A 301 -8.39 -12.10 13.52
C LEU A 301 -9.86 -12.25 13.93
N GLY A 302 -10.74 -11.52 13.24
CA GLY A 302 -12.18 -11.56 13.52
C GLY A 302 -12.82 -12.93 13.31
N ALA A 303 -12.46 -13.58 12.22
CA ALA A 303 -12.98 -14.92 11.89
C ALA A 303 -12.57 -15.99 12.91
N ASN A 304 -11.31 -15.94 13.34
CA ASN A 304 -10.77 -16.89 14.33
C ASN A 304 -11.41 -16.77 15.71
N LEU A 305 -11.80 -15.55 16.09
CA LEU A 305 -12.46 -15.31 17.38
C LEU A 305 -13.91 -15.81 17.40
N LEU A 306 -14.58 -15.70 16.26
CA LEU A 306 -15.95 -16.22 16.10
C LEU A 306 -16.02 -17.76 16.17
N TYR A 307 -14.96 -18.44 15.77
CA TYR A 307 -14.86 -19.90 15.91
C TYR A 307 -14.76 -20.34 17.38
N GLU A 308 -14.03 -19.57 18.20
CA GLU A 308 -13.90 -19.85 19.64
C GLU A 308 -15.23 -19.59 20.37
N MET A 309 -16.03 -18.64 19.88
CA MET A 309 -17.38 -18.38 20.38
C MET A 309 -18.33 -19.57 20.17
N LEU A 310 -18.26 -20.20 19.01
CA LEU A 310 -19.07 -21.38 18.69
C LEU A 310 -18.75 -22.60 19.59
N CYS A 311 -17.47 -22.75 19.95
CA CYS A 311 -17.00 -23.90 20.73
C CYS A 311 -17.55 -23.98 22.17
N VAL A 312 -17.91 -22.84 22.75
CA VAL A 312 -18.38 -22.80 24.15
C VAL A 312 -19.91 -22.72 24.37
N LEU A 313 -20.68 -22.92 23.30
CA LEU A 313 -22.15 -22.92 23.40
C LEU A 313 -22.66 -24.18 24.12
N PRO A 314 -23.79 -24.05 24.86
CA PRO A 314 -24.38 -25.23 25.52
C PRO A 314 -24.80 -26.31 24.52
N GLY A 315 -24.33 -27.54 24.76
CA GLY A 315 -24.67 -28.69 23.89
C GLY A 315 -23.53 -29.28 23.05
N VAL A 316 -22.33 -28.74 23.22
CA VAL A 316 -21.15 -29.21 22.45
C VAL A 316 -20.45 -30.37 23.18
N VAL A 317 -20.04 -31.39 22.41
CA VAL A 317 -19.37 -32.58 22.96
C VAL A 317 -17.83 -32.45 22.99
N ARG A 318 -17.19 -33.17 23.92
CA ARG A 318 -15.73 -33.12 24.09
C ARG A 318 -15.03 -34.43 23.70
N ARG A 319 -14.07 -34.32 22.77
CA ARG A 319 -13.27 -35.45 22.28
C ARG A 319 -11.97 -34.95 21.66
N ASN B 4 44.71 -13.39 6.50
CA ASN B 4 43.83 -12.26 6.06
C ASN B 4 42.42 -12.74 5.74
N LEU B 5 41.50 -12.54 6.69
CA LEU B 5 40.13 -13.01 6.58
C LEU B 5 39.18 -11.96 5.99
N HIS B 6 38.11 -12.40 5.36
CA HIS B 6 37.11 -11.52 4.74
C HIS B 6 36.35 -10.67 5.77
N GLN B 7 36.05 -9.43 5.38
CA GLN B 7 35.29 -8.49 6.24
C GLN B 7 34.17 -7.80 5.43
N PRO B 8 33.06 -7.42 6.09
CA PRO B 8 32.00 -6.65 5.42
C PRO B 8 32.41 -5.20 5.17
N LEU B 9 31.82 -4.58 4.13
CA LEU B 9 32.14 -3.20 3.76
C LEU B 9 31.63 -2.18 4.79
N GLY B 10 32.49 -1.25 5.17
CA GLY B 10 32.18 -0.25 6.18
C GLY B 10 31.55 1.02 5.64
N GLY B 11 30.87 1.76 6.53
CA GLY B 11 30.16 2.98 6.16
C GLY B 11 31.05 4.16 5.78
N ASN B 12 32.31 4.11 6.21
CA ASN B 12 33.28 5.17 5.89
C ASN B 12 33.98 4.94 4.55
N GLU B 13 33.80 3.75 3.98
CA GLU B 13 34.28 3.42 2.64
C GLU B 13 33.21 3.78 1.58
N MET B 14 31.97 3.40 1.87
CA MET B 14 30.82 3.64 0.99
C MET B 14 29.54 3.66 1.83
N PRO B 15 28.73 4.73 1.71
CA PRO B 15 27.45 4.84 2.44
C PRO B 15 26.52 3.66 2.17
N ARG B 16 25.81 3.22 3.21
CA ARG B 16 25.10 1.93 3.21
C ARG B 16 23.93 1.78 2.22
N PHE B 17 23.42 2.91 1.72
CA PHE B 17 22.38 2.88 0.67
C PHE B 17 22.95 2.66 -0.74
N GLY B 18 24.28 2.55 -0.84
CA GLY B 18 24.96 2.28 -2.12
C GLY B 18 25.79 1.00 -2.12
N GLY B 19 26.28 0.63 -3.30
CA GLY B 19 27.06 -0.62 -3.48
C GLY B 19 26.22 -1.79 -3.95
N ILE B 20 26.87 -2.79 -4.55
CA ILE B 20 26.20 -4.01 -5.02
C ILE B 20 25.71 -4.86 -3.84
N ALA B 21 24.49 -5.38 -3.93
CA ALA B 21 23.81 -6.01 -2.79
C ALA B 21 23.98 -7.53 -2.64
N THR B 22 25.17 -7.93 -2.18
CA THR B 22 25.41 -9.29 -1.70
C THR B 22 25.05 -9.35 -0.20
N MET B 23 25.00 -10.55 0.37
CA MET B 23 24.67 -10.72 1.80
C MET B 23 25.75 -10.09 2.70
N MET B 24 25.32 -9.14 3.54
CA MET B 24 26.19 -8.35 4.41
C MET B 24 27.33 -7.61 3.65
N ARG B 25 27.09 -7.36 2.36
CA ARG B 25 28.08 -6.77 1.43
C ARG B 25 29.46 -7.47 1.45
N LEU B 26 29.43 -8.80 1.38
CA LEU B 26 30.63 -9.65 1.37
C LEU B 26 31.07 -10.01 -0.06
N PRO B 27 32.30 -10.54 -0.23
CA PRO B 27 32.78 -10.99 -1.54
C PRO B 27 31.96 -12.13 -2.16
N HIS B 28 31.94 -12.19 -3.49
CA HIS B 28 31.22 -13.23 -4.25
C HIS B 28 32.22 -14.25 -4.83
N VAL B 29 32.27 -15.43 -4.21
CA VAL B 29 33.29 -16.46 -4.50
C VAL B 29 32.79 -17.51 -5.50
N GLN B 30 33.60 -17.79 -6.52
CA GLN B 30 33.20 -18.71 -7.61
C GLN B 30 34.25 -19.74 -8.06
N SER B 31 35.54 -19.47 -7.83
CA SER B 31 36.61 -20.37 -8.30
C SER B 31 36.85 -21.56 -7.37
N PRO B 32 37.27 -22.72 -7.93
CA PRO B 32 37.53 -23.94 -7.15
C PRO B 32 38.59 -23.78 -6.06
N ALA B 33 39.62 -22.97 -6.34
CA ALA B 33 40.69 -22.71 -5.38
C ALA B 33 40.24 -21.84 -4.20
N GLU B 34 39.38 -20.86 -4.47
CA GLU B 34 38.85 -19.98 -3.42
C GLU B 34 37.79 -20.67 -2.55
N LEU B 35 37.08 -21.65 -3.12
CA LEU B 35 36.09 -22.44 -2.38
C LEU B 35 36.70 -23.40 -1.35
N ASP B 36 37.92 -23.86 -1.62
CA ASP B 36 38.66 -24.75 -0.72
C ASP B 36 39.10 -24.06 0.58
N ALA B 37 39.17 -22.73 0.55
CA ALA B 37 39.70 -21.95 1.66
C ALA B 37 38.65 -21.41 2.65
N LEU B 38 37.37 -21.71 2.40
CA LEU B 38 36.28 -21.21 3.25
C LEU B 38 35.88 -22.18 4.36
N ASP B 39 35.55 -21.65 5.53
CA ASP B 39 35.05 -22.43 6.65
C ASP B 39 33.50 -22.56 6.63
N ALA B 40 32.82 -21.47 6.27
CA ALA B 40 31.35 -21.42 6.18
C ALA B 40 30.87 -20.42 5.12
N ALA B 41 29.60 -20.54 4.69
CA ALA B 41 29.05 -19.69 3.61
C ALA B 41 27.51 -19.58 3.60
N PHE B 42 27.01 -18.45 3.07
CA PHE B 42 25.57 -18.23 2.83
C PHE B 42 25.18 -18.67 1.40
N VAL B 43 24.01 -19.31 1.26
CA VAL B 43 23.55 -19.87 -0.03
C VAL B 43 22.00 -19.96 -0.11
N GLY B 44 21.44 -19.75 -1.30
CA GLY B 44 19.97 -19.69 -1.48
C GLY B 44 19.33 -20.69 -2.45
N VAL B 45 18.06 -21.03 -2.18
CA VAL B 45 17.28 -21.97 -2.99
C VAL B 45 15.83 -21.45 -3.21
N PRO B 46 15.55 -20.85 -4.40
CA PRO B 46 14.28 -20.16 -4.64
C PRO B 46 13.13 -21.01 -5.21
N LEU B 47 12.47 -21.81 -4.36
CA LEU B 47 11.39 -22.72 -4.78
C LEU B 47 10.07 -22.41 -4.07
N ASP B 48 8.96 -22.43 -4.82
CA ASP B 48 7.61 -22.26 -4.22
C ASP B 48 6.48 -23.14 -4.80
N ILE B 49 6.83 -24.15 -5.60
CA ILE B 49 5.83 -25.03 -6.23
C ILE B 49 5.37 -26.20 -5.35
N GLY B 50 5.80 -26.18 -4.08
CA GLY B 50 5.28 -27.21 -3.06
C GLY B 50 4.21 -26.66 -2.09
N THR B 51 3.80 -25.39 -2.27
CA THR B 51 2.89 -24.71 -1.32
C THR B 51 1.41 -25.12 -1.42
N SER B 52 0.70 -25.09 -0.25
CA SER B 52 -0.76 -25.47 -0.25
C SER B 52 -1.77 -24.30 -0.24
N LEU B 53 -1.34 -23.10 0.20
CA LEU B 53 -2.20 -21.91 0.17
C LEU B 53 -1.61 -20.77 -0.70
N ARG B 54 -1.01 -19.75 -0.07
CA ARG B 54 -0.42 -18.62 -0.81
C ARG B 54 0.96 -18.98 -1.37
N SER B 55 1.23 -18.56 -2.62
CA SER B 55 2.59 -18.66 -3.20
C SER B 55 3.36 -17.33 -3.05
N GLY B 56 4.61 -17.30 -3.50
CA GLY B 56 5.42 -16.07 -3.48
C GLY B 56 6.81 -16.16 -2.85
N THR B 57 7.11 -17.26 -2.17
CA THR B 57 8.40 -17.42 -1.49
C THR B 57 9.61 -17.67 -2.42
N ARG B 58 9.38 -17.64 -3.74
CA ARG B 58 10.47 -17.69 -4.72
C ARG B 58 11.36 -16.44 -4.70
N PHE B 59 10.80 -15.32 -4.23
CA PHE B 59 11.53 -14.05 -4.11
C PHE B 59 12.17 -13.84 -2.72
N GLY B 60 12.09 -14.86 -1.87
CA GLY B 60 12.65 -14.84 -0.51
C GLY B 60 14.12 -14.43 -0.40
N PRO B 61 15.03 -15.16 -1.06
CA PRO B 61 16.48 -14.87 -1.01
C PRO B 61 16.90 -13.47 -1.50
N ARG B 62 16.18 -12.91 -2.46
CA ARG B 62 16.51 -11.59 -3.02
C ARG B 62 16.27 -10.43 -2.04
N GLU B 63 15.12 -10.44 -1.34
CA GLU B 63 14.78 -9.37 -0.39
C GLU B 63 15.57 -9.43 0.93
N ILE B 64 15.91 -10.65 1.37
CA ILE B 64 16.72 -10.82 2.59
C ILE B 64 18.12 -10.19 2.40
N ARG B 65 18.71 -10.39 1.22
CA ARG B 65 20.00 -9.77 0.88
C ARG B 65 19.93 -8.23 0.88
N ALA B 66 18.82 -7.69 0.36
CA ALA B 66 18.64 -6.25 0.21
C ALA B 66 18.52 -5.48 1.55
N GLU B 67 17.87 -6.08 2.53
CA GLU B 67 17.68 -5.45 3.84
C GLU B 67 18.86 -5.65 4.80
N SER B 68 19.77 -6.58 4.46
CA SER B 68 20.90 -6.93 5.33
C SER B 68 22.02 -5.88 5.41
N VAL B 69 21.85 -4.75 4.71
CA VAL B 69 22.91 -3.74 4.60
C VAL B 69 23.25 -2.97 5.89
N MET B 70 22.45 -3.17 6.95
CA MET B 70 22.64 -2.43 8.21
C MET B 70 23.29 -3.22 9.37
N ILE B 71 23.73 -4.45 9.10
CA ILE B 71 24.33 -5.29 10.15
C ILE B 71 25.82 -4.98 10.40
N ARG B 72 26.18 -4.87 11.68
CA ARG B 72 27.58 -4.66 12.10
C ARG B 72 28.19 -5.96 12.70
N PRO B 73 29.53 -6.03 12.83
CA PRO B 73 30.17 -7.33 13.09
C PRO B 73 30.33 -7.80 14.55
N TYR B 74 30.24 -6.90 15.53
CA TYR B 74 30.48 -7.26 16.94
C TYR B 74 29.19 -7.25 17.80
N ASN B 75 29.00 -8.33 18.56
CA ASN B 75 27.80 -8.52 19.40
C ASN B 75 27.95 -7.88 20.78
N MET B 76 27.21 -6.80 21.02
CA MET B 76 27.33 -6.02 22.27
C MET B 76 26.87 -6.78 23.53
N ALA B 77 25.90 -7.67 23.37
CA ALA B 77 25.33 -8.40 24.51
C ALA B 77 26.13 -9.65 24.93
N THR B 78 26.55 -10.46 23.97
CA THR B 78 27.25 -11.72 24.25
C THR B 78 28.79 -11.62 24.15
N GLY B 79 29.27 -10.76 23.26
CA GLY B 79 30.72 -10.56 23.08
C GLY B 79 31.35 -11.39 21.97
N ALA B 80 30.51 -12.11 21.22
CA ALA B 80 30.99 -12.96 20.12
C ALA B 80 31.53 -12.14 18.94
N ALA B 81 32.58 -12.64 18.31
CA ALA B 81 33.20 -11.99 17.15
C ALA B 81 33.60 -13.02 16.08
N PRO B 82 32.63 -13.45 15.25
CA PRO B 82 32.85 -14.53 14.27
C PRO B 82 33.84 -14.22 13.14
N PHE B 83 33.90 -12.97 12.69
CA PHE B 83 34.75 -12.59 11.55
C PHE B 83 36.24 -12.48 11.88
N ASP B 84 36.58 -12.57 13.17
CA ASP B 84 37.97 -12.61 13.61
C ASP B 84 38.43 -14.05 13.83
N SER B 85 37.56 -15.00 13.53
CA SER B 85 37.78 -16.42 13.85
C SER B 85 37.67 -17.35 12.63
N LEU B 86 36.66 -17.13 11.80
CA LEU B 86 36.40 -17.98 10.62
C LEU B 86 36.44 -17.19 9.31
N ASN B 87 36.63 -17.90 8.19
CA ASN B 87 36.66 -17.31 6.83
C ASN B 87 35.32 -17.53 6.11
N VAL B 88 34.59 -16.45 5.85
CA VAL B 88 33.17 -16.51 5.38
C VAL B 88 32.88 -15.62 4.14
N ALA B 89 32.00 -16.09 3.25
CA ALA B 89 31.58 -15.36 2.04
C ALA B 89 30.19 -15.76 1.48
N ASP B 90 29.77 -15.12 0.38
CA ASP B 90 28.50 -15.41 -0.33
C ASP B 90 28.77 -16.19 -1.61
N ILE B 91 28.10 -17.34 -1.77
CA ILE B 91 28.35 -18.24 -2.92
C ILE B 91 27.22 -18.37 -3.98
N GLY B 92 26.20 -17.52 -3.89
CA GLY B 92 25.13 -17.47 -4.92
C GLY B 92 23.94 -18.38 -4.71
N ASP B 93 23.26 -18.73 -5.80
CA ASP B 93 22.02 -19.52 -5.78
C ASP B 93 22.13 -20.89 -6.48
N VAL B 94 21.19 -21.79 -6.17
CA VAL B 94 21.06 -23.08 -6.86
C VAL B 94 20.02 -22.98 -8.00
N ALA B 95 20.37 -23.48 -9.17
CA ALA B 95 19.50 -23.40 -10.36
C ALA B 95 18.48 -24.56 -10.46
N ILE B 96 17.29 -24.34 -9.90
CA ILE B 96 16.22 -25.34 -9.88
C ILE B 96 15.33 -25.34 -11.15
N ASN B 97 14.54 -26.40 -11.32
CA ASN B 97 13.57 -26.54 -12.41
C ASN B 97 12.15 -26.20 -11.90
N THR B 98 11.61 -25.07 -12.33
CA THR B 98 10.34 -24.54 -11.80
C THR B 98 9.08 -25.17 -12.44
N PHE B 99 9.29 -26.11 -13.37
CA PHE B 99 8.18 -26.75 -14.09
C PHE B 99 7.97 -28.24 -13.72
N ASN B 100 8.84 -28.79 -12.88
CA ASN B 100 8.79 -30.21 -12.48
C ASN B 100 9.34 -30.43 -11.05
N LEU B 101 8.44 -30.76 -10.11
CA LEU B 101 8.79 -30.83 -8.68
C LEU B 101 9.77 -31.96 -8.30
N LEU B 102 9.59 -33.15 -8.87
CA LEU B 102 10.49 -34.28 -8.56
C LEU B 102 11.90 -34.11 -9.12
N GLU B 103 12.02 -33.44 -10.27
CA GLU B 103 13.33 -33.14 -10.87
C GLU B 103 14.12 -32.10 -10.04
N ALA B 104 13.40 -31.12 -9.48
CA ALA B 104 14.01 -30.11 -8.61
C ALA B 104 14.66 -30.74 -7.37
N VAL B 105 13.98 -31.73 -6.79
CA VAL B 105 14.46 -32.45 -5.60
C VAL B 105 15.75 -33.24 -5.89
N ARG B 106 15.86 -33.77 -7.11
CA ARG B 106 17.08 -34.46 -7.56
C ARG B 106 18.27 -33.48 -7.65
N ILE B 107 18.02 -32.29 -8.20
CA ILE B 107 19.05 -31.26 -8.39
C ILE B 107 19.63 -30.75 -7.06
N ILE B 108 18.79 -30.64 -6.04
CA ILE B 108 19.19 -30.16 -4.71
C ILE B 108 20.20 -31.09 -4.01
N GLU B 109 19.92 -32.40 -4.04
CA GLU B 109 20.80 -33.40 -3.41
C GLU B 109 22.18 -33.46 -4.10
N GLN B 110 22.18 -33.34 -5.43
CA GLN B 110 23.40 -33.38 -6.23
C GLN B 110 24.36 -32.21 -5.92
N GLU B 111 23.82 -31.01 -5.77
CA GLU B 111 24.64 -29.82 -5.52
C GLU B 111 25.16 -29.70 -4.08
N TYR B 112 24.39 -30.19 -3.11
CA TYR B 112 24.85 -30.20 -1.71
C TYR B 112 25.90 -31.29 -1.42
N ASP B 113 25.95 -32.31 -2.27
CA ASP B 113 27.03 -33.31 -2.24
C ASP B 113 28.38 -32.66 -2.57
N ARG B 114 28.38 -31.70 -3.50
CA ARG B 114 29.59 -30.99 -3.92
C ARG B 114 30.08 -29.95 -2.91
N ILE B 115 29.13 -29.27 -2.24
CA ILE B 115 29.45 -28.25 -1.23
C ILE B 115 30.19 -28.84 -0.03
N LEU B 116 29.70 -29.98 0.46
CA LEU B 116 30.35 -30.68 1.58
C LEU B 116 31.69 -31.30 1.19
N GLY B 117 31.88 -31.52 -0.10
CA GLY B 117 33.15 -32.02 -0.65
C GLY B 117 34.29 -31.01 -0.53
N HIS B 118 33.95 -29.72 -0.53
CA HIS B 118 34.93 -28.65 -0.33
C HIS B 118 35.21 -28.38 1.16
N GLY B 119 34.39 -28.96 2.03
CA GLY B 119 34.55 -28.80 3.48
C GLY B 119 33.90 -27.56 4.06
N ILE B 120 32.73 -27.20 3.53
CA ILE B 120 32.00 -26.00 3.91
C ILE B 120 30.72 -26.31 4.69
N LEU B 121 30.50 -25.60 5.79
CA LEU B 121 29.26 -25.69 6.58
C LEU B 121 28.24 -24.64 6.06
N PRO B 122 27.04 -25.10 5.64
CA PRO B 122 26.06 -24.23 4.97
C PRO B 122 25.02 -23.55 5.89
N LEU B 123 24.72 -22.29 5.58
CA LEU B 123 23.63 -21.53 6.21
C LEU B 123 22.65 -21.07 5.11
N THR B 124 21.47 -21.68 5.07
CA THR B 124 20.58 -21.65 3.90
C THR B 124 19.40 -20.66 3.96
N LEU B 125 19.16 -19.98 2.84
CA LEU B 125 18.03 -19.03 2.67
C LEU B 125 16.97 -19.61 1.72
N GLY B 126 15.75 -19.81 2.21
CA GLY B 126 14.64 -20.38 1.41
C GLY B 126 13.60 -19.37 0.93
N GLY B 127 12.54 -19.83 0.26
CA GLY B 127 12.29 -21.25 -0.06
C GLY B 127 11.29 -21.92 0.85
N ASP B 128 10.41 -22.77 0.29
CA ASP B 128 9.42 -23.51 1.09
C ASP B 128 9.99 -24.76 1.78
N HIS B 129 9.22 -25.34 2.71
CA HIS B 129 9.75 -26.38 3.62
C HIS B 129 10.07 -27.75 2.99
N THR B 130 9.79 -27.91 1.69
CA THR B 130 10.13 -29.14 0.96
C THR B 130 11.65 -29.31 0.78
N ILE B 131 12.39 -28.20 0.84
CA ILE B 131 13.85 -28.21 0.60
C ILE B 131 14.67 -28.96 1.65
N THR B 132 14.16 -29.06 2.88
CA THR B 132 14.89 -29.67 4.00
C THR B 132 15.11 -31.18 3.86
N LEU B 133 14.25 -31.86 3.09
CA LEU B 133 14.36 -33.31 2.89
C LEU B 133 15.63 -33.74 2.12
N PRO B 134 15.82 -33.23 0.88
CA PRO B 134 17.04 -33.59 0.13
C PRO B 134 18.35 -33.07 0.73
N ILE B 135 18.27 -32.01 1.55
CA ILE B 135 19.43 -31.52 2.29
C ILE B 135 19.90 -32.52 3.36
N LEU B 136 18.95 -33.10 4.09
CA LEU B 136 19.25 -34.09 5.13
C LEU B 136 19.81 -35.41 4.58
N ARG B 137 19.49 -35.72 3.32
CA ARG B 137 20.03 -36.89 2.63
C ARG B 137 21.54 -36.79 2.44
N ALA B 138 22.01 -35.59 2.10
CA ALA B 138 23.45 -35.32 1.92
C ALA B 138 24.23 -35.24 3.24
N ILE B 139 23.57 -34.72 4.29
CA ILE B 139 24.15 -34.63 5.63
C ILE B 139 24.43 -36.02 6.24
N MLY B 140 23.45 -36.92 6.09
CA MLY B 140 23.54 -38.28 6.64
CB MLY B 140 22.17 -38.95 6.53
CG MLY B 140 22.20 -40.46 6.29
CD MLY B 140 22.01 -41.23 7.59
CE MLY B 140 21.31 -42.54 7.31
NZ MLY B 140 22.19 -43.69 7.58
CH1 MLY B 140 22.45 -44.43 6.33
CH2 MLY B 140 21.54 -44.60 8.54
C MLY B 140 24.66 -39.09 6.05
O MLY B 140 25.30 -39.89 6.75
N LYS B 141 24.92 -38.90 4.75
CA LYS B 141 26.04 -39.56 4.07
C LYS B 141 27.42 -39.14 4.59
N MLY B 142 27.52 -37.91 5.08
CA MLY B 142 28.79 -37.38 5.59
CB MLY B 142 28.90 -35.87 5.29
CG MLY B 142 30.25 -35.23 5.61
CD MLY B 142 31.31 -35.54 4.54
CE MLY B 142 32.66 -34.97 4.93
NZ MLY B 142 33.71 -35.24 3.91
C MLY B 142 29.01 -37.64 7.08
O MLY B 142 30.11 -38.03 7.48
N HIS B 143 27.96 -37.44 7.89
CA HIS B 143 28.10 -37.47 9.36
C HIS B 143 27.46 -38.67 10.06
N GLY B 144 26.47 -39.28 9.42
CA GLY B 144 25.65 -40.32 10.06
C GLY B 144 24.33 -39.75 10.55
N MLY B 145 23.64 -40.49 11.43
CA MLY B 145 22.35 -40.05 11.99
CB MLY B 145 21.64 -41.22 12.68
CG MLY B 145 21.06 -42.24 11.70
CD MLY B 145 20.90 -43.62 12.34
CE MLY B 145 19.57 -43.75 13.08
NZ MLY B 145 19.35 -45.16 13.53
C MLY B 145 22.51 -38.86 12.96
O MLY B 145 23.42 -38.85 13.78
N VAL B 146 21.61 -37.89 12.84
CA VAL B 146 21.70 -36.62 13.61
C VAL B 146 20.46 -36.31 14.46
N GLY B 147 20.64 -35.43 15.45
CA GLY B 147 19.53 -34.89 16.25
C GLY B 147 18.89 -33.68 15.60
N LEU B 148 17.85 -33.11 16.22
CA LEU B 148 17.07 -32.02 15.61
C LEU B 148 16.40 -31.05 16.59
N VAL B 149 16.53 -29.75 16.30
CA VAL B 149 15.76 -28.69 16.97
C VAL B 149 14.86 -28.01 15.93
N HIS B 150 13.54 -28.14 16.10
CA HIS B 150 12.56 -27.70 15.09
C HIS B 150 11.57 -26.67 15.66
N VAL B 151 11.49 -25.50 15.01
CA VAL B 151 10.59 -24.41 15.42
C VAL B 151 9.51 -24.17 14.35
N ASP B 152 8.23 -24.30 14.73
CA ASP B 152 7.11 -24.25 13.79
C ASP B 152 5.77 -24.09 14.50
N ALA B 153 4.75 -23.65 13.76
CA ALA B 153 3.37 -23.62 14.27
C ALA B 153 2.60 -24.89 13.90
N HIS B 154 3.24 -25.73 13.08
CA HIS B 154 2.64 -26.97 12.57
C HIS B 154 3.57 -28.18 12.78
N ALA B 155 3.01 -29.39 12.77
CA ALA B 155 3.78 -30.62 12.98
C ALA B 155 4.52 -31.11 11.73
N ASP B 156 3.89 -30.92 10.56
CA ASP B 156 4.43 -31.34 9.26
C ASP B 156 4.74 -32.85 9.14
N VAL B 157 3.78 -33.69 9.54
CA VAL B 157 3.96 -35.16 9.48
C VAL B 157 2.82 -35.91 8.76
N ASN B 158 2.20 -35.25 7.77
CA ASN B 158 1.12 -35.84 6.99
C ASN B 158 1.57 -37.03 6.13
N ASP B 159 0.68 -38.00 5.94
CA ASP B 159 0.94 -39.17 5.08
C ASP B 159 0.84 -38.80 3.59
N HIS B 160 -0.12 -37.92 3.24
CA HIS B 160 -0.27 -37.41 1.87
C HIS B 160 -0.94 -36.03 1.81
N MET B 161 -0.80 -35.37 0.66
CA MET B 161 -1.51 -34.12 0.34
C MET B 161 -2.08 -34.22 -1.09
N PHE B 162 -3.41 -34.27 -1.19
CA PHE B 162 -4.13 -34.50 -2.46
C PHE B 162 -3.65 -35.77 -3.19
N GLY B 163 -3.21 -36.76 -2.41
CA GLY B 163 -2.75 -38.04 -2.93
C GLY B 163 -1.26 -38.17 -3.22
N GLU B 164 -0.50 -37.09 -3.00
CA GLU B 164 0.93 -37.07 -3.32
C GLU B 164 1.84 -37.25 -2.09
N MLY B 165 2.95 -37.96 -2.29
CA MLY B 165 3.88 -38.30 -1.19
CB MLY B 165 4.67 -39.58 -1.54
CG MLY B 165 4.17 -40.85 -0.86
CD MLY B 165 2.98 -41.47 -1.60
CE MLY B 165 2.56 -42.78 -0.93
NZ MLY B 165 1.41 -43.41 -1.63
C MLY B 165 4.86 -37.20 -0.78
O MLY B 165 5.22 -37.10 0.40
N ILE B 166 5.30 -36.40 -1.74
CA ILE B 166 6.29 -35.33 -1.49
C ILE B 166 5.68 -33.93 -1.61
N ALA B 167 5.64 -33.21 -0.49
CA ALA B 167 5.06 -31.86 -0.41
C ALA B 167 5.54 -31.15 0.86
N HIS B 168 5.21 -29.87 1.02
CA HIS B 168 5.75 -29.06 2.12
C HIS B 168 5.23 -29.40 3.53
N GLY B 169 4.21 -30.26 3.60
CA GLY B 169 3.65 -30.72 4.86
C GLY B 169 3.90 -32.19 5.20
N THR B 170 4.78 -32.84 4.47
CA THR B 170 5.10 -34.27 4.69
C THR B 170 6.56 -34.53 5.06
N THR B 171 7.37 -33.47 5.09
CA THR B 171 8.83 -33.56 5.21
C THR B 171 9.36 -34.53 6.29
N PHE B 172 8.92 -34.36 7.53
CA PHE B 172 9.49 -35.10 8.66
C PHE B 172 8.94 -36.52 8.85
N ARG B 173 7.83 -36.82 8.19
CA ARG B 173 7.30 -38.18 8.12
C ARG B 173 8.22 -39.05 7.25
N ARG B 174 8.66 -38.50 6.12
CA ARG B 174 9.53 -39.18 5.18
C ARG B 174 10.93 -39.42 5.75
N ALA B 175 11.40 -38.48 6.58
CA ALA B 175 12.73 -38.56 7.19
C ALA B 175 12.89 -39.72 8.18
N VAL B 176 11.81 -40.06 8.88
CA VAL B 176 11.80 -41.18 9.84
C VAL B 176 11.81 -42.52 9.11
N GLU B 177 10.99 -42.62 8.05
CA GLU B 177 10.89 -43.85 7.26
C GLU B 177 12.18 -44.20 6.51
N GLU B 178 12.97 -43.18 6.19
CA GLU B 178 14.25 -43.36 5.47
C GLU B 178 15.46 -43.55 6.41
N ASP B 179 15.21 -43.58 7.72
CA ASP B 179 16.24 -43.79 8.75
C ASP B 179 17.32 -42.70 8.82
N LEU B 180 16.89 -41.43 8.75
CA LEU B 180 17.82 -40.30 8.73
C LEU B 180 18.09 -39.65 10.10
N LEU B 181 17.22 -39.92 11.08
CA LEU B 181 17.30 -39.26 12.39
C LEU B 181 17.50 -40.22 13.57
N ASP B 182 18.08 -39.71 14.66
CA ASP B 182 18.11 -40.40 15.94
C ASP B 182 16.89 -39.99 16.77
N CYS B 183 15.88 -40.87 16.80
CA CYS B 183 14.57 -40.58 17.37
C CYS B 183 14.56 -40.19 18.85
N ASP B 184 15.63 -40.52 19.57
CA ASP B 184 15.76 -40.20 20.99
C ASP B 184 16.32 -38.79 21.28
N ARG B 185 16.68 -38.05 20.23
CA ARG B 185 17.30 -36.73 20.37
C ARG B 185 16.59 -35.62 19.55
N VAL B 186 15.27 -35.53 19.68
CA VAL B 186 14.45 -34.58 18.88
C VAL B 186 13.44 -33.77 19.75
N VAL B 187 13.30 -32.48 19.46
CA VAL B 187 12.35 -31.57 20.15
C VAL B 187 11.61 -30.65 19.15
N GLN B 188 10.28 -30.50 19.33
CA GLN B 188 9.43 -29.60 18.50
C GLN B 188 8.75 -28.51 19.35
N ILE B 189 8.92 -27.23 18.94
CA ILE B 189 8.47 -26.08 19.76
C ILE B 189 7.58 -25.05 19.02
N GLY B 190 6.34 -24.89 19.49
CA GLY B 190 5.46 -23.80 19.01
C GLY B 190 4.05 -24.15 18.53
N LEU B 191 3.73 -25.45 18.48
CA LEU B 191 2.50 -25.97 17.87
C LEU B 191 1.20 -25.42 18.48
N ARG B 192 0.25 -25.05 17.62
CA ARG B 192 -1.05 -24.45 18.03
C ARG B 192 -2.19 -24.63 16.99
N ALA B 193 -3.33 -23.99 17.26
CA ALA B 193 -4.49 -23.91 16.32
C ALA B 193 -5.36 -25.19 16.15
N GLN B 194 -5.90 -25.39 14.95
CA GLN B 194 -6.93 -26.43 14.68
C GLN B 194 -6.44 -27.66 13.91
N GLY B 195 -7.19 -28.75 14.00
CA GLY B 195 -6.89 -30.02 13.29
C GLY B 195 -8.11 -30.87 13.00
N TYR B 196 -7.92 -32.19 12.90
CA TYR B 196 -9.03 -33.13 12.66
C TYR B 196 -9.34 -34.05 13.84
N THR B 197 -8.32 -34.75 14.36
CA THR B 197 -8.44 -35.56 15.58
C THR B 197 -7.22 -35.39 16.50
N ALA B 198 -7.23 -36.04 17.65
CA ALA B 198 -6.13 -35.97 18.63
C ALA B 198 -4.81 -36.54 18.12
N GLU B 199 -4.89 -37.47 17.16
CA GLU B 199 -3.72 -38.10 16.55
C GLU B 199 -2.81 -37.14 15.77
N ASP B 200 -3.31 -35.94 15.47
CA ASP B 200 -2.53 -34.93 14.75
C ASP B 200 -1.29 -34.45 15.50
N PHE B 201 -1.34 -34.50 16.84
CA PHE B 201 -0.17 -34.21 17.68
C PHE B 201 0.40 -35.46 18.37
N ASN B 202 -0.46 -36.48 18.60
CA ASN B 202 -0.06 -37.70 19.30
C ASN B 202 0.86 -38.66 18.53
N TRP B 203 0.84 -38.59 17.19
CA TRP B 203 1.71 -39.45 16.36
C TRP B 203 3.19 -39.20 16.65
N SER B 204 3.57 -37.93 16.81
CA SER B 204 4.95 -37.54 17.12
C SER B 204 5.43 -38.12 18.46
N ARG B 205 4.57 -38.03 19.48
CA ARG B 205 4.88 -38.53 20.83
C ARG B 205 5.14 -40.04 20.84
N MLY B 206 4.42 -40.77 19.98
CA MLY B 206 4.56 -42.22 19.86
CB MLY B 206 3.45 -42.77 18.96
CG MLY B 206 2.15 -42.95 19.72
CD MLY B 206 1.23 -43.95 19.02
CE MLY B 206 -0.23 -43.47 19.02
NZ MLY B 206 -1.13 -44.59 18.71
CH1 MLY B 206 -1.51 -44.55 17.28
CH2 MLY B 206 -2.35 -44.48 19.51
C MLY B 206 5.90 -42.66 19.31
O MLY B 206 6.38 -43.74 19.66
N GLN B 207 6.50 -41.83 18.47
CA GLN B 207 7.81 -42.14 17.87
C GLN B 207 8.98 -41.84 18.81
N GLY B 208 8.74 -41.01 19.83
CA GLY B 208 9.75 -40.68 20.83
C GLY B 208 10.09 -39.21 21.01
N PHE B 209 9.42 -38.34 20.26
CA PHE B 209 9.68 -36.90 20.30
C PHE B 209 9.08 -36.25 21.55
N ARG B 210 9.68 -35.15 22.01
CA ARG B 210 9.05 -34.31 23.03
C ARG B 210 8.41 -33.07 22.39
N VAL B 211 7.15 -32.83 22.70
CA VAL B 211 6.35 -31.75 22.11
C VAL B 211 6.09 -30.62 23.12
N VAL B 212 6.29 -29.38 22.67
CA VAL B 212 6.03 -28.19 23.49
C VAL B 212 5.01 -27.27 22.80
N GLN B 213 3.76 -27.31 23.25
CA GLN B 213 2.68 -26.47 22.71
C GLN B 213 2.83 -25.01 23.14
N ALA B 214 2.27 -24.10 22.35
CA ALA B 214 2.38 -22.65 22.60
C ALA B 214 1.83 -22.20 23.95
N GLU B 215 0.80 -22.90 24.45
CA GLU B 215 0.19 -22.62 25.75
C GLU B 215 1.17 -22.76 26.94
N GLU B 216 2.17 -23.63 26.79
CA GLU B 216 3.22 -23.83 27.79
C GLU B 216 4.27 -22.71 27.76
N CYS B 217 4.19 -21.84 26.74
CA CYS B 217 5.14 -20.73 26.55
C CYS B 217 4.60 -19.35 26.97
N TRP B 218 3.28 -19.18 27.01
CA TRP B 218 2.66 -17.87 27.31
C TRP B 218 3.11 -17.27 28.66
N HIS B 219 3.41 -15.97 28.64
CA HIS B 219 3.80 -15.17 29.82
C HIS B 219 5.18 -15.50 30.44
N MLY B 220 6.03 -16.24 29.71
CA MLY B 220 7.28 -16.77 30.31
CB MLY B 220 7.18 -18.30 30.41
CG MLY B 220 6.19 -18.74 31.48
CD MLY B 220 6.87 -19.55 32.57
CE MLY B 220 6.67 -21.05 32.37
NZ MLY B 220 5.42 -21.50 32.99
CH1 MLY B 220 5.69 -22.07 34.32
CH2 MLY B 220 4.78 -22.52 32.14
C MLY B 220 8.57 -16.46 29.59
O MLY B 220 8.59 -16.26 28.38
N SER B 221 9.66 -16.41 30.37
CA SER B 221 11.02 -16.40 29.81
C SER B 221 11.42 -17.84 29.48
N LEU B 222 12.12 -18.03 28.36
CA LEU B 222 12.46 -19.39 27.90
C LEU B 222 13.90 -19.86 28.18
N GLU B 223 14.61 -19.13 29.05
CA GLU B 223 15.95 -19.54 29.50
C GLU B 223 15.97 -20.86 30.31
N PRO B 224 14.97 -21.06 31.22
CA PRO B 224 14.90 -22.36 31.91
C PRO B 224 14.57 -23.54 30.99
N LEU B 225 13.74 -23.31 29.96
CA LEU B 225 13.39 -24.36 29.00
C LEU B 225 14.59 -24.89 28.22
N MET B 226 15.46 -23.99 27.77
CA MET B 226 16.62 -24.36 26.95
C MET B 226 17.68 -25.18 27.70
N ALA B 227 17.62 -25.14 29.04
CA ALA B 227 18.46 -25.99 29.88
C ALA B 227 18.04 -27.46 29.79
N GLU B 228 16.73 -27.70 29.73
CA GLU B 228 16.18 -29.04 29.51
C GLU B 228 16.51 -29.58 28.12
N VAL B 229 16.50 -28.68 27.13
CA VAL B 229 16.74 -29.03 25.73
C VAL B 229 18.17 -29.54 25.49
N ARG B 230 19.16 -28.85 26.06
CA ARG B 230 20.58 -29.22 25.91
C ARG B 230 20.91 -30.60 26.49
N GLU B 231 20.18 -31.00 27.53
CA GLU B 231 20.36 -32.31 28.17
C GLU B 231 19.79 -33.45 27.30
N MLY B 232 18.69 -33.17 26.60
CA MLY B 232 18.02 -34.17 25.76
CB MLY B 232 16.55 -33.79 25.53
CG MLY B 232 15.80 -34.57 24.43
CD MLY B 232 15.59 -36.05 24.76
CE MLY B 232 14.35 -36.29 25.61
NZ MLY B 232 14.05 -37.74 25.75
C MLY B 232 18.74 -34.44 24.41
O MLY B 232 18.91 -35.60 24.03
N VAL B 233 19.15 -33.38 23.72
CA VAL B 233 19.70 -33.52 22.35
C VAL B 233 21.24 -33.60 22.25
N GLY B 234 21.93 -33.48 23.38
CA GLY B 234 23.40 -33.51 23.40
C GLY B 234 24.00 -34.90 23.24
N GLY B 235 25.32 -34.95 23.01
CA GLY B 235 26.05 -36.20 22.88
C GLY B 235 26.40 -36.63 21.47
N GLY B 236 26.18 -35.73 20.51
CA GLY B 236 26.45 -35.99 19.09
C GLY B 236 26.11 -34.79 18.21
N PRO B 237 26.22 -34.93 16.87
CA PRO B 237 25.91 -33.84 15.92
C PRO B 237 24.41 -33.51 15.82
N VAL B 238 24.08 -32.28 15.43
CA VAL B 238 22.69 -31.77 15.41
C VAL B 238 22.43 -30.70 14.33
N TYR B 239 21.20 -30.70 13.77
CA TYR B 239 20.75 -29.73 12.74
C TYR B 239 19.66 -28.79 13.29
N LEU B 240 19.64 -27.54 12.81
CA LEU B 240 18.66 -26.52 13.26
C LEU B 240 17.79 -25.97 12.12
N SER B 241 16.46 -26.11 12.25
CA SER B 241 15.51 -25.72 11.20
C SER B 241 14.40 -24.78 11.73
N PHE B 242 14.29 -23.60 11.12
CA PHE B 242 13.43 -22.52 11.63
C PHE B 242 12.39 -22.02 10.60
N ASP B 243 11.12 -22.33 10.84
CA ASP B 243 10.00 -21.83 10.04
C ASP B 243 9.53 -20.49 10.61
N ILE B 244 9.47 -19.46 9.76
CA ILE B 244 9.11 -18.11 10.18
C ILE B 244 7.69 -17.98 10.78
N ASP B 245 6.78 -18.90 10.40
CA ASP B 245 5.39 -18.84 10.87
C ASP B 245 5.18 -19.25 12.34
N GLY B 246 6.29 -19.60 13.03
CA GLY B 246 6.25 -19.84 14.47
C GLY B 246 6.07 -18.57 15.28
N ILE B 247 6.51 -17.44 14.71
CA ILE B 247 6.38 -16.11 15.33
C ILE B 247 5.02 -15.49 15.00
N ASP B 248 4.47 -14.73 15.96
CA ASP B 248 3.17 -14.06 15.85
C ASP B 248 3.11 -13.09 14.65
N PRO B 249 1.98 -13.10 13.90
CA PRO B 249 1.81 -12.26 12.71
C PRO B 249 1.89 -10.73 12.93
N ALA B 250 1.91 -10.27 14.18
CA ALA B 250 2.13 -8.85 14.49
C ALA B 250 3.57 -8.44 14.15
N TRP B 251 4.48 -9.40 14.22
CA TRP B 251 5.89 -9.18 13.90
C TRP B 251 6.27 -9.68 12.50
N ALA B 252 5.56 -10.70 11.99
CA ALA B 252 5.87 -11.31 10.68
C ALA B 252 4.65 -11.63 9.79
N PRO B 253 4.02 -10.59 9.21
CA PRO B 253 2.80 -10.79 8.39
C PRO B 253 3.03 -11.44 7.01
N GLY B 254 4.25 -11.33 6.47
CA GLY B 254 4.56 -11.84 5.13
C GLY B 254 4.94 -13.31 5.07
N THR B 255 3.95 -14.19 5.09
CA THR B 255 4.16 -15.66 5.03
C THR B 255 2.93 -16.39 4.45
N GLY B 256 3.10 -17.68 4.15
CA GLY B 256 2.07 -18.46 3.45
C GLY B 256 0.90 -19.02 4.24
N THR B 257 1.15 -19.48 5.47
CA THR B 257 0.11 -20.04 6.34
C THR B 257 0.18 -19.51 7.78
N PRO B 258 -0.32 -18.28 8.02
CA PRO B 258 -0.24 -17.65 9.36
C PRO B 258 -1.28 -18.17 10.37
N GLU B 259 -0.92 -18.14 11.66
CA GLU B 259 -1.80 -18.57 12.76
C GLU B 259 -1.67 -17.62 13.97
N ILE B 260 -2.81 -17.22 14.55
CA ILE B 260 -2.84 -16.23 15.64
C ILE B 260 -2.25 -16.70 16.98
N GLY B 261 -1.80 -15.74 17.80
CA GLY B 261 -1.34 -15.98 19.18
C GLY B 261 -0.10 -16.83 19.38
N GLY B 262 1.04 -16.35 18.89
CA GLY B 262 2.30 -17.11 18.95
C GLY B 262 3.44 -16.52 19.77
N LEU B 263 4.67 -16.82 19.34
CA LEU B 263 5.89 -16.42 20.04
C LEU B 263 6.34 -15.00 19.69
N THR B 264 6.99 -14.32 20.64
CA THR B 264 7.53 -12.96 20.43
C THR B 264 8.98 -13.00 19.93
N THR B 265 9.49 -11.85 19.48
CA THR B 265 10.89 -11.76 19.00
C THR B 265 11.91 -11.83 20.14
N ILE B 266 11.50 -11.42 21.33
CA ILE B 266 12.31 -11.59 22.55
C ILE B 266 12.53 -13.09 22.85
N GLN B 267 11.48 -13.88 22.73
CA GLN B 267 11.53 -15.33 22.97
C GLN B 267 12.35 -16.07 21.90
N ALA B 268 12.33 -15.55 20.67
CA ALA B 268 13.11 -16.13 19.56
C ALA B 268 14.62 -15.96 19.76
N MET B 269 15.00 -14.83 20.38
CA MET B 269 16.40 -14.53 20.68
C MET B 269 16.92 -15.42 21.80
N GLU B 270 16.06 -15.74 22.76
CA GLU B 270 16.39 -16.63 23.89
C GLU B 270 16.59 -18.08 23.44
N ILE B 271 15.95 -18.47 22.35
CA ILE B 271 16.10 -19.82 21.78
C ILE B 271 17.46 -20.02 21.09
N ILE B 272 17.84 -19.09 20.21
CA ILE B 272 19.09 -19.20 19.43
C ILE B 272 20.35 -19.05 20.28
N ARG B 273 20.37 -18.04 21.16
CA ARG B 273 21.50 -17.81 22.08
C ARG B 273 21.70 -18.99 23.06
N GLY B 274 20.61 -19.74 23.30
CA GLY B 274 20.64 -20.90 24.20
C GLY B 274 21.15 -22.19 23.58
N CYS B 275 21.54 -22.14 22.31
CA CYS B 275 22.13 -23.31 21.61
C CYS B 275 23.64 -23.41 21.81
N GLN B 276 24.24 -22.43 22.49
CA GLN B 276 25.68 -22.39 22.77
C GLN B 276 26.18 -23.64 23.50
N GLY B 277 27.12 -24.35 22.89
CA GLY B 277 27.70 -25.57 23.46
C GLY B 277 27.46 -26.85 22.68
N LEU B 278 26.47 -26.83 21.78
CA LEU B 278 26.11 -28.01 20.97
C LEU B 278 27.00 -28.16 19.73
N ASP B 279 27.06 -29.37 19.19
CA ASP B 279 27.84 -29.67 17.97
C ASP B 279 27.00 -29.45 16.70
N LEU B 280 26.80 -28.18 16.35
CA LEU B 280 26.00 -27.79 15.18
C LEU B 280 26.74 -28.03 13.86
N ILE B 281 26.05 -28.65 12.90
CA ILE B 281 26.63 -28.98 11.59
C ILE B 281 25.90 -28.38 10.38
N GLY B 282 24.90 -27.53 10.62
CA GLY B 282 24.11 -26.87 9.57
C GLY B 282 22.83 -26.21 10.08
N CYS B 283 22.36 -25.18 9.35
CA CYS B 283 21.17 -24.38 9.74
C CYS B 283 20.34 -23.90 8.53
N ASP B 284 19.04 -23.63 8.74
CA ASP B 284 18.17 -22.99 7.71
C ASP B 284 17.04 -22.06 8.24
N LEU B 285 16.55 -21.16 7.38
CA LEU B 285 15.49 -20.20 7.70
C LEU B 285 14.51 -20.06 6.52
N VAL B 286 13.28 -20.55 6.69
CA VAL B 286 12.32 -20.75 5.57
C VAL B 286 10.97 -20.00 5.64
N GLU B 287 10.30 -19.95 4.48
CA GLU B 287 8.89 -19.50 4.30
C GLU B 287 8.59 -17.97 4.28
N VAL B 288 9.62 -17.15 4.09
CA VAL B 288 9.43 -15.70 3.92
C VAL B 288 8.87 -15.38 2.52
N SER B 289 7.76 -14.63 2.47
CA SER B 289 7.06 -14.31 1.21
C SER B 289 6.82 -12.81 1.02
N PRO B 290 7.69 -12.14 0.22
CA PRO B 290 7.70 -10.68 0.01
C PRO B 290 6.40 -9.96 -0.43
N PRO B 291 5.64 -10.51 -1.40
CA PRO B 291 4.46 -9.74 -1.87
C PRO B 291 3.31 -9.61 -0.87
N TYR B 292 3.41 -10.26 0.30
CA TYR B 292 2.40 -10.15 1.35
C TYR B 292 2.85 -9.30 2.55
N ASP B 293 3.97 -8.59 2.39
CA ASP B 293 4.39 -7.53 3.34
C ASP B 293 5.15 -6.42 2.60
N THR B 294 4.49 -5.28 2.45
CA THR B 294 5.00 -4.16 1.62
C THR B 294 6.08 -3.29 2.29
N THR B 295 6.20 -3.36 3.61
CA THR B 295 7.17 -2.52 4.34
C THR B 295 8.60 -3.04 4.26
N GLY B 296 8.75 -4.36 4.11
CA GLY B 296 10.07 -5.00 4.11
C GLY B 296 10.52 -5.48 5.47
N ASN B 297 9.67 -5.31 6.48
CA ASN B 297 9.99 -5.65 7.87
C ASN B 297 10.21 -7.14 8.16
N THR B 298 9.48 -8.01 7.46
CA THR B 298 9.62 -9.47 7.64
C THR B 298 10.99 -9.97 7.15
N SER B 299 11.50 -9.37 6.07
CA SER B 299 12.81 -9.70 5.52
C SER B 299 13.96 -9.18 6.38
N LEU B 300 13.76 -8.00 6.99
CA LEU B 300 14.73 -7.42 7.92
C LEU B 300 14.91 -8.28 9.18
N LEU B 301 13.81 -8.84 9.67
CA LEU B 301 13.83 -9.77 10.80
C LEU B 301 14.64 -11.04 10.49
N GLY B 302 14.44 -11.58 9.29
CA GLY B 302 15.11 -12.81 8.86
C GLY B 302 16.62 -12.70 8.75
N ALA B 303 17.10 -11.54 8.29
CA ALA B 303 18.53 -11.27 8.18
C ALA B 303 19.24 -11.19 9.54
N ASN B 304 18.59 -10.54 10.50
CA ASN B 304 19.12 -10.41 11.87
C ASN B 304 19.21 -11.74 12.63
N LEU B 305 18.26 -12.64 12.38
CA LEU B 305 18.26 -13.96 13.03
C LEU B 305 19.37 -14.88 12.47
N LEU B 306 19.64 -14.76 11.18
CA LEU B 306 20.72 -15.49 10.53
C LEU B 306 22.11 -15.10 11.05
N TYR B 307 22.26 -13.84 11.47
CA TYR B 307 23.51 -13.37 12.11
C TYR B 307 23.72 -14.01 13.49
N GLU B 308 22.66 -14.09 14.28
CA GLU B 308 22.72 -14.73 15.61
C GLU B 308 23.11 -16.22 15.52
N MET B 309 22.69 -16.88 14.43
CA MET B 309 23.06 -18.29 14.16
C MET B 309 24.57 -18.47 13.94
N LEU B 310 25.18 -17.55 13.17
CA LEU B 310 26.62 -17.56 12.89
C LEU B 310 27.48 -17.40 14.16
N CYS B 311 26.97 -16.64 15.13
CA CYS B 311 27.69 -16.35 16.38
C CYS B 311 27.92 -17.55 17.29
N VAL B 312 27.09 -18.59 17.19
CA VAL B 312 27.16 -19.74 18.10
C VAL B 312 27.75 -21.05 17.53
N LEU B 313 28.37 -20.97 16.35
CA LEU B 313 29.03 -22.12 15.73
C LEU B 313 30.32 -22.49 16.48
N PRO B 314 30.73 -23.78 16.41
CA PRO B 314 31.96 -24.22 17.08
C PRO B 314 33.21 -23.52 16.53
N GLY B 315 34.05 -23.01 17.44
CA GLY B 315 35.31 -22.36 17.07
C GLY B 315 35.36 -20.85 17.19
N VAL B 316 34.21 -20.23 17.47
CA VAL B 316 34.12 -18.76 17.56
C VAL B 316 34.69 -18.23 18.88
N VAL B 317 35.51 -17.18 18.79
CA VAL B 317 36.19 -16.59 19.95
C VAL B 317 35.39 -15.44 20.59
N ARG B 318 35.72 -15.13 21.85
CA ARG B 318 35.03 -14.09 22.61
C ARG B 318 35.98 -12.96 23.02
N ARG B 319 35.56 -11.71 22.79
CA ARG B 319 36.31 -10.54 23.24
C ARG B 319 35.37 -9.40 23.67
N ASN C 4 -9.84 34.12 31.20
CA ASN C 4 -10.06 33.30 29.98
C ASN C 4 -8.81 32.51 29.58
N LEU C 5 -9.01 31.23 29.25
CA LEU C 5 -7.93 30.37 28.77
C LEU C 5 -8.36 29.65 27.50
N HIS C 6 -7.40 29.46 26.57
CA HIS C 6 -7.65 28.79 25.29
C HIS C 6 -8.14 27.35 25.49
N GLN C 7 -9.08 26.93 24.63
CA GLN C 7 -9.63 25.57 24.67
C GLN C 7 -9.63 24.93 23.27
N PRO C 8 -9.43 23.59 23.20
CA PRO C 8 -9.56 22.87 21.92
C PRO C 8 -11.02 22.80 21.45
N LEU C 9 -11.22 22.71 20.14
CA LEU C 9 -12.56 22.61 19.55
C LEU C 9 -13.22 21.27 19.81
N GLY C 10 -14.50 21.31 20.18
CA GLY C 10 -15.28 20.10 20.48
C GLY C 10 -16.07 19.57 19.31
N GLY C 11 -16.52 18.32 19.43
CA GLY C 11 -17.28 17.63 18.38
C GLY C 11 -18.69 18.13 18.17
N ASN C 12 -19.28 18.73 19.21
CA ASN C 12 -20.64 19.27 19.14
C ASN C 12 -20.70 20.67 18.49
N GLU C 13 -19.53 21.26 18.25
CA GLU C 13 -19.41 22.53 17.52
C GLU C 13 -19.14 22.29 16.03
N MET C 14 -18.17 21.41 15.75
CA MET C 14 -17.79 21.01 14.40
C MET C 14 -17.23 19.59 14.43
N PRO C 15 -17.74 18.69 13.55
CA PRO C 15 -17.26 17.31 13.47
C PRO C 15 -15.74 17.22 13.27
N ARG C 16 -15.13 16.23 13.91
CA ARG C 16 -13.67 16.13 14.02
C ARG C 16 -12.93 15.87 12.70
N PHE C 17 -13.63 15.39 11.68
CA PHE C 17 -13.04 15.22 10.35
C PHE C 17 -13.03 16.53 9.52
N GLY C 18 -13.58 17.61 10.10
CA GLY C 18 -13.59 18.92 9.46
C GLY C 18 -12.84 20.00 10.24
N GLY C 19 -12.61 21.14 9.59
CA GLY C 19 -11.88 22.27 10.20
C GLY C 19 -10.40 22.32 9.83
N ILE C 20 -9.80 23.49 10.01
CA ILE C 20 -8.37 23.70 9.71
C ILE C 20 -7.49 22.92 10.71
N ALA C 21 -6.50 22.20 10.17
CA ALA C 21 -5.72 21.24 10.95
C ALA C 21 -4.49 21.81 11.68
N THR C 22 -4.74 22.51 12.80
CA THR C 22 -3.69 22.89 13.75
C THR C 22 -3.58 21.80 14.82
N MET C 23 -2.54 21.87 15.66
CA MET C 23 -2.31 20.88 16.73
C MET C 23 -3.44 20.91 17.78
N MET C 24 -4.11 19.78 17.94
CA MET C 24 -5.29 19.63 18.82
C MET C 24 -6.42 20.64 18.52
N ARG C 25 -6.46 21.11 17.28
CA ARG C 25 -7.42 22.14 16.80
C ARG C 25 -7.44 23.41 17.66
N LEU C 26 -6.26 23.91 18.02
CA LEU C 26 -6.10 25.12 18.84
C LEU C 26 -5.87 26.38 17.97
N PRO C 27 -6.04 27.59 18.57
CA PRO C 27 -5.79 28.84 17.85
C PRO C 27 -4.34 29.01 17.39
N HIS C 28 -4.16 29.71 16.27
CA HIS C 28 -2.85 29.99 15.68
C HIS C 28 -2.41 31.42 16.02
N VAL C 29 -1.34 31.54 16.82
CA VAL C 29 -0.90 32.83 17.40
C VAL C 29 0.37 33.37 16.74
N GLN C 30 0.30 34.62 16.27
CA GLN C 30 1.39 35.24 15.50
C GLN C 30 1.88 36.61 16.00
N SER C 31 0.98 37.40 16.58
CA SER C 31 1.32 38.78 17.00
C SER C 31 2.15 38.85 18.30
N PRO C 32 3.04 39.86 18.42
CA PRO C 32 3.94 40.03 19.57
C PRO C 32 3.23 40.12 20.93
N ALA C 33 2.11 40.83 20.99
CA ALA C 33 1.37 41.02 22.24
C ALA C 33 0.70 39.73 22.74
N GLU C 34 0.25 38.90 21.81
CA GLU C 34 -0.38 37.61 22.16
C GLU C 34 0.64 36.55 22.57
N LEU C 35 1.87 36.68 22.08
CA LEU C 35 2.98 35.80 22.45
C LEU C 35 3.45 36.03 23.89
N ASP C 36 3.31 37.27 24.36
CA ASP C 36 3.68 37.65 25.72
C ASP C 36 2.79 37.00 26.80
N ALA C 37 1.56 36.66 26.42
CA ALA C 37 0.56 36.16 27.37
C ALA C 37 0.46 34.63 27.44
N LEU C 38 1.34 33.92 26.74
CA LEU C 38 1.34 32.45 26.74
C LEU C 38 2.29 31.85 27.77
N ASP C 39 1.84 30.77 28.41
CA ASP C 39 2.67 30.04 29.38
C ASP C 39 3.50 28.93 28.70
N ALA C 40 2.92 28.26 27.72
CA ALA C 40 3.59 27.20 26.94
C ALA C 40 3.05 27.14 25.50
N ALA C 41 3.78 26.46 24.61
CA ALA C 41 3.38 26.34 23.18
C ALA C 41 3.99 25.16 22.42
N PHE C 42 3.28 24.72 21.36
CA PHE C 42 3.77 23.70 20.43
C PHE C 42 4.46 24.35 19.22
N VAL C 43 5.61 23.81 18.80
CA VAL C 43 6.42 24.38 17.71
C VAL C 43 7.22 23.31 16.94
N GLY C 44 7.39 23.50 15.62
CA GLY C 44 8.05 22.49 14.76
C GLY C 44 9.32 22.91 14.02
N VAL C 45 10.19 21.92 13.74
CA VAL C 45 11.46 22.12 13.02
C VAL C 45 11.66 21.02 11.94
N PRO C 46 11.38 21.33 10.67
CA PRO C 46 11.38 20.33 9.58
C PRO C 46 12.72 20.12 8.85
N LEU C 47 13.66 19.43 9.49
CA LEU C 47 15.00 19.19 8.92
C LEU C 47 15.31 17.70 8.77
N ASP C 48 15.90 17.31 7.63
CA ASP C 48 16.32 15.92 7.41
C ASP C 48 17.69 15.72 6.72
N ILE C 49 18.43 16.81 6.52
CA ILE C 49 19.72 16.75 5.79
C ILE C 49 20.92 16.31 6.65
N GLY C 50 20.64 15.72 7.82
CA GLY C 50 21.69 15.15 8.67
C GLY C 50 21.63 13.65 8.87
N THR C 51 20.76 12.99 8.08
CA THR C 51 20.51 11.52 8.24
C THR C 51 21.55 10.62 7.57
N SER C 52 21.80 9.45 8.21
CA SER C 52 22.82 8.48 7.64
C SER C 52 22.28 7.34 6.76
N LEU C 53 21.00 7.00 6.90
CA LEU C 53 20.38 5.95 6.08
C LEU C 53 19.18 6.44 5.27
N ARG C 54 17.96 6.29 5.82
CA ARG C 54 16.73 6.71 5.12
C ARG C 54 16.41 8.18 5.41
N SER C 55 15.99 8.91 4.36
CA SER C 55 15.51 10.29 4.53
C SER C 55 13.96 10.32 4.64
N GLY C 56 13.40 11.49 4.89
CA GLY C 56 11.94 11.68 4.90
C GLY C 56 11.28 12.33 6.10
N THR C 57 12.07 12.59 7.16
CA THR C 57 11.52 13.16 8.40
C THR C 57 11.21 14.66 8.31
N ARG C 58 11.38 15.24 7.11
CA ARG C 58 11.01 16.64 6.85
C ARG C 58 9.49 16.88 6.93
N PHE C 59 8.71 15.84 6.61
CA PHE C 59 7.24 15.88 6.69
C PHE C 59 6.67 15.50 8.07
N GLY C 60 7.56 15.23 9.03
CA GLY C 60 7.18 14.85 10.39
C GLY C 60 6.14 15.72 11.08
N PRO C 61 6.39 17.05 11.18
CA PRO C 61 5.45 17.98 11.81
C PRO C 61 4.05 18.07 11.17
N ARG C 62 3.95 17.91 9.85
CA ARG C 62 2.66 18.01 9.15
C ARG C 62 1.69 16.84 9.44
N GLU C 63 2.20 15.61 9.46
CA GLU C 63 1.37 14.42 9.72
C GLU C 63 0.97 14.25 11.19
N ILE C 64 1.83 14.69 12.12
CA ILE C 64 1.51 14.65 13.55
C ILE C 64 0.32 15.57 13.90
N ARG C 65 0.29 16.76 13.28
CA ARG C 65 -0.82 17.70 13.44
C ARG C 65 -2.16 17.13 12.96
N ALA C 66 -2.14 16.43 11.82
CA ALA C 66 -3.36 15.88 11.19
C ALA C 66 -3.99 14.71 11.95
N GLU C 67 -3.15 13.89 12.58
CA GLU C 67 -3.64 12.72 13.35
C GLU C 67 -4.10 13.08 14.78
N SER C 68 -3.88 14.34 15.19
CA SER C 68 -4.13 14.76 16.57
C SER C 68 -5.57 15.19 16.90
N VAL C 69 -6.45 15.15 15.91
CA VAL C 69 -7.84 15.64 16.06
C VAL C 69 -8.74 14.81 16.98
N MET C 70 -8.18 13.75 17.57
CA MET C 70 -8.94 12.79 18.39
C MET C 70 -8.92 13.07 19.90
N ILE C 71 -7.90 13.76 20.38
CA ILE C 71 -7.59 13.84 21.82
C ILE C 71 -8.53 14.76 22.63
N ARG C 72 -8.97 14.25 23.79
CA ARG C 72 -9.81 15.01 24.75
C ARG C 72 -8.97 15.64 25.89
N PRO C 73 -9.54 16.64 26.60
CA PRO C 73 -8.74 17.45 27.55
C PRO C 73 -8.43 16.85 28.95
N TYR C 74 -9.26 15.94 29.45
CA TYR C 74 -9.12 15.42 30.84
C TYR C 74 -8.56 13.98 30.91
N ASN C 75 -7.59 13.79 31.80
CA ASN C 75 -6.88 12.51 31.97
C ASN C 75 -7.60 11.58 32.96
N MET C 76 -8.15 10.48 32.45
CA MET C 76 -8.99 9.58 33.27
C MET C 76 -8.21 8.78 34.32
N ALA C 77 -6.95 8.45 34.03
CA ALA C 77 -6.12 7.63 34.92
C ALA C 77 -5.43 8.41 36.04
N THR C 78 -4.87 9.57 35.70
CA THR C 78 -4.07 10.37 36.66
C THR C 78 -4.86 11.52 37.31
N GLY C 79 -5.91 11.98 36.61
CA GLY C 79 -6.75 13.07 37.11
C GLY C 79 -6.23 14.47 36.81
N ALA C 80 -5.24 14.57 35.92
CA ALA C 80 -4.63 15.84 35.56
C ALA C 80 -5.50 16.67 34.61
N ALA C 81 -5.54 17.98 34.83
CA ALA C 81 -6.32 18.90 34.01
C ALA C 81 -5.52 20.15 33.63
N PRO C 82 -4.69 20.05 32.56
CA PRO C 82 -3.76 21.12 32.17
C PRO C 82 -4.42 22.39 31.60
N PHE C 83 -5.57 22.25 30.94
CA PHE C 83 -6.24 23.39 30.29
C PHE C 83 -7.03 24.28 31.26
N ASP C 84 -7.11 23.86 32.52
CA ASP C 84 -7.75 24.67 33.57
C ASP C 84 -6.71 25.48 34.37
N SER C 85 -5.44 25.29 34.04
CA SER C 85 -4.33 25.88 34.79
C SER C 85 -3.39 26.75 33.94
N LEU C 86 -3.09 26.30 32.72
CA LEU C 86 -2.14 26.99 31.84
C LEU C 86 -2.78 27.54 30.55
N ASN C 87 -2.09 28.49 29.92
CA ASN C 87 -2.54 29.13 28.67
C ASN C 87 -1.65 28.68 27.49
N VAL C 88 -2.23 27.89 26.57
CA VAL C 88 -1.47 27.17 25.53
C VAL C 88 -2.00 27.41 24.10
N ALA C 89 -1.10 27.41 23.10
CA ALA C 89 -1.47 27.56 21.68
C ALA C 89 -0.45 26.95 20.70
N ASP C 90 -0.75 27.03 19.39
CA ASP C 90 0.14 26.59 18.30
C ASP C 90 0.79 27.81 17.62
N ILE C 91 2.12 27.83 17.55
CA ILE C 91 2.85 29.01 17.05
C ILE C 91 3.59 28.86 15.71
N GLY C 92 3.35 27.76 14.99
CA GLY C 92 3.90 27.58 13.64
C GLY C 92 5.26 26.89 13.53
N ASP C 93 5.96 27.14 12.43
CA ASP C 93 7.24 26.48 12.11
C ASP C 93 8.43 27.45 12.02
N VAL C 94 9.65 26.90 12.13
CA VAL C 94 10.89 27.65 11.92
C VAL C 94 11.37 27.49 10.47
N ALA C 95 11.77 28.60 9.84
CA ALA C 95 12.18 28.60 8.44
C ALA C 95 13.68 28.32 8.23
N ILE C 96 14.02 27.04 8.08
CA ILE C 96 15.42 26.60 7.88
C ILE C 96 15.90 26.67 6.43
N ASN C 97 17.22 26.59 6.24
CA ASN C 97 17.87 26.52 4.93
C ASN C 97 18.19 25.06 4.58
N THR C 98 17.50 24.53 3.57
CA THR C 98 17.61 23.10 3.22
C THR C 98 18.75 22.76 2.25
N PHE C 99 19.57 23.76 1.92
CA PHE C 99 20.69 23.59 0.98
C PHE C 99 22.07 23.75 1.65
N ASN C 100 22.09 24.12 2.93
CA ASN C 100 23.33 24.33 3.68
C ASN C 100 23.17 23.98 5.17
N LEU C 101 23.83 22.91 5.60
CA LEU C 101 23.65 22.35 6.95
C LEU C 101 24.14 23.25 8.10
N LEU C 102 25.31 23.86 7.92
CA LEU C 102 25.87 24.74 8.96
C LEU C 102 25.11 26.05 9.14
N GLU C 103 24.49 26.52 8.07
CA GLU C 103 23.66 27.74 8.12
C GLU C 103 22.32 27.47 8.81
N ALA C 104 21.82 26.23 8.68
CA ALA C 104 20.58 25.81 9.33
C ALA C 104 20.72 25.77 10.87
N VAL C 105 21.91 25.38 11.34
CA VAL C 105 22.19 25.30 12.78
C VAL C 105 22.25 26.70 13.42
N ARG C 106 22.77 27.67 12.65
CA ARG C 106 22.84 29.07 13.09
C ARG C 106 21.45 29.68 13.27
N ILE C 107 20.55 29.40 12.32
CA ILE C 107 19.17 29.92 12.34
C ILE C 107 18.36 29.40 13.53
N ILE C 108 18.52 28.12 13.86
CA ILE C 108 17.80 27.50 14.99
C ILE C 108 18.12 28.17 16.34
N GLU C 109 19.40 28.43 16.60
CA GLU C 109 19.84 29.05 17.85
C GLU C 109 19.26 30.47 18.04
N GLN C 110 19.18 31.23 16.95
CA GLN C 110 18.67 32.61 16.97
C GLN C 110 17.19 32.72 17.32
N GLU C 111 16.38 31.83 16.75
CA GLU C 111 14.92 31.86 16.96
C GLU C 111 14.50 31.40 18.36
N TYR C 112 15.25 30.46 18.94
CA TYR C 112 14.97 29.99 20.30
C TYR C 112 15.37 31.00 21.38
N ASP C 113 16.34 31.85 21.09
CA ASP C 113 16.66 33.01 21.92
C ASP C 113 15.44 33.94 22.03
N ARG C 114 14.71 34.08 20.93
CA ARG C 114 13.50 34.92 20.87
C ARG C 114 12.29 34.33 21.59
N ILE C 115 12.10 33.01 21.47
CA ILE C 115 11.00 32.29 22.13
C ILE C 115 11.10 32.38 23.66
N LEU C 116 12.32 32.22 24.18
CA LEU C 116 12.57 32.31 25.62
C LEU C 116 12.48 33.76 26.13
N GLY C 117 12.65 34.72 25.22
CA GLY C 117 12.54 36.14 25.54
C GLY C 117 11.11 36.57 25.85
N HIS C 118 10.14 35.88 25.25
CA HIS C 118 8.72 36.10 25.54
C HIS C 118 8.27 35.36 26.80
N GLY C 119 9.14 34.51 27.35
CA GLY C 119 8.85 33.74 28.57
C GLY C 119 8.02 32.48 28.37
N ILE C 120 8.28 31.75 27.29
CA ILE C 120 7.51 30.56 26.89
C ILE C 120 8.32 29.27 27.06
N LEU C 121 7.68 28.22 27.59
CA LEU C 121 8.26 26.88 27.69
C LEU C 121 7.91 26.07 26.43
N PRO C 122 8.93 25.55 25.70
CA PRO C 122 8.72 24.92 24.39
C PRO C 122 8.54 23.39 24.36
N LEU C 123 7.58 22.93 23.53
CA LEU C 123 7.36 21.51 23.26
C LEU C 123 7.53 21.26 21.75
N THR C 124 8.61 20.58 21.37
CA THR C 124 9.10 20.57 19.97
C THR C 124 8.79 19.30 19.16
N LEU C 125 8.32 19.50 17.93
CA LEU C 125 8.05 18.42 16.97
C LEU C 125 9.13 18.40 15.86
N GLY C 126 9.83 17.26 15.74
CA GLY C 126 10.91 17.11 14.75
C GLY C 126 10.55 16.27 13.53
N GLY C 127 11.51 16.04 12.62
CA GLY C 127 12.89 16.54 12.72
C GLY C 127 13.89 15.49 13.20
N ASP C 128 15.08 15.46 12.59
CA ASP C 128 16.14 14.52 13.03
C ASP C 128 16.93 15.03 14.26
N HIS C 129 17.74 14.14 14.84
CA HIS C 129 18.35 14.38 16.16
C HIS C 129 19.44 15.47 16.25
N THR C 130 19.79 16.08 15.11
CA THR C 130 20.77 17.16 15.09
C THR C 130 20.22 18.45 15.73
N ILE C 131 18.90 18.58 15.77
CA ILE C 131 18.23 19.80 16.26
C ILE C 131 18.42 20.07 17.77
N THR C 132 18.72 19.03 18.54
CA THR C 132 18.83 19.14 20.00
C THR C 132 20.08 19.92 20.46
N LEU C 133 21.11 19.97 19.61
CA LEU C 133 22.34 20.69 19.94
C LEU C 133 22.20 22.22 20.01
N PRO C 134 21.67 22.87 18.94
CA PRO C 134 21.44 24.33 19.04
C PRO C 134 20.38 24.75 20.05
N ILE C 135 19.42 23.87 20.34
CA ILE C 135 18.40 24.14 21.36
C ILE C 135 19.04 24.23 22.76
N LEU C 136 19.94 23.29 23.06
CA LEU C 136 20.65 23.28 24.35
C LEU C 136 21.61 24.46 24.55
N ARG C 137 22.17 24.98 23.45
CA ARG C 137 23.02 26.17 23.48
C ARG C 137 22.25 27.40 23.98
N ALA C 138 20.97 27.47 23.65
CA ALA C 138 20.09 28.58 24.06
C ALA C 138 19.55 28.42 25.48
N ILE C 139 19.32 27.16 25.88
CA ILE C 139 18.83 26.82 27.24
C ILE C 139 19.83 27.26 28.33
N MLY C 140 21.11 27.02 28.09
CA MLY C 140 22.18 27.30 29.05
CB MLY C 140 23.50 26.79 28.51
CG MLY C 140 24.49 26.47 29.63
CD MLY C 140 25.93 26.66 29.15
CE MLY C 140 26.76 27.47 30.15
NZ MLY C 140 28.11 26.90 30.25
CH1 MLY C 140 28.60 27.05 31.62
CH2 MLY C 140 29.02 27.61 29.34
C MLY C 140 22.32 28.76 29.42
O MLY C 140 22.69 29.09 30.53
N LYS C 141 22.02 29.64 28.45
CA LYS C 141 22.09 31.09 28.67
C LYS C 141 21.08 31.59 29.70
N MLY C 142 19.94 30.92 29.79
CA MLY C 142 18.84 31.31 30.68
CB MLY C 142 17.49 31.04 30.00
CG MLY C 142 16.24 31.46 30.78
CD MLY C 142 15.98 32.96 30.70
CE MLY C 142 14.73 33.34 31.49
NZ MLY C 142 14.48 34.81 31.44
C MLY C 142 18.90 30.62 32.05
O MLY C 142 18.63 31.25 33.08
N HIS C 143 19.28 29.34 32.07
CA HIS C 143 19.16 28.51 33.27
C HIS C 143 20.48 28.02 33.89
N GLY C 144 21.53 27.93 33.08
CA GLY C 144 22.80 27.31 33.51
C GLY C 144 22.88 25.88 33.01
N MLY C 145 23.76 25.07 33.61
CA MLY C 145 23.87 23.64 33.25
CB MLY C 145 25.22 23.00 33.59
CG MLY C 145 26.02 23.69 34.68
CD MLY C 145 27.50 23.67 34.34
CE MLY C 145 28.26 22.61 35.15
NZ MLY C 145 29.65 22.50 34.67
CH1 MLY C 145 29.95 21.09 34.39
CH2 MLY C 145 30.57 23.00 35.69
C MLY C 145 22.74 22.82 33.80
O MLY C 145 22.30 23.02 34.94
N VAL C 146 22.27 21.87 33.00
CA VAL C 146 21.06 21.08 33.31
C VAL C 146 21.30 19.56 33.31
N GLY C 147 20.39 18.82 33.95
CA GLY C 147 20.38 17.35 33.91
C GLY C 147 19.64 16.82 32.68
N LEU C 148 19.62 15.49 32.51
CA LEU C 148 19.06 14.88 31.29
C LEU C 148 18.45 13.48 31.47
N VAL C 149 17.28 13.28 30.87
CA VAL C 149 16.66 11.95 30.71
C VAL C 149 16.51 11.65 29.21
N HIS C 150 17.17 10.58 28.75
CA HIS C 150 17.35 10.30 27.31
C HIS C 150 16.92 8.87 26.94
N VAL C 151 15.94 8.76 26.03
CA VAL C 151 15.41 7.47 25.56
C VAL C 151 15.82 7.21 24.10
N ASP C 152 16.49 6.09 23.85
CA ASP C 152 17.05 5.78 22.52
C ASP C 152 17.48 4.30 22.39
N ALA C 153 17.66 3.85 21.17
CA ALA C 153 18.27 2.54 20.90
C ALA C 153 19.78 2.69 20.63
N HIS C 154 20.23 3.94 20.50
CA HIS C 154 21.62 4.28 20.18
C HIS C 154 22.22 5.24 21.20
N ALA C 155 23.55 5.24 21.32
CA ALA C 155 24.26 6.10 22.28
C ALA C 155 24.47 7.54 21.81
N ASP C 156 24.67 7.71 20.49
CA ASP C 156 24.90 9.02 19.85
C ASP C 156 26.08 9.82 20.43
N VAL C 157 27.23 9.15 20.58
CA VAL C 157 28.46 9.78 21.09
C VAL C 157 29.68 9.65 20.17
N ASN C 158 29.44 9.58 18.86
CA ASN C 158 30.52 9.50 17.87
C ASN C 158 31.34 10.79 17.78
N ASP C 159 32.60 10.67 17.37
CA ASP C 159 33.46 11.84 17.15
C ASP C 159 33.24 12.44 15.76
N HIS C 160 33.03 11.59 14.76
CA HIS C 160 32.77 12.04 13.39
C HIS C 160 31.90 11.07 12.59
N MET C 161 31.29 11.59 11.52
CA MET C 161 30.58 10.78 10.53
C MET C 161 31.03 11.20 9.12
N PHE C 162 31.72 10.28 8.44
CA PHE C 162 32.35 10.54 7.13
C PHE C 162 33.35 11.72 7.16
N GLY C 163 33.90 11.98 8.34
CA GLY C 163 34.89 13.04 8.54
C GLY C 163 34.34 14.37 9.04
N GLU C 164 33.02 14.44 9.22
CA GLU C 164 32.35 15.68 9.63
C GLU C 164 31.96 15.67 11.11
N MLY C 165 32.15 16.82 11.77
CA MLY C 165 31.90 16.97 13.22
CB MLY C 165 32.65 18.18 13.77
CG MLY C 165 33.95 17.86 14.49
CD MLY C 165 35.11 17.59 13.54
CE MLY C 165 36.38 17.25 14.31
NZ MLY C 165 37.56 17.12 13.42
C MLY C 165 30.42 17.06 13.62
O MLY C 165 30.05 16.59 14.69
N ILE C 166 29.60 17.67 12.76
CA ILE C 166 28.18 17.92 13.07
C ILE C 166 27.25 17.02 12.25
N ALA C 167 26.64 16.05 12.93
CA ALA C 167 25.71 15.09 12.33
C ALA C 167 24.77 14.53 13.40
N HIS C 168 23.78 13.73 13.00
CA HIS C 168 22.73 13.27 13.92
C HIS C 168 23.19 12.21 14.94
N GLY C 169 24.41 11.71 14.80
CA GLY C 169 24.98 10.74 15.72
C GLY C 169 26.13 11.25 16.58
N THR C 170 26.35 12.56 16.60
CA THR C 170 27.43 13.19 17.38
C THR C 170 26.92 14.19 18.43
N THR C 171 25.60 14.34 18.50
CA THR C 171 24.94 15.38 19.32
C THR C 171 25.44 15.49 20.77
N PHE C 172 25.43 14.38 21.50
CA PHE C 172 25.74 14.40 22.93
C PHE C 172 27.24 14.35 23.27
N ARG C 173 28.08 14.14 22.25
CA ARG C 173 29.52 14.26 22.40
C ARG C 173 29.94 15.73 22.43
N ARG C 174 29.31 16.54 21.57
CA ARG C 174 29.57 17.98 21.50
C ARG C 174 29.06 18.73 22.74
N ALA C 175 27.98 18.23 23.32
CA ALA C 175 27.36 18.83 24.51
C ALA C 175 28.24 18.76 25.75
N VAL C 176 28.98 17.65 25.89
CA VAL C 176 29.92 17.47 26.99
C VAL C 176 31.16 18.36 26.83
N GLU C 177 31.64 18.49 25.59
CA GLU C 177 32.81 19.32 25.27
C GLU C 177 32.59 20.81 25.55
N GLU C 178 31.37 21.29 25.28
CA GLU C 178 31.02 22.70 25.40
C GLU C 178 30.55 23.10 26.81
N ASP C 179 30.55 22.14 27.74
CA ASP C 179 30.14 22.35 29.13
C ASP C 179 28.68 22.78 29.29
N LEU C 180 27.77 22.00 28.70
CA LEU C 180 26.34 22.31 28.75
C LEU C 180 25.55 21.48 29.76
N LEU C 181 26.16 20.39 30.26
CA LEU C 181 25.49 19.45 31.15
C LEU C 181 26.19 19.24 32.50
N ASP C 182 25.41 18.81 33.50
CA ASP C 182 25.95 18.32 34.77
C ASP C 182 26.06 16.80 34.67
N CYS C 183 27.29 16.31 34.50
CA CYS C 183 27.56 14.91 34.18
C CYS C 183 27.11 13.88 35.23
N ASP C 184 26.87 14.33 36.46
CA ASP C 184 26.46 13.43 37.55
C ASP C 184 24.93 13.26 37.66
N ARG C 185 24.18 13.92 36.77
CA ARG C 185 22.71 13.83 36.77
C ARG C 185 22.14 13.42 35.41
N VAL C 186 22.67 12.34 34.83
CA VAL C 186 22.28 11.88 33.48
C VAL C 186 21.98 10.36 33.43
N VAL C 187 20.93 9.98 32.71
CA VAL C 187 20.54 8.56 32.51
C VAL C 187 20.15 8.27 31.04
N GLN C 188 20.63 7.15 30.49
CA GLN C 188 20.28 6.70 29.14
C GLN C 188 19.57 5.33 29.19
N ILE C 189 18.42 5.22 28.52
CA ILE C 189 17.57 4.01 28.59
C ILE C 189 17.24 3.40 27.22
N GLY C 190 17.65 2.14 27.01
CA GLY C 190 17.19 1.34 25.87
C GLY C 190 18.16 0.86 24.80
N LEU C 191 19.47 0.91 25.08
CA LEU C 191 20.50 0.63 24.07
C LEU C 191 20.64 -0.86 23.74
N ARG C 192 20.86 -1.17 22.45
CA ARG C 192 20.90 -2.57 21.95
C ARG C 192 21.66 -2.76 20.62
N ALA C 193 21.60 -3.98 20.08
CA ALA C 193 22.15 -4.35 18.74
C ALA C 193 23.69 -4.48 18.61
N GLN C 194 24.24 -4.18 17.43
CA GLN C 194 25.66 -4.45 17.13
C GLN C 194 26.56 -3.20 17.09
N GLY C 195 27.88 -3.43 17.23
CA GLY C 195 28.88 -2.36 17.19
C GLY C 195 30.25 -2.83 16.70
N TYR C 196 31.31 -2.24 17.25
CA TYR C 196 32.70 -2.58 16.87
C TYR C 196 33.56 -3.10 18.04
N THR C 197 33.48 -2.42 19.19
CA THR C 197 34.22 -2.81 20.40
C THR C 197 33.36 -2.61 21.66
N ALA C 198 33.84 -3.13 22.78
CA ALA C 198 33.16 -2.97 24.09
C ALA C 198 33.08 -1.51 24.54
N GLU C 199 34.06 -0.70 24.12
CA GLU C 199 34.15 0.71 24.48
C GLU C 199 33.02 1.58 23.94
N ASP C 200 32.28 1.06 22.97
CA ASP C 200 31.14 1.77 22.37
C ASP C 200 30.04 2.10 23.40
N PHE C 201 29.95 1.32 24.48
CA PHE C 201 29.05 1.64 25.60
C PHE C 201 29.81 2.07 26.86
N ASN C 202 31.09 1.70 26.96
CA ASN C 202 31.88 1.97 28.17
C ASN C 202 32.31 3.44 28.36
N TRP C 203 32.37 4.21 27.28
CA TRP C 203 32.77 5.63 27.33
C TRP C 203 31.83 6.45 28.22
N SER C 204 30.53 6.21 28.08
CA SER C 204 29.50 6.94 28.83
C SER C 204 29.54 6.67 30.33
N ARG C 205 29.89 5.42 30.70
CA ARG C 205 29.97 5.02 32.11
C ARG C 205 31.09 5.74 32.86
N MLY C 206 32.22 5.94 32.19
CA MLY C 206 33.39 6.59 32.78
CB MLY C 206 34.64 6.31 31.95
CG MLY C 206 35.12 4.87 32.13
CD MLY C 206 36.55 4.68 31.62
CE MLY C 206 36.58 4.20 30.17
NZ MLY C 206 37.54 5.00 29.40
CH1 MLY C 206 36.84 5.75 28.34
CH2 MLY C 206 38.56 4.13 28.80
C MLY C 206 33.23 8.08 32.97
O MLY C 206 33.90 8.68 33.82
N GLN C 207 32.34 8.69 32.18
CA GLN C 207 32.03 10.12 32.29
C GLN C 207 31.13 10.43 33.49
N GLY C 208 30.32 9.45 33.90
CA GLY C 208 29.42 9.62 35.03
C GLY C 208 27.96 9.20 34.81
N PHE C 209 27.64 8.81 33.58
CA PHE C 209 26.25 8.42 33.22
C PHE C 209 25.88 7.04 33.77
N ARG C 210 24.58 6.79 33.92
CA ARG C 210 24.06 5.43 34.14
C ARG C 210 23.45 4.89 32.86
N VAL C 211 23.86 3.68 32.48
CA VAL C 211 23.40 3.03 31.24
C VAL C 211 22.46 1.86 31.55
N VAL C 212 21.27 1.89 30.95
CA VAL C 212 20.28 0.83 31.11
C VAL C 212 19.99 0.16 29.76
N GLN C 213 20.56 -1.02 29.54
CA GLN C 213 20.36 -1.77 28.29
C GLN C 213 18.96 -2.39 28.21
N ALA C 214 18.54 -2.75 27.01
CA ALA C 214 17.21 -3.34 26.77
C ALA C 214 17.00 -4.67 27.50
N GLU C 215 18.06 -5.45 27.62
CA GLU C 215 18.04 -6.74 28.31
C GLU C 215 17.65 -6.63 29.80
N GLU C 216 17.94 -5.48 30.41
CA GLU C 216 17.56 -5.20 31.80
C GLU C 216 16.06 -4.90 31.93
N CYS C 217 15.42 -4.55 30.81
CA CYS C 217 14.00 -4.17 30.79
C CYS C 217 13.02 -5.31 30.44
N TRP C 218 13.52 -6.36 29.79
CA TRP C 218 12.67 -7.47 29.31
C TRP C 218 11.83 -8.15 30.40
N HIS C 219 10.54 -8.36 30.09
CA HIS C 219 9.57 -9.07 30.96
C HIS C 219 9.07 -8.33 32.22
N MLY C 220 9.33 -7.02 32.36
CA MLY C 220 8.91 -6.33 33.62
CB MLY C 220 10.03 -6.31 34.67
CG MLY C 220 11.45 -6.32 34.10
CD MLY C 220 12.21 -7.53 34.64
CE MLY C 220 13.30 -7.12 35.63
NZ MLY C 220 14.48 -7.98 35.46
CH1 MLY C 220 14.46 -9.07 36.45
CH2 MLY C 220 15.69 -7.17 35.65
C MLY C 220 8.32 -4.94 33.56
O MLY C 220 8.38 -4.26 32.53
N SER C 221 7.70 -4.53 34.67
CA SER C 221 7.18 -3.17 34.87
C SER C 221 8.32 -2.22 35.26
N LEU C 222 8.21 -0.96 34.83
CA LEU C 222 9.27 0.03 35.06
C LEU C 222 8.98 1.04 36.18
N GLU C 223 7.97 0.77 37.00
CA GLU C 223 7.66 1.61 38.18
C GLU C 223 8.78 1.68 39.23
N PRO C 224 9.38 0.52 39.59
CA PRO C 224 10.49 0.56 40.56
C PRO C 224 11.76 1.26 40.06
N LEU C 225 12.05 1.15 38.76
CA LEU C 225 13.22 1.80 38.16
C LEU C 225 13.15 3.33 38.22
N MET C 226 11.97 3.88 37.95
CA MET C 226 11.78 5.34 37.90
C MET C 226 11.93 6.03 39.25
N ALA C 227 11.70 5.29 40.34
CA ALA C 227 11.93 5.82 41.69
C ALA C 227 13.41 6.06 41.96
N GLU C 228 14.25 5.17 41.42
CA GLU C 228 15.71 5.30 41.53
C GLU C 228 16.24 6.43 40.64
N VAL C 229 15.57 6.66 39.51
CA VAL C 229 15.94 7.71 38.56
C VAL C 229 15.71 9.11 39.12
N ARG C 230 14.57 9.30 39.80
CA ARG C 230 14.23 10.60 40.40
C ARG C 230 15.26 11.04 41.45
N GLU C 231 15.80 10.07 42.18
CA GLU C 231 16.86 10.30 43.17
C GLU C 231 18.19 10.74 42.56
N MLY C 232 18.50 10.21 41.38
CA MLY C 232 19.76 10.49 40.69
CB MLY C 232 20.07 9.36 39.67
CG MLY C 232 21.21 9.65 38.68
CD MLY C 232 22.60 9.61 39.32
CE MLY C 232 23.19 8.20 39.30
NZ MLY C 232 24.64 8.22 39.67
C MLY C 232 19.81 11.86 40.00
O MLY C 232 20.81 12.57 40.12
N VAL C 233 18.72 12.25 39.32
CA VAL C 233 18.72 13.46 38.50
C VAL C 233 18.11 14.71 39.18
N GLY C 234 17.46 14.50 40.32
CA GLY C 234 16.83 15.60 41.07
C GLY C 234 17.82 16.56 41.69
N GLY C 235 17.34 17.75 42.04
CA GLY C 235 18.18 18.78 42.67
C GLY C 235 18.31 20.08 41.90
N GLY C 236 17.87 20.07 40.64
CA GLY C 236 17.94 21.24 39.76
C GLY C 236 17.08 21.09 38.51
N PRO C 237 17.28 21.97 37.51
CA PRO C 237 16.53 21.91 36.24
C PRO C 237 16.91 20.72 35.36
N VAL C 238 15.96 20.23 34.56
CA VAL C 238 16.15 19.03 33.72
C VAL C 238 15.43 19.10 32.36
N TYR C 239 16.04 18.50 31.34
CA TYR C 239 15.48 18.43 29.98
C TYR C 239 15.14 16.98 29.61
N LEU C 240 14.12 16.79 28.76
CA LEU C 240 13.67 15.46 28.32
C LEU C 240 13.70 15.29 26.80
N SER C 241 14.39 14.25 26.33
CA SER C 241 14.56 14.01 24.88
C SER C 241 14.23 12.56 24.48
N PHE C 242 13.27 12.41 23.55
CA PHE C 242 12.70 11.10 23.18
C PHE C 242 12.88 10.77 21.68
N ASP C 243 13.75 9.79 21.38
CA ASP C 243 13.91 9.24 20.03
C ASP C 243 12.92 8.08 19.87
N ILE C 244 12.11 8.14 18.81
CA ILE C 244 11.04 7.15 18.57
C ILE C 244 11.55 5.73 18.28
N ASP C 245 12.78 5.61 17.77
CA ASP C 245 13.36 4.30 17.45
C ASP C 245 13.72 3.47 18.70
N GLY C 246 13.50 4.05 19.87
CA GLY C 246 13.65 3.32 21.15
C GLY C 246 12.57 2.27 21.35
N ILE C 247 11.41 2.47 20.70
CA ILE C 247 10.28 1.53 20.74
C ILE C 247 10.37 0.47 19.62
N ASP C 248 9.94 -0.75 19.94
CA ASP C 248 9.91 -1.90 19.01
C ASP C 248 9.19 -1.58 17.69
N PRO C 249 9.75 -2.00 16.53
CA PRO C 249 9.18 -1.76 15.20
C PRO C 249 7.77 -2.32 14.93
N ALA C 250 7.25 -3.16 15.82
CA ALA C 250 5.86 -3.64 15.71
C ALA C 250 4.85 -2.52 15.95
N TRP C 251 5.24 -1.52 16.74
CA TRP C 251 4.40 -0.36 17.05
C TRP C 251 4.79 0.90 16.27
N ALA C 252 6.06 0.98 15.84
CA ALA C 252 6.57 2.18 15.14
C ALA C 252 7.51 1.87 13.94
N PRO C 253 6.94 1.41 12.81
CA PRO C 253 7.75 1.06 11.64
C PRO C 253 8.31 2.26 10.85
N GLY C 254 7.67 3.43 10.99
CA GLY C 254 8.05 4.62 10.22
C GLY C 254 9.14 5.46 10.84
N THR C 255 10.39 5.01 10.68
CA THR C 255 11.58 5.70 11.22
C THR C 255 12.84 5.38 10.40
N GLY C 256 13.90 6.17 10.60
CA GLY C 256 15.11 6.10 9.79
C GLY C 256 16.04 4.90 9.98
N THR C 257 16.26 4.52 11.25
CA THR C 257 17.18 3.41 11.57
C THR C 257 16.59 2.45 12.63
N PRO C 258 15.74 1.49 12.18
CA PRO C 258 15.05 0.55 13.10
C PRO C 258 15.92 -0.60 13.62
N GLU C 259 15.66 -1.02 14.87
CA GLU C 259 16.39 -2.12 15.53
C GLU C 259 15.42 -3.06 16.28
N ILE C 260 15.61 -4.37 16.11
CA ILE C 260 14.68 -5.38 16.68
C ILE C 260 14.77 -5.57 18.21
N GLY C 261 13.67 -6.04 18.81
CA GLY C 261 13.60 -6.42 20.22
C GLY C 261 13.69 -5.29 21.25
N GLY C 262 12.76 -4.34 21.17
CA GLY C 262 12.80 -3.13 22.01
C GLY C 262 11.68 -3.00 23.05
N LEU C 263 11.39 -1.75 23.41
CA LEU C 263 10.41 -1.42 24.45
C LEU C 263 8.96 -1.44 23.92
N THR C 264 8.00 -1.70 24.80
CA THR C 264 6.57 -1.63 24.47
C THR C 264 5.99 -0.23 24.74
N THR C 265 4.77 0.02 24.26
CA THR C 265 4.09 1.31 24.47
C THR C 265 3.57 1.46 25.92
N ILE C 266 3.36 0.33 26.59
CA ILE C 266 3.01 0.32 28.01
C ILE C 266 4.19 0.82 28.85
N GLN C 267 5.39 0.36 28.50
CA GLN C 267 6.63 0.76 29.19
C GLN C 267 6.97 2.24 28.95
N ALA C 268 6.64 2.74 27.76
CA ALA C 268 6.85 4.16 27.42
C ALA C 268 5.94 5.08 28.26
N MET C 269 4.73 4.62 28.54
CA MET C 269 3.76 5.34 29.37
C MET C 269 4.23 5.42 30.83
N GLU C 270 4.82 4.33 31.32
CA GLU C 270 5.35 4.27 32.69
C GLU C 270 6.55 5.20 32.91
N ILE C 271 7.33 5.44 31.85
CA ILE C 271 8.48 6.34 31.91
C ILE C 271 8.07 7.81 32.07
N ILE C 272 7.20 8.29 31.18
CA ILE C 272 6.76 9.69 31.17
C ILE C 272 5.95 10.06 32.42
N ARG C 273 4.99 9.22 32.79
CA ARG C 273 4.18 9.42 34.00
C ARG C 273 5.04 9.41 35.27
N GLY C 274 6.18 8.71 35.22
CA GLY C 274 7.12 8.63 36.34
C GLY C 274 8.02 9.85 36.55
N CYS C 275 7.89 10.86 35.69
CA CYS C 275 8.67 12.10 35.81
C CYS C 275 8.02 13.15 36.74
N GLN C 276 6.81 12.86 37.23
CA GLN C 276 6.06 13.78 38.10
C GLN C 276 6.86 14.14 39.36
N GLY C 277 7.11 15.43 39.53
CA GLY C 277 7.88 15.93 40.68
C GLY C 277 9.19 16.63 40.32
N LEU C 278 9.63 16.48 39.07
CA LEU C 278 10.88 17.08 38.60
C LEU C 278 10.68 18.49 38.02
N ASP C 279 11.73 19.30 38.09
CA ASP C 279 11.71 20.67 37.56
C ASP C 279 12.05 20.71 36.06
N LEU C 280 11.08 20.33 35.23
CA LEU C 280 11.25 20.28 33.78
C LEU C 280 11.21 21.66 33.14
N ILE C 281 12.13 21.91 32.21
CA ILE C 281 12.24 23.21 31.52
C ILE C 281 12.12 23.14 29.99
N GLY C 282 11.91 21.93 29.46
CA GLY C 282 11.77 21.71 28.00
C GLY C 282 11.71 20.24 27.60
N CYS C 283 11.04 19.94 26.49
CA CYS C 283 10.84 18.56 25.99
C CYS C 283 10.88 18.50 24.44
N ASP C 284 11.24 17.33 23.89
CA ASP C 284 11.14 17.07 22.42
C ASP C 284 10.87 15.60 22.01
N LEU C 285 10.36 15.41 20.78
CA LEU C 285 10.01 14.08 20.22
C LEU C 285 10.44 14.02 18.74
N VAL C 286 11.41 13.14 18.43
CA VAL C 286 12.14 13.20 17.14
C VAL C 286 12.13 11.91 16.27
N GLU C 287 12.46 12.10 14.98
CA GLU C 287 12.74 11.02 14.00
C GLU C 287 11.55 10.26 13.36
N VAL C 288 10.34 10.83 13.42
CA VAL C 288 9.17 10.25 12.75
C VAL C 288 9.21 10.53 11.23
N SER C 289 9.11 9.46 10.42
CA SER C 289 9.23 9.55 8.95
C SER C 289 8.04 8.95 8.18
N PRO C 290 7.07 9.79 7.79
CA PRO C 290 5.81 9.41 7.13
C PRO C 290 5.85 8.51 5.87
N PRO C 291 6.81 8.72 4.94
CA PRO C 291 6.77 7.86 3.74
C PRO C 291 7.13 6.38 3.96
N TYR C 292 7.50 6.02 5.19
CA TYR C 292 7.80 4.62 5.52
C TYR C 292 6.76 3.94 6.43
N ASP C 293 5.60 4.58 6.60
CA ASP C 293 4.44 3.97 7.27
C ASP C 293 3.12 4.45 6.67
N THR C 294 2.53 3.60 5.83
CA THR C 294 1.35 3.97 5.04
C THR C 294 0.04 4.16 5.85
N THR C 295 -0.08 3.48 6.98
CA THR C 295 -1.32 3.50 7.77
C THR C 295 -1.55 4.83 8.51
N GLY C 296 -0.45 5.48 8.91
CA GLY C 296 -0.53 6.69 9.72
C GLY C 296 -0.50 6.44 11.22
N ASN C 297 -0.15 5.22 11.61
CA ASN C 297 -0.15 4.83 13.02
C ASN C 297 1.05 5.32 13.84
N THR C 298 2.20 5.49 13.20
CA THR C 298 3.41 6.01 13.87
C THR C 298 3.21 7.48 14.30
N SER C 299 2.56 8.26 13.44
CA SER C 299 2.25 9.67 13.74
C SER C 299 1.22 9.84 14.85
N LEU C 300 0.23 8.94 14.87
CA LEU C 300 -0.81 8.93 15.92
C LEU C 300 -0.20 8.67 17.30
N LEU C 301 0.76 7.75 17.36
CA LEU C 301 1.48 7.45 18.60
C LEU C 301 2.23 8.66 19.14
N GLY C 302 2.88 9.40 18.25
CA GLY C 302 3.65 10.59 18.61
C GLY C 302 2.83 11.71 19.23
N ALA C 303 1.61 11.90 18.73
CA ALA C 303 0.71 12.96 19.21
C ALA C 303 0.17 12.66 20.61
N ASN C 304 -0.15 11.39 20.87
CA ASN C 304 -0.64 10.93 22.18
C ASN C 304 0.43 11.00 23.27
N LEU C 305 1.69 10.80 22.90
CA LEU C 305 2.81 10.88 23.83
C LEU C 305 3.15 12.33 24.23
N LEU C 306 2.94 13.27 23.30
CA LEU C 306 3.12 14.69 23.56
C LEU C 306 2.10 15.25 24.57
N TYR C 307 0.87 14.73 24.54
CA TYR C 307 -0.17 15.12 25.50
C TYR C 307 0.19 14.71 26.93
N GLU C 308 0.78 13.51 27.09
CA GLU C 308 1.22 13.03 28.40
C GLU C 308 2.36 13.87 28.99
N MET C 309 3.19 14.46 28.11
CA MET C 309 4.27 15.37 28.52
C MET C 309 3.73 16.67 29.13
N LEU C 310 2.66 17.21 28.54
CA LEU C 310 2.02 18.45 29.02
C LEU C 310 1.41 18.29 30.42
N CYS C 311 0.88 17.11 30.71
CA CYS C 311 0.21 16.81 31.99
C CYS C 311 1.13 16.89 33.22
N VAL C 312 2.42 16.62 33.02
CA VAL C 312 3.38 16.53 34.15
C VAL C 312 4.26 17.77 34.39
N LEU C 313 3.96 18.87 33.71
CA LEU C 313 4.70 20.13 33.92
C LEU C 313 4.38 20.74 35.29
N PRO C 314 5.34 21.47 35.89
CA PRO C 314 5.11 22.12 37.19
C PRO C 314 3.97 23.15 37.14
N GLY C 315 3.03 23.07 38.07
CA GLY C 315 1.93 24.02 38.17
C GLY C 315 0.56 23.52 37.75
N VAL C 316 0.48 22.26 37.33
CA VAL C 316 -0.77 21.65 36.86
C VAL C 316 -1.59 21.08 38.02
N VAL C 317 -2.88 21.40 38.05
CA VAL C 317 -3.78 20.97 39.14
C VAL C 317 -4.41 19.59 38.89
N ARG C 318 -4.85 18.95 39.98
CA ARG C 318 -5.45 17.63 39.93
C ARG C 318 -6.89 17.65 40.46
N ARG C 319 -7.79 16.97 39.76
CA ARG C 319 -9.20 16.88 40.16
C ARG C 319 -9.81 15.53 39.76
N ASN D 4 -38.27 -20.74 -17.44
CA ASN D 4 -37.85 -19.64 -16.53
C ASN D 4 -36.54 -18.97 -16.96
N LEU D 5 -36.38 -17.71 -16.55
CA LEU D 5 -35.21 -16.92 -16.89
C LEU D 5 -34.51 -16.37 -15.65
N HIS D 6 -33.20 -16.60 -15.57
CA HIS D 6 -32.38 -16.07 -14.47
C HIS D 6 -32.06 -14.59 -14.69
N GLN D 7 -32.00 -13.84 -13.59
CA GLN D 7 -31.66 -12.42 -13.63
C GLN D 7 -30.70 -12.05 -12.50
N PRO D 8 -29.82 -11.05 -12.74
CA PRO D 8 -28.95 -10.52 -11.67
C PRO D 8 -29.74 -9.75 -10.62
N LEU D 9 -29.28 -9.77 -9.37
CA LEU D 9 -29.94 -9.08 -8.26
C LEU D 9 -29.87 -7.56 -8.40
N GLY D 10 -31.01 -6.90 -8.18
CA GLY D 10 -31.11 -5.44 -8.29
C GLY D 10 -30.79 -4.69 -7.00
N GLY D 11 -30.56 -3.39 -7.14
CA GLY D 11 -30.21 -2.54 -6.00
C GLY D 11 -31.35 -2.23 -5.04
N ASN D 12 -32.59 -2.30 -5.54
CA ASN D 12 -33.77 -2.05 -4.72
C ASN D 12 -34.22 -3.26 -3.90
N GLU D 13 -33.61 -4.42 -4.17
CA GLU D 13 -33.84 -5.64 -3.40
C GLU D 13 -32.81 -5.78 -2.27
N MET D 14 -31.56 -5.48 -2.59
CA MET D 14 -30.42 -5.57 -1.65
C MET D 14 -29.28 -4.66 -2.13
N PRO D 15 -28.77 -3.79 -1.24
CA PRO D 15 -27.64 -2.90 -1.59
C PRO D 15 -26.44 -3.68 -2.12
N ARG D 16 -25.75 -3.12 -3.12
CA ARG D 16 -24.72 -3.84 -3.89
C ARG D 16 -23.44 -4.21 -3.13
N PHE D 17 -23.22 -3.58 -1.97
CA PHE D 17 -22.12 -3.95 -1.09
C PHE D 17 -22.44 -5.14 -0.18
N GLY D 18 -23.65 -5.69 -0.33
CA GLY D 18 -24.10 -6.85 0.44
C GLY D 18 -24.47 -8.05 -0.41
N GLY D 19 -24.72 -9.19 0.25
CA GLY D 19 -25.09 -10.43 -0.43
C GLY D 19 -23.90 -11.33 -0.77
N ILE D 20 -24.18 -12.60 -1.04
CA ILE D 20 -23.16 -13.60 -1.40
C ILE D 20 -22.55 -13.30 -2.78
N ALA D 21 -21.23 -13.39 -2.86
CA ALA D 21 -20.49 -12.93 -4.05
C ALA D 21 -20.26 -13.99 -5.16
N THR D 22 -21.32 -14.26 -5.92
CA THR D 22 -21.20 -15.02 -7.18
C THR D 22 -21.02 -14.02 -8.33
N MET D 23 -20.69 -14.52 -9.53
CA MET D 23 -20.49 -13.67 -10.71
C MET D 23 -21.77 -12.92 -11.09
N MET D 24 -21.69 -11.59 -11.06
CA MET D 24 -22.84 -10.68 -11.30
C MET D 24 -24.05 -10.94 -10.38
N ARG D 25 -23.79 -11.51 -9.20
CA ARG D 25 -24.81 -11.93 -8.22
C ARG D 25 -25.93 -12.82 -8.81
N LEU D 26 -25.53 -13.79 -9.63
CA LEU D 26 -26.43 -14.78 -10.25
C LEU D 26 -26.54 -16.06 -9.39
N PRO D 27 -27.60 -16.87 -9.62
CA PRO D 27 -27.79 -18.16 -8.92
C PRO D 27 -26.66 -19.19 -9.13
N HIS D 28 -26.42 -20.00 -8.10
CA HIS D 28 -25.40 -21.06 -8.12
C HIS D 28 -26.04 -22.41 -8.42
N VAL D 29 -25.73 -22.97 -9.60
CA VAL D 29 -26.40 -24.17 -10.13
C VAL D 29 -25.51 -25.43 -10.05
N GLN D 30 -26.07 -26.52 -9.52
CA GLN D 30 -25.30 -27.74 -9.24
C GLN D 30 -25.94 -29.08 -9.64
N SER D 31 -27.27 -29.14 -9.74
CA SER D 31 -27.97 -30.41 -10.04
C SER D 31 -28.04 -30.74 -11.54
N PRO D 32 -28.09 -32.05 -11.89
CA PRO D 32 -28.10 -32.49 -13.30
C PRO D 32 -29.29 -31.95 -14.13
N ALA D 33 -30.48 -31.92 -13.54
CA ALA D 33 -31.68 -31.43 -14.22
C ALA D 33 -31.58 -29.95 -14.60
N GLU D 34 -31.01 -29.16 -13.70
CA GLU D 34 -30.86 -27.71 -13.92
C GLU D 34 -29.74 -27.35 -14.90
N LEU D 35 -28.73 -28.23 -14.99
CA LEU D 35 -27.62 -28.04 -15.93
C LEU D 35 -28.03 -28.25 -17.39
N ASP D 36 -28.98 -29.15 -17.62
CA ASP D 36 -29.52 -29.41 -18.95
C ASP D 36 -30.25 -28.20 -19.56
N ALA D 37 -30.76 -27.32 -18.70
CA ALA D 37 -31.57 -26.17 -19.11
C ALA D 37 -30.78 -24.88 -19.41
N LEU D 38 -29.46 -24.92 -19.26
CA LEU D 38 -28.63 -23.72 -19.47
C LEU D 38 -28.10 -23.61 -20.91
N ASP D 39 -28.17 -22.40 -21.46
CA ASP D 39 -27.62 -22.09 -22.78
C ASP D 39 -26.13 -21.71 -22.71
N ALA D 40 -25.75 -20.94 -21.68
CA ALA D 40 -24.36 -20.50 -21.47
C ALA D 40 -24.03 -20.33 -19.97
N ALA D 41 -22.75 -20.37 -19.63
CA ALA D 41 -22.32 -20.31 -18.21
C ALA D 41 -20.89 -19.78 -17.97
N PHE D 42 -20.67 -19.16 -16.81
CA PHE D 42 -19.33 -18.74 -16.36
C PHE D 42 -18.68 -19.84 -15.50
N VAL D 43 -17.38 -20.08 -15.71
CA VAL D 43 -16.63 -21.14 -15.00
C VAL D 43 -15.14 -20.76 -14.77
N GLY D 44 -14.55 -21.24 -13.66
CA GLY D 44 -13.16 -20.86 -13.28
C GLY D 44 -12.13 -21.99 -13.14
N VAL D 45 -10.87 -21.67 -13.45
CA VAL D 45 -9.75 -22.62 -13.35
C VAL D 45 -8.50 -21.98 -12.68
N PRO D 46 -8.26 -22.28 -11.37
CA PRO D 46 -7.24 -21.59 -10.58
C PRO D 46 -5.82 -22.21 -10.57
N LEU D 47 -5.07 -22.00 -11.65
CA LEU D 47 -3.73 -22.61 -11.82
C LEU D 47 -2.60 -21.59 -12.06
N ASP D 48 -1.48 -21.74 -11.36
CA ASP D 48 -0.30 -20.87 -11.59
C ASP D 48 1.08 -21.57 -11.58
N ILE D 49 1.09 -22.90 -11.61
CA ILE D 49 2.35 -23.66 -11.54
C ILE D 49 3.09 -23.81 -12.89
N GLY D 50 2.62 -23.08 -13.91
CA GLY D 50 3.30 -23.04 -15.21
C GLY D 50 3.95 -21.69 -15.56
N THR D 51 4.06 -20.80 -14.57
CA THR D 51 4.60 -19.44 -14.78
C THR D 51 6.14 -19.38 -14.79
N SER D 52 6.68 -18.45 -15.64
CA SER D 52 8.19 -18.31 -15.73
C SER D 52 8.82 -17.14 -14.93
N LEU D 53 8.02 -16.14 -14.54
CA LEU D 53 8.54 -15.01 -13.73
C LEU D 53 7.79 -14.86 -12.39
N ARG D 54 6.81 -13.93 -12.31
CA ARG D 54 6.02 -13.76 -11.06
C ARG D 54 4.86 -14.75 -11.00
N SER D 55 4.58 -15.25 -9.79
CA SER D 55 3.40 -16.12 -9.55
C SER D 55 2.23 -15.33 -8.93
N GLY D 56 1.11 -16.04 -8.70
CA GLY D 56 -0.08 -15.41 -7.99
C GLY D 56 -1.45 -15.48 -8.71
N THR D 57 -1.47 -15.92 -9.98
CA THR D 57 -2.74 -15.96 -10.74
C THR D 57 -3.72 -17.09 -10.29
N ARG D 58 -3.33 -17.85 -9.27
CA ARG D 58 -4.24 -18.82 -8.62
C ARG D 58 -5.46 -18.15 -7.93
N PHE D 59 -5.30 -16.90 -7.49
CA PHE D 59 -6.37 -16.12 -6.86
C PHE D 59 -7.22 -15.33 -7.86
N GLY D 60 -6.89 -15.42 -9.14
CA GLY D 60 -7.59 -14.70 -10.21
C GLY D 60 -9.11 -14.76 -10.24
N PRO D 61 -9.70 -15.98 -10.26
CA PRO D 61 -11.16 -16.12 -10.31
C PRO D 61 -11.93 -15.56 -9.10
N ARG D 62 -11.31 -15.55 -7.92
CA ARG D 62 -11.97 -15.04 -6.70
C ARG D 62 -12.16 -13.51 -6.70
N GLU D 63 -11.13 -12.76 -7.12
CA GLU D 63 -11.21 -11.28 -7.14
C GLU D 63 -12.08 -10.72 -8.27
N ILE D 64 -12.13 -11.42 -9.41
CA ILE D 64 -12.97 -11.02 -10.54
C ILE D 64 -14.47 -11.06 -10.18
N ARG D 65 -14.87 -12.08 -9.41
CA ARG D 65 -16.24 -12.21 -8.91
C ARG D 65 -16.62 -11.07 -7.96
N ALA D 66 -15.68 -10.70 -7.07
CA ALA D 66 -15.93 -9.69 -6.03
C ALA D 66 -16.11 -8.26 -6.55
N GLU D 67 -15.46 -7.94 -7.67
CA GLU D 67 -15.56 -6.60 -8.27
C GLU D 67 -16.72 -6.46 -9.26
N SER D 68 -17.34 -7.58 -9.63
CA SER D 68 -18.39 -7.61 -10.66
C SER D 68 -19.78 -7.11 -10.22
N VAL D 69 -19.93 -6.77 -8.94
CA VAL D 69 -21.23 -6.37 -8.37
C VAL D 69 -21.82 -5.05 -8.91
N MET D 70 -21.09 -4.41 -9.83
CA MET D 70 -21.48 -3.10 -10.38
C MET D 70 -22.33 -3.17 -11.67
N ILE D 71 -22.17 -4.26 -12.42
CA ILE D 71 -22.69 -4.33 -13.81
C ILE D 71 -24.22 -4.46 -13.91
N ARG D 72 -24.79 -3.73 -14.87
CA ARG D 72 -26.23 -3.74 -15.17
C ARG D 72 -26.54 -4.46 -16.49
N PRO D 73 -27.80 -4.87 -16.72
CA PRO D 73 -28.12 -5.79 -17.83
C PRO D 73 -28.14 -5.24 -19.25
N TYR D 74 -28.45 -3.96 -19.44
CA TYR D 74 -28.67 -3.39 -20.77
C TYR D 74 -27.50 -2.53 -21.30
N ASN D 75 -27.07 -2.82 -22.53
CA ASN D 75 -25.95 -2.13 -23.20
C ASN D 75 -26.42 -0.86 -23.91
N MET D 76 -26.06 0.30 -23.36
CA MET D 76 -26.55 1.59 -23.85
C MET D 76 -26.03 1.96 -25.26
N ALA D 77 -24.79 1.56 -25.56
CA ALA D 77 -24.15 1.90 -26.83
C ALA D 77 -24.62 1.05 -28.02
N THR D 78 -24.73 -0.27 -27.83
CA THR D 78 -25.06 -1.19 -28.93
C THR D 78 -26.53 -1.60 -28.98
N GLY D 79 -27.23 -1.50 -27.85
CA GLY D 79 -28.65 -1.87 -27.76
C GLY D 79 -28.91 -3.34 -27.45
N ALA D 80 -27.84 -4.10 -27.20
CA ALA D 80 -27.94 -5.53 -26.92
C ALA D 80 -28.53 -5.84 -25.54
N ALA D 81 -29.32 -6.91 -25.46
CA ALA D 81 -29.93 -7.36 -24.20
C ALA D 81 -29.92 -8.89 -24.07
N PRO D 82 -28.77 -9.47 -23.64
CA PRO D 82 -28.54 -10.92 -23.62
C PRO D 82 -29.41 -11.72 -22.64
N PHE D 83 -29.80 -11.12 -21.52
CA PHE D 83 -30.59 -11.81 -20.49
C PHE D 83 -32.08 -11.96 -20.84
N ASP D 84 -32.48 -11.44 -22.00
CA ASP D 84 -33.84 -11.63 -22.51
C ASP D 84 -33.90 -12.73 -23.56
N SER D 85 -32.74 -13.13 -24.09
CA SER D 85 -32.65 -14.14 -25.16
C SER D 85 -32.13 -15.49 -24.69
N LEU D 86 -31.31 -15.49 -23.64
CA LEU D 86 -30.63 -16.72 -23.17
C LEU D 86 -30.79 -16.95 -21.65
N ASN D 87 -30.64 -18.21 -21.24
CA ASN D 87 -30.67 -18.60 -19.82
C ASN D 87 -29.23 -18.88 -19.31
N VAL D 88 -28.77 -18.08 -18.34
CA VAL D 88 -27.34 -18.06 -17.92
C VAL D 88 -27.18 -18.13 -16.38
N ALA D 89 -26.11 -18.78 -15.91
CA ALA D 89 -25.80 -18.93 -14.47
C ALA D 89 -24.30 -19.14 -14.13
N ASP D 90 -23.98 -19.24 -12.83
CA ASP D 90 -22.62 -19.50 -12.34
C ASP D 90 -22.48 -20.95 -11.83
N ILE D 91 -21.56 -21.71 -12.42
CA ILE D 91 -21.42 -23.15 -12.12
C ILE D 91 -20.18 -23.59 -11.30
N GLY D 92 -19.41 -22.63 -10.79
CA GLY D 92 -18.30 -22.94 -9.88
C GLY D 92 -16.91 -23.10 -10.50
N ASP D 93 -16.03 -23.84 -9.81
CA ASP D 93 -14.64 -24.04 -10.22
C ASP D 93 -14.29 -25.51 -10.53
N VAL D 94 -13.14 -25.72 -11.19
CA VAL D 94 -12.60 -27.06 -11.48
C VAL D 94 -11.52 -27.43 -10.46
N ALA D 95 -11.60 -28.64 -9.91
CA ALA D 95 -10.68 -29.11 -8.85
C ALA D 95 -9.36 -29.70 -9.37
N ILE D 96 -8.37 -28.82 -9.57
CA ILE D 96 -7.04 -29.21 -10.08
C ILE D 96 -6.10 -29.75 -8.99
N ASN D 97 -5.02 -30.41 -9.43
CA ASN D 97 -3.95 -30.90 -8.55
C ASN D 97 -2.76 -29.92 -8.57
N THR D 98 -2.54 -29.24 -7.46
CA THR D 98 -1.51 -28.17 -7.42
C THR D 98 -0.08 -28.67 -7.14
N PHE D 99 0.09 -30.00 -7.09
CA PHE D 99 1.39 -30.61 -6.79
C PHE D 99 1.99 -31.38 -7.98
N ASN D 100 1.25 -31.48 -9.09
CA ASN D 100 1.68 -32.21 -10.28
C ASN D 100 1.07 -31.62 -11.56
N LEU D 101 1.92 -31.02 -12.40
CA LEU D 101 1.48 -30.29 -13.60
C LEU D 101 0.79 -31.15 -14.67
N LEU D 102 1.38 -32.29 -15.02
CA LEU D 102 0.80 -33.17 -16.05
C LEU D 102 -0.50 -33.85 -15.62
N GLU D 103 -0.66 -34.05 -14.32
CA GLU D 103 -1.90 -34.60 -13.75
C GLU D 103 -3.04 -33.58 -13.80
N ALA D 104 -2.71 -32.31 -13.59
CA ALA D 104 -3.69 -31.21 -13.69
C ALA D 104 -4.22 -31.07 -15.12
N VAL D 105 -3.33 -31.20 -16.11
CA VAL D 105 -3.68 -31.12 -17.54
C VAL D 105 -4.68 -32.21 -17.95
N ARG D 106 -4.54 -33.40 -17.37
CA ARG D 106 -5.46 -34.52 -17.61
C ARG D 106 -6.86 -34.23 -17.08
N ILE D 107 -6.93 -33.64 -15.89
CA ILE D 107 -8.20 -33.31 -15.21
C ILE D 107 -9.04 -32.27 -15.98
N ILE D 108 -8.36 -31.27 -16.55
CA ILE D 108 -9.02 -30.19 -17.29
C ILE D 108 -9.79 -30.72 -18.51
N GLU D 109 -9.17 -31.61 -19.27
CA GLU D 109 -9.80 -32.21 -20.46
C GLU D 109 -11.05 -33.03 -20.11
N GLN D 110 -10.96 -33.82 -19.03
CA GLN D 110 -12.05 -34.70 -18.60
C GLN D 110 -13.30 -33.95 -18.15
N GLU D 111 -13.11 -32.85 -17.42
CA GLU D 111 -14.24 -32.05 -16.92
C GLU D 111 -14.92 -31.20 -18.00
N TYR D 112 -14.17 -30.77 -19.00
CA TYR D 112 -14.74 -30.04 -20.14
C TYR D 112 -15.52 -30.95 -21.10
N ASP D 113 -15.17 -32.25 -21.09
CA ASP D 113 -15.97 -33.27 -21.79
C ASP D 113 -17.39 -33.38 -21.23
N ARG D 114 -17.52 -33.22 -19.90
CA ARG D 114 -18.82 -33.28 -19.22
C ARG D 114 -19.68 -32.04 -19.48
N ILE D 115 -19.04 -30.86 -19.48
CA ILE D 115 -19.72 -29.59 -19.69
C ILE D 115 -20.39 -29.51 -21.07
N LEU D 116 -19.65 -29.90 -22.10
CA LEU D 116 -20.16 -29.91 -23.48
C LEU D 116 -21.22 -30.99 -23.70
N GLY D 117 -21.24 -31.98 -22.81
CA GLY D 117 -22.25 -33.04 -22.83
C GLY D 117 -23.65 -32.56 -22.49
N HIS D 118 -23.76 -31.48 -21.71
CA HIS D 118 -25.05 -30.87 -21.38
C HIS D 118 -25.50 -29.87 -22.44
N GLY D 119 -24.60 -29.52 -23.35
CA GLY D 119 -24.90 -28.55 -24.43
C GLY D 119 -24.70 -27.09 -24.03
N ILE D 120 -23.73 -26.82 -23.16
CA ILE D 120 -23.46 -25.48 -22.64
C ILE D 120 -22.24 -24.84 -23.30
N LEU D 121 -22.36 -23.55 -23.67
CA LEU D 121 -21.25 -22.77 -24.22
C LEU D 121 -20.51 -22.05 -23.08
N PRO D 122 -19.17 -22.28 -22.96
CA PRO D 122 -18.40 -21.79 -21.81
C PRO D 122 -17.71 -20.43 -21.97
N LEU D 123 -17.69 -19.66 -20.88
CA LEU D 123 -16.93 -18.41 -20.78
C LEU D 123 -16.01 -18.49 -19.55
N THR D 124 -14.70 -18.55 -19.79
CA THR D 124 -13.73 -19.00 -18.76
C THR D 124 -12.87 -17.90 -18.10
N LEU D 125 -12.74 -18.00 -16.78
CA LEU D 125 -11.90 -17.12 -15.96
C LEU D 125 -10.61 -17.86 -15.52
N GLY D 126 -9.44 -17.30 -15.87
CA GLY D 126 -8.15 -17.91 -15.53
C GLY D 126 -7.39 -17.22 -14.39
N GLY D 127 -6.21 -17.71 -14.02
CA GLY D 127 -5.53 -18.86 -14.64
C GLY D 127 -4.44 -18.45 -15.62
N ASP D 128 -3.33 -19.20 -15.66
CA ASP D 128 -2.26 -18.94 -16.65
C ASP D 128 -2.53 -19.60 -18.02
N HIS D 129 -1.73 -19.26 -19.02
CA HIS D 129 -2.05 -19.59 -20.43
C HIS D 129 -1.87 -21.06 -20.84
N THR D 130 -1.41 -21.90 -19.91
CA THR D 130 -1.31 -23.34 -20.14
C THR D 130 -2.68 -24.00 -20.30
N ILE D 131 -3.71 -23.41 -19.68
CA ILE D 131 -5.07 -23.99 -19.64
C ILE D 131 -5.77 -24.14 -20.99
N THR D 132 -5.36 -23.33 -21.97
CA THR D 132 -6.02 -23.27 -23.29
C THR D 132 -5.77 -24.52 -24.16
N LEU D 133 -4.64 -25.21 -23.93
CA LEU D 133 -4.32 -26.43 -24.68
C LEU D 133 -5.31 -27.60 -24.45
N PRO D 134 -5.52 -28.03 -23.19
CA PRO D 134 -6.48 -29.12 -22.96
C PRO D 134 -7.95 -28.74 -23.26
N ILE D 135 -8.27 -27.46 -23.21
CA ILE D 135 -9.60 -26.97 -23.59
C ILE D 135 -9.85 -27.19 -25.10
N LEU D 136 -8.85 -26.89 -25.92
CA LEU D 136 -8.93 -27.09 -27.37
C LEU D 136 -9.00 -28.57 -27.78
N ARG D 137 -8.42 -29.45 -26.96
CA ARG D 137 -8.49 -30.89 -27.19
C ARG D 137 -9.94 -31.40 -27.13
N ALA D 138 -10.71 -30.86 -26.17
CA ALA D 138 -12.12 -31.23 -26.00
C ALA D 138 -13.04 -30.61 -27.05
N ILE D 139 -12.74 -29.38 -27.47
CA ILE D 139 -13.52 -28.64 -28.48
C ILE D 139 -13.48 -29.34 -29.86
N MLY D 140 -12.32 -29.87 -30.22
CA MLY D 140 -12.13 -30.55 -31.52
CB MLY D 140 -10.66 -30.87 -31.73
CG MLY D 140 -10.30 -30.96 -33.22
CD MLY D 140 -9.53 -32.24 -33.53
CE MLY D 140 -9.50 -32.53 -35.02
NZ MLY D 140 -8.71 -33.74 -35.31
CH1 MLY D 140 -7.97 -33.55 -36.55
CH2 MLY D 140 -9.60 -34.91 -35.44
C MLY D 140 -12.95 -31.81 -31.67
O MLY D 140 -13.38 -32.13 -32.78
N LYS D 141 -13.18 -32.51 -30.57
CA LYS D 141 -13.97 -33.74 -30.56
C LYS D 141 -15.45 -33.51 -30.90
N MLY D 142 -15.92 -32.28 -30.68
CA MLY D 142 -17.33 -31.92 -30.89
CB MLY D 142 -17.85 -31.12 -29.69
CG MLY D 142 -19.37 -31.08 -29.57
CD MLY D 142 -19.94 -32.37 -28.98
CE MLY D 142 -21.45 -32.29 -28.86
NZ MLY D 142 -22.04 -33.56 -28.33
C MLY D 142 -17.57 -31.15 -32.20
O MLY D 142 -18.59 -31.37 -32.86
N HIS D 143 -16.63 -30.28 -32.58
CA HIS D 143 -16.83 -29.37 -33.71
C HIS D 143 -15.88 -29.57 -34.90
N GLY D 144 -14.74 -30.23 -34.65
CA GLY D 144 -13.68 -30.34 -35.65
C GLY D 144 -12.66 -29.22 -35.53
N MLY D 145 -11.91 -28.98 -36.61
CA MLY D 145 -10.89 -27.92 -36.64
CB MLY D 145 -10.00 -28.09 -37.86
CG MLY D 145 -9.05 -29.27 -37.69
CD MLY D 145 -8.56 -29.79 -39.04
CE MLY D 145 -7.12 -29.33 -39.31
NZ MLY D 145 -6.80 -29.09 -40.73
CH1 MLY D 145 -7.70 -28.09 -41.33
CH2 MLY D 145 -6.86 -30.34 -41.51
C MLY D 145 -11.48 -26.54 -36.63
O MLY D 145 -12.50 -26.29 -37.28
N VAL D 146 -10.86 -25.62 -35.90
CA VAL D 146 -11.38 -24.26 -35.70
C VAL D 146 -10.39 -23.13 -36.05
N GLY D 147 -10.93 -21.94 -36.34
CA GLY D 147 -10.12 -20.73 -36.50
C GLY D 147 -9.86 -20.05 -35.17
N LEU D 148 -9.03 -19.00 -35.17
CA LEU D 148 -8.60 -18.33 -33.92
C LEU D 148 -8.31 -16.82 -34.03
N VAL D 149 -8.77 -16.07 -33.03
CA VAL D 149 -8.40 -14.65 -32.83
C VAL D 149 -7.68 -14.51 -31.48
N HIS D 150 -6.43 -14.06 -31.53
CA HIS D 150 -5.51 -14.09 -30.38
C HIS D 150 -4.88 -12.73 -30.05
N VAL D 151 -5.10 -12.24 -28.83
CA VAL D 151 -4.58 -10.94 -28.37
C VAL D 151 -3.52 -11.14 -27.26
N ASP D 152 -2.31 -10.63 -27.48
CA ASP D 152 -1.15 -10.91 -26.61
C ASP D 152 0.02 -9.95 -26.89
N ALA D 153 0.93 -9.81 -25.93
CA ALA D 153 2.18 -9.08 -26.13
C ALA D 153 3.31 -10.01 -26.58
N HIS D 154 3.06 -11.32 -26.54
CA HIS D 154 4.06 -12.35 -26.85
C HIS D 154 3.51 -13.36 -27.87
N ALA D 155 4.42 -14.03 -28.59
CA ALA D 155 4.06 -15.03 -29.61
C ALA D 155 3.57 -16.38 -29.03
N ASP D 156 4.22 -16.82 -27.95
CA ASP D 156 3.92 -18.10 -27.28
C ASP D 156 4.05 -19.33 -28.20
N VAL D 157 5.16 -19.40 -28.95
CA VAL D 157 5.44 -20.52 -29.86
C VAL D 157 6.82 -21.18 -29.65
N ASN D 158 7.26 -21.23 -28.40
CA ASN D 158 8.54 -21.86 -28.04
C ASN D 158 8.53 -23.38 -28.19
N ASP D 159 9.69 -23.96 -28.52
CA ASP D 159 9.84 -25.40 -28.63
C ASP D 159 10.01 -26.05 -27.25
N HIS D 160 10.73 -25.37 -26.36
CA HIS D 160 10.92 -25.85 -24.98
C HIS D 160 11.20 -24.70 -24.00
N MET D 161 10.99 -24.97 -22.71
CA MET D 161 11.37 -24.05 -21.63
C MET D 161 12.07 -24.83 -20.51
N PHE D 162 13.37 -24.57 -20.34
CA PHE D 162 14.25 -25.30 -19.40
C PHE D 162 14.25 -26.82 -19.65
N GLY D 163 14.01 -27.21 -20.91
CA GLY D 163 14.01 -28.61 -21.31
C GLY D 163 12.64 -29.29 -21.33
N GLU D 164 11.61 -28.56 -20.95
CA GLU D 164 10.25 -29.12 -20.81
C GLU D 164 9.33 -28.71 -21.96
N MLY D 165 8.48 -29.65 -22.38
CA MLY D 165 7.58 -29.44 -23.54
CB MLY D 165 7.29 -30.78 -24.24
CG MLY D 165 8.52 -31.51 -24.80
CD MLY D 165 9.14 -30.75 -25.98
CE MLY D 165 10.37 -31.47 -26.52
NZ MLY D 165 10.02 -32.66 -27.34
C MLY D 165 6.27 -28.72 -23.22
O MLY D 165 5.68 -28.08 -24.10
N ILE D 166 5.81 -28.82 -21.97
CA ILE D 166 4.53 -28.21 -21.56
C ILE D 166 4.75 -27.06 -20.58
N ALA D 167 4.50 -25.84 -21.05
CA ALA D 167 4.62 -24.61 -20.25
C ALA D 167 3.76 -23.49 -20.87
N HIS D 168 3.63 -22.36 -20.16
CA HIS D 168 2.71 -21.29 -20.58
C HIS D 168 3.17 -20.48 -21.82
N GLY D 169 4.36 -20.78 -22.32
CA GLY D 169 4.89 -20.13 -23.52
C GLY D 169 5.05 -21.05 -24.73
N THR D 170 4.50 -22.26 -24.64
CA THR D 170 4.60 -23.26 -25.71
C THR D 170 3.22 -23.67 -26.27
N THR D 171 2.16 -23.05 -25.75
CA THR D 171 0.76 -23.44 -26.01
C THR D 171 0.40 -23.63 -27.50
N PHE D 172 0.66 -22.59 -28.31
CA PHE D 172 0.20 -22.60 -29.71
C PHE D 172 1.15 -23.32 -30.69
N ARG D 173 2.34 -23.67 -30.21
CA ARG D 173 3.27 -24.53 -30.95
C ARG D 173 2.76 -25.98 -30.93
N ARG D 174 2.24 -26.40 -29.78
CA ARG D 174 1.73 -27.76 -29.59
C ARG D 174 0.42 -28.01 -30.34
N ALA D 175 -0.39 -26.95 -30.45
CA ALA D 175 -1.69 -27.02 -31.13
C ALA D 175 -1.57 -27.30 -32.63
N VAL D 176 -0.52 -26.77 -33.26
CA VAL D 176 -0.25 -26.98 -34.68
C VAL D 176 0.19 -28.42 -34.96
N GLU D 177 1.09 -28.93 -34.13
CA GLU D 177 1.63 -30.29 -34.26
C GLU D 177 0.57 -31.38 -34.07
N GLU D 178 -0.42 -31.10 -33.21
CA GLU D 178 -1.49 -32.04 -32.91
C GLU D 178 -2.69 -31.92 -33.86
N ASP D 179 -2.61 -30.97 -34.79
CA ASP D 179 -3.60 -30.75 -35.85
C ASP D 179 -4.97 -30.30 -35.34
N LEU D 180 -4.97 -29.25 -34.50
CA LEU D 180 -6.21 -28.73 -33.90
C LEU D 180 -6.77 -27.48 -34.60
N LEU D 181 -5.96 -26.84 -35.44
CA LEU D 181 -6.33 -25.57 -36.07
C LEU D 181 -6.34 -25.61 -37.60
N ASP D 182 -7.15 -24.74 -38.20
CA ASP D 182 -7.08 -24.45 -39.64
C ASP D 182 -6.14 -23.26 -39.81
N CYS D 183 -4.92 -23.54 -40.23
CA CYS D 183 -3.83 -22.55 -40.28
C CYS D 183 -4.08 -21.31 -41.15
N ASP D 184 -5.04 -21.41 -42.08
CA ASP D 184 -5.36 -20.30 -42.98
C ASP D 184 -6.42 -19.33 -42.42
N ARG D 185 -6.90 -19.58 -41.20
CA ARG D 185 -7.91 -18.73 -40.55
C ARG D 185 -7.47 -18.23 -39.16
N VAL D 186 -6.26 -17.67 -39.07
CA VAL D 186 -5.66 -17.23 -37.79
C VAL D 186 -5.04 -15.82 -37.86
N VAL D 187 -5.27 -15.01 -36.81
CA VAL D 187 -4.67 -13.66 -36.68
C VAL D 187 -4.15 -13.41 -35.24
N GLN D 188 -2.95 -12.82 -35.13
CA GLN D 188 -2.32 -12.44 -33.85
C GLN D 188 -2.11 -10.92 -33.76
N ILE D 189 -2.58 -10.29 -32.68
CA ILE D 189 -2.56 -8.82 -32.55
C ILE D 189 -1.90 -8.31 -31.25
N GLY D 190 -0.84 -7.50 -31.39
CA GLY D 190 -0.27 -6.75 -30.25
C GLY D 190 1.21 -6.96 -29.89
N LEU D 191 1.91 -7.80 -30.65
CA LEU D 191 3.29 -8.22 -30.30
C LEU D 191 4.34 -7.09 -30.32
N ARG D 192 5.25 -7.12 -29.35
CA ARG D 192 6.26 -6.05 -29.16
C ARG D 192 7.49 -6.51 -28.35
N ALA D 193 8.33 -5.55 -27.94
CA ALA D 193 9.51 -5.76 -27.05
C ALA D 193 10.75 -6.44 -27.68
N GLN D 194 11.54 -7.14 -26.86
CA GLN D 194 12.84 -7.72 -27.27
C GLN D 194 12.82 -9.24 -27.49
N GLY D 195 13.81 -9.75 -28.22
CA GLY D 195 13.98 -11.18 -28.50
C GLY D 195 15.42 -11.62 -28.76
N TYR D 196 15.57 -12.63 -29.63
CA TYR D 196 16.91 -13.16 -30.00
C TYR D 196 17.30 -13.00 -31.47
N THR D 197 16.41 -13.44 -32.38
CA THR D 197 16.59 -13.23 -33.83
C THR D 197 15.28 -12.82 -34.51
N ALA D 198 15.36 -12.47 -35.81
CA ALA D 198 14.19 -12.08 -36.60
C ALA D 198 13.17 -13.22 -36.77
N GLU D 199 13.64 -14.46 -36.63
CA GLU D 199 12.78 -15.64 -36.76
C GLU D 199 11.76 -15.81 -35.64
N ASP D 200 11.90 -15.03 -34.56
CA ASP D 200 10.98 -15.08 -33.42
C ASP D 200 9.56 -14.61 -33.77
N PHE D 201 9.44 -13.78 -34.81
CA PHE D 201 8.13 -13.39 -35.35
C PHE D 201 7.80 -14.02 -36.70
N ASN D 202 8.85 -14.38 -37.46
CA ASN D 202 8.69 -14.88 -38.83
C ASN D 202 8.28 -16.36 -38.99
N TRP D 203 8.41 -17.15 -37.92
CA TRP D 203 7.96 -18.55 -37.91
C TRP D 203 6.44 -18.64 -38.13
N SER D 204 5.69 -17.78 -37.45
CA SER D 204 4.23 -17.72 -37.57
C SER D 204 3.76 -17.38 -38.99
N ARG D 205 4.45 -16.43 -39.63
CA ARG D 205 4.12 -16.00 -40.99
C ARG D 205 4.31 -17.13 -42.02
N MLY D 206 5.33 -17.96 -41.80
CA MLY D 206 5.62 -19.11 -42.68
CB MLY D 206 7.03 -19.63 -42.42
CG MLY D 206 8.14 -18.68 -42.89
CD MLY D 206 9.52 -19.15 -42.44
CE MLY D 206 10.60 -18.18 -42.88
NZ MLY D 206 11.96 -18.62 -42.46
C MLY D 206 4.60 -20.24 -42.56
O MLY D 206 4.40 -21.02 -43.49
N GLN D 207 3.94 -20.32 -41.39
CA GLN D 207 2.88 -21.30 -41.17
C GLN D 207 1.55 -20.90 -41.81
N GLY D 208 1.37 -19.60 -42.05
CA GLY D 208 0.18 -19.08 -42.72
C GLY D 208 -0.59 -18.00 -41.99
N PHE D 209 -0.13 -17.60 -40.80
CA PHE D 209 -0.82 -16.60 -39.99
C PHE D 209 -0.53 -15.17 -40.48
N ARG D 210 -1.40 -14.22 -40.14
CA ARG D 210 -1.10 -12.80 -40.26
C ARG D 210 -0.70 -12.24 -38.90
N VAL D 211 0.41 -11.50 -38.87
CA VAL D 211 0.92 -10.89 -37.64
C VAL D 211 0.79 -9.36 -37.69
N VAL D 212 0.25 -8.78 -36.61
CA VAL D 212 0.10 -7.32 -36.49
C VAL D 212 0.83 -6.81 -35.23
N GLN D 213 1.96 -6.16 -35.43
CA GLN D 213 2.76 -5.59 -34.33
C GLN D 213 2.11 -4.32 -33.75
N ALA D 214 2.51 -3.96 -32.53
CA ALA D 214 1.94 -2.79 -31.83
C ALA D 214 2.19 -1.45 -32.54
N GLU D 215 3.33 -1.36 -33.22
CA GLU D 215 3.71 -0.16 -34.00
C GLU D 215 2.72 0.18 -35.12
N GLU D 216 2.06 -0.86 -35.67
CA GLU D 216 1.04 -0.69 -36.70
C GLU D 216 -0.28 -0.14 -36.12
N CYS D 217 -0.42 -0.23 -34.79
CA CYS D 217 -1.65 0.21 -34.09
C CYS D 217 -1.60 1.62 -33.50
N TRP D 218 -0.40 2.13 -33.18
CA TRP D 218 -0.25 3.43 -32.51
C TRP D 218 -1.00 4.60 -33.19
N HIS D 219 -1.60 5.45 -32.35
CA HIS D 219 -2.35 6.66 -32.77
C HIS D 219 -3.69 6.45 -33.53
N MLY D 220 -4.13 5.20 -33.73
CA MLY D 220 -5.26 4.91 -34.63
CB MLY D 220 -4.80 3.98 -35.74
CG MLY D 220 -3.99 4.68 -36.83
CD MLY D 220 -3.01 3.70 -37.46
CE MLY D 220 -2.71 4.07 -38.91
NZ MLY D 220 -1.25 4.06 -39.11
CH1 MLY D 220 -0.87 5.26 -39.88
CH2 MLY D 220 -0.85 2.86 -39.87
C MLY D 220 -6.51 4.29 -34.05
O MLY D 220 -6.47 3.66 -32.99
N SER D 221 -7.64 4.47 -34.75
CA SER D 221 -8.86 3.70 -34.50
C SER D 221 -8.76 2.36 -35.20
N LEU D 222 -9.30 1.30 -34.58
CA LEU D 222 -9.18 -0.05 -35.11
C LEU D 222 -10.42 -0.62 -35.81
N GLU D 223 -11.41 0.23 -36.08
CA GLU D 223 -12.63 -0.20 -36.77
C GLU D 223 -12.43 -0.69 -38.23
N PRO D 224 -11.59 -0.01 -39.02
CA PRO D 224 -11.32 -0.51 -40.39
C PRO D 224 -10.52 -1.83 -40.44
N LEU D 225 -9.62 -2.03 -39.48
CA LEU D 225 -8.83 -3.28 -39.39
C LEU D 225 -9.71 -4.52 -39.18
N MET D 226 -10.74 -4.39 -38.34
CA MET D 226 -11.61 -5.53 -38.01
C MET D 226 -12.49 -6.01 -39.16
N ALA D 227 -12.65 -5.16 -40.18
CA ALA D 227 -13.34 -5.55 -41.42
C ALA D 227 -12.49 -6.54 -42.22
N GLU D 228 -11.17 -6.32 -42.22
CA GLU D 228 -10.22 -7.25 -42.84
C GLU D 228 -10.16 -8.58 -42.08
N VAL D 229 -10.36 -8.51 -40.76
CA VAL D 229 -10.29 -9.68 -39.88
C VAL D 229 -11.47 -10.64 -40.11
N ARG D 230 -12.68 -10.10 -40.17
CA ARG D 230 -13.90 -10.89 -40.39
C ARG D 230 -13.84 -11.69 -41.70
N GLU D 231 -13.26 -11.09 -42.73
CA GLU D 231 -13.10 -11.71 -44.05
C GLU D 231 -12.12 -12.91 -43.99
N MLY D 232 -11.04 -12.75 -43.23
CA MLY D 232 -9.96 -13.75 -43.15
CB MLY D 232 -8.72 -13.09 -42.56
CG MLY D 232 -7.47 -13.98 -42.62
CD MLY D 232 -6.64 -13.70 -43.86
CE MLY D 232 -5.14 -13.70 -43.53
NZ MLY D 232 -4.32 -14.61 -44.38
CH1 MLY D 232 -4.62 -14.47 -45.82
CH2 MLY D 232 -4.48 -16.01 -43.94
C MLY D 232 -10.33 -15.01 -42.40
O MLY D 232 -10.02 -16.12 -42.86
N VAL D 233 -10.99 -14.87 -41.25
CA VAL D 233 -11.27 -16.00 -40.36
C VAL D 233 -12.67 -16.63 -40.53
N GLY D 234 -13.55 -15.94 -41.25
CA GLY D 234 -14.94 -16.38 -41.42
C GLY D 234 -15.15 -17.63 -42.26
N GLY D 235 -16.37 -18.16 -42.21
CA GLY D 235 -16.72 -19.37 -42.97
C GLY D 235 -16.52 -20.67 -42.20
N GLY D 236 -16.80 -20.62 -40.89
CA GLY D 236 -16.63 -21.78 -40.01
C GLY D 236 -16.58 -21.38 -38.54
N PRO D 237 -16.43 -22.36 -37.63
CA PRO D 237 -16.35 -22.10 -36.18
C PRO D 237 -15.03 -21.45 -35.76
N VAL D 238 -15.07 -20.68 -34.66
CA VAL D 238 -13.93 -19.87 -34.20
C VAL D 238 -13.85 -19.72 -32.67
N TYR D 239 -12.63 -19.62 -32.14
CA TYR D 239 -12.37 -19.45 -30.70
C TYR D 239 -11.67 -18.12 -30.41
N LEU D 240 -12.01 -17.47 -29.28
CA LEU D 240 -11.43 -16.18 -28.88
C LEU D 240 -10.64 -16.26 -27.56
N SER D 241 -9.36 -15.86 -27.60
CA SER D 241 -8.43 -15.98 -26.46
C SER D 241 -7.71 -14.66 -26.13
N PHE D 242 -7.93 -14.14 -24.90
CA PHE D 242 -7.43 -12.81 -24.51
C PHE D 242 -6.46 -12.84 -23.30
N ASP D 243 -5.19 -12.51 -23.57
CA ASP D 243 -4.14 -12.33 -22.54
C ASP D 243 -4.13 -10.87 -22.08
N ILE D 244 -4.30 -10.65 -20.78
CA ILE D 244 -4.41 -9.29 -20.22
C ILE D 244 -3.17 -8.40 -20.44
N ASP D 245 -1.99 -9.02 -20.56
CA ASP D 245 -0.73 -8.27 -20.76
C ASP D 245 -0.59 -7.65 -22.16
N GLY D 246 -1.63 -7.79 -22.98
CA GLY D 246 -1.72 -7.10 -24.27
C GLY D 246 -2.00 -5.61 -24.10
N ILE D 247 -2.59 -5.26 -22.95
CA ILE D 247 -2.91 -3.87 -22.61
C ILE D 247 -1.77 -3.20 -21.81
N ASP D 248 -1.55 -1.90 -22.07
CA ASP D 248 -0.53 -1.07 -21.41
C ASP D 248 -0.62 -1.11 -19.88
N PRO D 249 0.54 -1.19 -19.18
CA PRO D 249 0.61 -1.26 -17.71
C PRO D 249 0.04 -0.06 -16.92
N ALA D 250 -0.26 1.04 -17.61
CA ALA D 250 -0.95 2.18 -16.98
C ALA D 250 -2.38 1.81 -16.57
N TRP D 251 -2.97 0.84 -17.28
CA TRP D 251 -4.32 0.35 -17.02
C TRP D 251 -4.35 -1.04 -16.34
N ALA D 252 -3.32 -1.85 -16.59
CA ALA D 252 -3.26 -3.22 -16.06
C ALA D 252 -1.91 -3.59 -15.40
N PRO D 253 -1.62 -3.03 -14.21
CA PRO D 253 -0.34 -3.31 -13.55
C PRO D 253 -0.22 -4.71 -12.92
N GLY D 254 -1.36 -5.35 -12.62
CA GLY D 254 -1.37 -6.65 -11.94
C GLY D 254 -1.32 -7.86 -12.86
N THR D 255 -0.11 -8.19 -13.33
CA THR D 255 0.12 -9.34 -14.22
C THR D 255 1.56 -9.89 -14.12
N GLY D 256 1.76 -11.12 -14.59
CA GLY D 256 3.04 -11.83 -14.46
C GLY D 256 4.25 -11.29 -15.22
N THR D 257 4.06 -10.97 -16.50
CA THR D 257 5.15 -10.47 -17.36
C THR D 257 4.75 -9.22 -18.17
N PRO D 258 4.84 -8.02 -17.56
CA PRO D 258 4.46 -6.77 -18.24
C PRO D 258 5.49 -6.23 -19.26
N GLU D 259 4.99 -5.52 -20.28
CA GLU D 259 5.83 -4.88 -21.31
C GLU D 259 5.32 -3.46 -21.67
N ILE D 260 6.24 -2.50 -21.82
CA ILE D 260 5.87 -1.08 -22.04
C ILE D 260 5.33 -0.75 -23.43
N GLY D 261 4.49 0.30 -23.50
CA GLY D 261 3.97 0.86 -24.77
C GLY D 261 2.97 0.03 -25.55
N GLY D 262 1.87 -0.36 -24.91
CA GLY D 262 0.86 -1.23 -25.51
C GLY D 262 -0.45 -0.59 -25.93
N LEU D 263 -1.51 -1.41 -25.96
CA LEU D 263 -2.85 -0.99 -26.40
C LEU D 263 -3.66 -0.30 -25.30
N THR D 264 -4.57 0.59 -25.70
CA THR D 264 -5.47 1.29 -24.77
C THR D 264 -6.77 0.51 -24.52
N THR D 265 -7.56 0.92 -23.53
CA THR D 265 -8.84 0.26 -23.22
C THR D 265 -9.95 0.62 -24.22
N ILE D 266 -9.79 1.77 -24.89
CA ILE D 266 -10.66 2.16 -26.00
C ILE D 266 -10.48 1.21 -27.20
N GLN D 267 -9.22 0.89 -27.52
CA GLN D 267 -8.88 -0.04 -28.60
C GLN D 267 -9.33 -1.47 -28.33
N ALA D 268 -9.34 -1.86 -27.04
CA ALA D 268 -9.77 -3.19 -26.63
C ALA D 268 -11.27 -3.43 -26.83
N MET D 269 -12.06 -2.36 -26.66
CA MET D 269 -13.51 -2.41 -26.85
C MET D 269 -13.84 -2.48 -28.35
N GLU D 270 -13.03 -1.82 -29.18
CA GLU D 270 -13.20 -1.83 -30.63
C GLU D 270 -12.95 -3.22 -31.24
N ILE D 271 -12.07 -3.99 -30.61
CA ILE D 271 -11.78 -5.37 -31.05
C ILE D 271 -12.94 -6.34 -30.74
N ILE D 272 -13.43 -6.33 -29.50
CA ILE D 272 -14.49 -7.24 -29.06
C ILE D 272 -15.83 -6.98 -29.75
N ARG D 273 -16.23 -5.71 -29.83
CA ARG D 273 -17.47 -5.29 -30.51
C ARG D 273 -17.42 -5.60 -32.02
N GLY D 274 -16.22 -5.70 -32.57
CA GLY D 274 -16.00 -5.99 -33.99
C GLY D 274 -16.06 -7.47 -34.39
N CYS D 275 -16.35 -8.34 -33.42
CA CYS D 275 -16.50 -9.78 -33.69
C CYS D 275 -17.94 -10.18 -34.04
N GLN D 276 -18.84 -9.20 -34.02
CA GLN D 276 -20.27 -9.41 -34.34
C GLN D 276 -20.49 -9.96 -35.75
N GLY D 277 -21.13 -11.13 -35.83
CA GLY D 277 -21.41 -11.79 -37.11
C GLY D 277 -20.69 -13.11 -37.31
N LEU D 278 -19.76 -13.43 -36.41
CA LEU D 278 -18.99 -14.68 -36.47
C LEU D 278 -19.63 -15.81 -35.67
N ASP D 279 -19.29 -17.05 -36.03
CA ASP D 279 -19.81 -18.25 -35.37
C ASP D 279 -18.91 -18.67 -34.19
N LEU D 280 -19.05 -17.96 -33.07
CA LEU D 280 -18.23 -18.19 -31.88
C LEU D 280 -18.69 -19.42 -31.09
N ILE D 281 -17.74 -20.26 -30.68
CA ILE D 281 -18.03 -21.48 -29.91
C ILE D 281 -17.45 -21.52 -28.48
N GLY D 282 -16.73 -20.46 -28.09
CA GLY D 282 -16.11 -20.37 -26.74
C GLY D 282 -15.14 -19.20 -26.60
N CYS D 283 -14.92 -18.75 -25.36
CA CYS D 283 -14.06 -17.58 -25.04
C CYS D 283 -13.32 -17.74 -23.71
N ASP D 284 -12.17 -17.05 -23.55
CA ASP D 284 -11.45 -16.97 -22.25
C ASP D 284 -10.69 -15.64 -21.98
N LEU D 285 -10.42 -15.37 -20.69
CA LEU D 285 -9.69 -14.17 -20.23
C LEU D 285 -8.66 -14.54 -19.14
N VAL D 286 -7.37 -14.52 -19.49
CA VAL D 286 -6.31 -15.11 -18.65
C VAL D 286 -5.23 -14.15 -18.09
N GLU D 287 -4.51 -14.63 -17.06
CA GLU D 287 -3.27 -14.03 -16.49
C GLU D 287 -3.41 -12.84 -15.50
N VAL D 288 -4.59 -12.64 -14.91
CA VAL D 288 -4.79 -11.62 -13.86
C VAL D 288 -4.18 -12.10 -12.53
N SER D 289 -3.31 -11.27 -11.93
CA SER D 289 -2.60 -11.60 -10.69
C SER D 289 -2.80 -10.56 -9.57
N PRO D 290 -3.76 -10.83 -8.65
CA PRO D 290 -4.15 -9.92 -7.54
C PRO D 290 -3.05 -9.35 -6.61
N PRO D 291 -2.07 -10.17 -6.18
CA PRO D 291 -1.10 -9.62 -5.20
C PRO D 291 -0.15 -8.53 -5.74
N TYR D 292 -0.19 -8.25 -7.04
CA TYR D 292 0.67 -7.22 -7.64
C TYR D 292 -0.11 -5.96 -8.09
N ASP D 293 -1.35 -5.82 -7.61
CA ASP D 293 -2.12 -4.58 -7.73
C ASP D 293 -2.84 -4.29 -6.41
N THR D 294 -2.70 -3.06 -5.93
CA THR D 294 -3.18 -2.69 -4.58
C THR D 294 -4.53 -1.94 -4.54
N THR D 295 -5.19 -1.81 -5.69
CA THR D 295 -6.47 -1.10 -5.77
C THR D 295 -7.64 -2.00 -6.14
N GLY D 296 -7.37 -3.04 -6.93
CA GLY D 296 -8.43 -3.91 -7.47
C GLY D 296 -8.87 -3.51 -8.88
N ASN D 297 -8.20 -2.51 -9.44
CA ASN D 297 -8.52 -1.99 -10.78
C ASN D 297 -8.33 -2.97 -11.95
N THR D 298 -7.36 -3.89 -11.81
CA THR D 298 -7.10 -4.89 -12.85
C THR D 298 -8.24 -5.92 -12.95
N SER D 299 -8.80 -6.31 -11.81
CA SER D 299 -9.91 -7.27 -11.75
C SER D 299 -11.24 -6.69 -12.23
N LEU D 300 -11.47 -5.41 -11.95
CA LEU D 300 -12.65 -4.68 -12.42
C LEU D 300 -12.69 -4.57 -13.95
N LEU D 301 -11.53 -4.37 -14.56
CA LEU D 301 -11.40 -4.33 -16.02
C LEU D 301 -11.73 -5.69 -16.63
N GLY D 302 -11.22 -6.76 -16.03
CA GLY D 302 -11.50 -8.13 -16.46
C GLY D 302 -12.98 -8.50 -16.47
N ALA D 303 -13.70 -8.07 -15.44
CA ALA D 303 -15.14 -8.32 -15.32
C ALA D 303 -15.97 -7.62 -16.40
N ASN D 304 -15.61 -6.36 -16.69
CA ASN D 304 -16.31 -5.58 -17.72
C ASN D 304 -16.09 -6.08 -19.16
N LEU D 305 -14.91 -6.63 -19.44
CA LEU D 305 -14.60 -7.16 -20.77
C LEU D 305 -15.32 -8.47 -21.06
N LEU D 306 -15.54 -9.29 -20.02
CA LEU D 306 -16.30 -10.53 -20.14
C LEU D 306 -17.79 -10.30 -20.41
N TYR D 307 -18.34 -9.18 -19.92
CA TYR D 307 -19.72 -8.79 -20.23
C TYR D 307 -19.91 -8.46 -21.72
N GLU D 308 -18.91 -7.80 -22.31
CA GLU D 308 -18.94 -7.45 -23.73
C GLU D 308 -18.85 -8.68 -24.65
N MET D 309 -18.16 -9.72 -24.18
CA MET D 309 -18.08 -11.01 -24.90
C MET D 309 -19.45 -11.71 -24.98
N LEU D 310 -20.21 -11.62 -23.88
CA LEU D 310 -21.56 -12.20 -23.80
C LEU D 310 -22.54 -11.57 -24.80
N CYS D 311 -22.42 -10.25 -24.97
CA CYS D 311 -23.33 -9.46 -25.84
C CYS D 311 -23.25 -9.83 -27.33
N VAL D 312 -22.11 -10.39 -27.77
CA VAL D 312 -21.91 -10.68 -29.21
C VAL D 312 -22.08 -12.15 -29.65
N LEU D 313 -22.64 -12.99 -28.78
CA LEU D 313 -22.89 -14.39 -29.11
C LEU D 313 -24.06 -14.55 -30.08
N PRO D 314 -24.05 -15.61 -30.92
CA PRO D 314 -25.17 -15.90 -31.83
C PRO D 314 -26.48 -16.14 -31.09
N GLY D 315 -27.56 -15.50 -31.56
CA GLY D 315 -28.88 -15.63 -30.95
C GLY D 315 -29.38 -14.39 -30.23
N VAL D 316 -28.45 -13.51 -29.84
CA VAL D 316 -28.79 -12.28 -29.12
C VAL D 316 -29.37 -11.23 -30.07
N VAL D 317 -30.49 -10.63 -29.68
CA VAL D 317 -31.17 -9.63 -30.51
C VAL D 317 -30.90 -8.17 -30.07
N ARG D 318 -31.05 -7.24 -31.00
CA ARG D 318 -30.79 -5.82 -30.76
C ARG D 318 -32.07 -5.00 -30.61
N ARG D 319 -32.10 -4.14 -29.59
CA ARG D 319 -33.22 -3.21 -29.38
C ARG D 319 -32.72 -1.87 -28.87
N ASN E 4 -3.84 47.16 -1.95
CA ASN E 4 -3.20 45.85 -1.62
C ASN E 4 -4.20 44.69 -1.65
N LEU E 5 -3.78 43.60 -2.28
CA LEU E 5 -4.60 42.39 -2.41
C LEU E 5 -3.86 41.19 -1.81
N HIS E 6 -4.61 40.19 -1.35
CA HIS E 6 -4.04 38.98 -0.73
C HIS E 6 -3.16 38.18 -1.70
N GLN E 7 -2.08 37.62 -1.18
CA GLN E 7 -1.13 36.82 -1.98
C GLN E 7 -0.75 35.51 -1.27
N PRO E 8 -0.54 34.42 -2.04
CA PRO E 8 -0.06 33.15 -1.48
C PRO E 8 1.41 33.22 -1.04
N LEU E 9 1.79 32.40 -0.08
CA LEU E 9 3.18 32.35 0.41
C LEU E 9 4.14 31.73 -0.61
N GLY E 10 5.35 32.28 -0.67
CA GLY E 10 6.40 31.81 -1.59
C GLY E 10 7.48 30.98 -0.92
N GLY E 11 8.25 30.27 -1.74
CA GLY E 11 9.31 29.37 -1.26
C GLY E 11 10.49 30.05 -0.59
N ASN E 12 10.77 31.29 -0.98
CA ASN E 12 11.84 32.08 -0.36
C ASN E 12 11.46 32.67 1.01
N GLU E 13 10.17 32.59 1.34
CA GLU E 13 9.68 32.97 2.67
C GLU E 13 9.72 31.76 3.63
N MET E 14 9.15 30.64 3.17
CA MET E 14 9.11 29.38 3.92
C MET E 14 9.02 28.21 2.92
N PRO E 15 9.90 27.20 3.07
CA PRO E 15 9.89 26.02 2.18
C PRO E 15 8.52 25.33 2.15
N ARG E 16 8.15 24.81 0.99
CA ARG E 16 6.78 24.37 0.71
C ARG E 16 6.29 23.14 1.48
N PHE E 17 7.23 22.39 2.08
CA PHE E 17 6.87 21.26 2.94
C PHE E 17 6.53 21.66 4.38
N GLY E 18 6.58 22.97 4.67
CA GLY E 18 6.25 23.51 5.99
C GLY E 18 5.20 24.61 5.97
N GLY E 19 4.73 24.99 7.16
CA GLY E 19 3.67 25.98 7.31
C GLY E 19 2.28 25.36 7.44
N ILE E 20 1.34 26.11 8.03
CA ILE E 20 -0.04 25.65 8.22
C ILE E 20 -0.77 25.48 6.89
N ALA E 21 -1.53 24.38 6.77
CA ALA E 21 -2.12 23.96 5.49
C ALA E 21 -3.52 24.49 5.17
N THR E 22 -3.59 25.75 4.75
CA THR E 22 -4.80 26.31 4.14
C THR E 22 -4.69 26.18 2.61
N MET E 23 -5.79 26.44 1.89
CA MET E 23 -5.82 26.35 0.43
C MET E 23 -4.88 27.36 -0.23
N MET E 24 -3.90 26.85 -0.97
CA MET E 24 -2.83 27.65 -1.59
C MET E 24 -2.04 28.53 -0.60
N ARG E 25 -2.02 28.09 0.66
CA ARG E 25 -1.36 28.81 1.78
C ARG E 25 -1.81 30.28 1.92
N LEU E 26 -3.11 30.51 1.80
CA LEU E 26 -3.71 31.85 1.90
C LEU E 26 -4.19 32.15 3.33
N PRO E 27 -4.49 33.43 3.64
CA PRO E 27 -5.03 33.82 4.96
C PRO E 27 -6.40 33.22 5.28
N HIS E 28 -6.70 33.12 6.58
CA HIS E 28 -7.97 32.58 7.07
C HIS E 28 -8.86 33.71 7.62
N VAL E 29 -9.99 33.95 6.95
CA VAL E 29 -10.88 35.10 7.23
C VAL E 29 -12.19 34.68 7.92
N GLN E 30 -12.55 35.38 9.00
CA GLN E 30 -13.71 35.02 9.82
C GLN E 30 -14.67 36.17 10.21
N SER E 31 -14.14 37.38 10.35
CA SER E 31 -14.94 38.53 10.82
C SER E 31 -15.89 39.10 9.77
N PRO E 32 -17.03 39.68 10.21
CA PRO E 32 -17.99 40.34 9.31
C PRO E 32 -17.39 41.43 8.44
N ALA E 33 -16.46 42.21 8.99
CA ALA E 33 -15.82 43.32 8.28
C ALA E 33 -14.90 42.86 7.15
N GLU E 34 -14.14 41.79 7.39
CA GLU E 34 -13.20 41.28 6.39
C GLU E 34 -13.87 40.44 5.30
N LEU E 35 -15.06 39.92 5.58
CA LEU E 35 -15.85 39.16 4.61
C LEU E 35 -16.46 40.04 3.52
N ASP E 36 -16.95 41.23 3.91
CA ASP E 36 -17.55 42.18 2.98
C ASP E 36 -16.58 42.70 1.91
N ALA E 37 -15.28 42.56 2.17
CA ALA E 37 -14.23 43.07 1.29
C ALA E 37 -13.72 42.07 0.24
N LEU E 38 -14.24 40.85 0.26
CA LEU E 38 -13.79 39.78 -0.66
C LEU E 38 -14.63 39.70 -1.94
N ASP E 39 -13.95 39.50 -3.07
CA ASP E 39 -14.61 39.30 -4.37
C ASP E 39 -14.98 37.82 -4.58
N ALA E 40 -14.11 36.91 -4.15
CA ALA E 40 -14.33 35.45 -4.26
C ALA E 40 -13.62 34.69 -3.13
N ALA E 41 -14.00 33.43 -2.92
CA ALA E 41 -13.44 32.60 -1.83
C ALA E 41 -13.59 31.08 -2.03
N PHE E 42 -12.73 30.31 -1.36
CA PHE E 42 -12.80 28.84 -1.33
C PHE E 42 -13.54 28.36 -0.06
N VAL E 43 -14.40 27.34 -0.21
CA VAL E 43 -15.22 26.83 0.91
C VAL E 43 -15.55 25.31 0.78
N GLY E 44 -15.62 24.60 1.92
CA GLY E 44 -15.81 23.14 1.92
C GLY E 44 -17.07 22.60 2.60
N VAL E 45 -17.54 21.44 2.11
CA VAL E 45 -18.73 20.75 2.64
C VAL E 45 -18.50 19.22 2.72
N PRO E 46 -18.24 18.69 3.93
CA PRO E 46 -17.84 17.28 4.10
C PRO E 46 -18.97 16.26 4.37
N LEU E 47 -19.76 15.95 3.34
CA LEU E 47 -20.89 15.01 3.44
C LEU E 47 -20.67 13.73 2.63
N ASP E 48 -21.00 12.58 3.21
CA ASP E 48 -20.94 11.30 2.49
C ASP E 48 -22.07 10.29 2.78
N ILE E 49 -23.08 10.72 3.54
CA ILE E 49 -24.19 9.81 3.93
C ILE E 49 -25.30 9.64 2.86
N GLY E 50 -25.02 10.10 1.63
CA GLY E 50 -25.97 9.89 0.53
C GLY E 50 -25.48 8.97 -0.59
N THR E 51 -24.36 8.29 -0.35
CA THR E 51 -23.71 7.42 -1.35
C THR E 51 -24.37 6.04 -1.46
N SER E 52 -24.27 5.42 -2.66
CA SER E 52 -24.94 4.12 -2.90
C SER E 52 -24.00 2.91 -3.04
N LEU E 53 -22.69 3.17 -3.15
CA LEU E 53 -21.68 2.10 -3.18
C LEU E 53 -20.58 2.31 -2.13
N ARG E 54 -19.45 2.93 -2.51
CA ARG E 54 -18.35 3.18 -1.57
C ARG E 54 -18.51 4.51 -0.81
N SER E 55 -18.17 4.48 0.50
CA SER E 55 -18.11 5.76 1.29
C SER E 55 -16.66 6.28 1.39
N GLY E 56 -16.49 7.47 1.98
CA GLY E 56 -15.15 8.02 2.25
C GLY E 56 -14.91 9.47 1.84
N THR E 57 -15.82 10.03 1.05
CA THR E 57 -15.65 11.39 0.51
C THR E 57 -15.86 12.51 1.56
N ARG E 58 -16.02 12.11 2.83
CA ARG E 58 -16.06 13.08 3.94
C ARG E 58 -14.68 13.71 4.21
N PHE E 59 -13.62 13.01 3.81
CA PHE E 59 -12.24 13.51 3.96
C PHE E 59 -11.73 14.30 2.74
N GLY E 60 -12.58 14.42 1.72
CA GLY E 60 -12.25 15.13 0.48
C GLY E 60 -11.63 16.52 0.63
N PRO E 61 -12.29 17.43 1.37
CA PRO E 61 -11.77 18.80 1.57
C PRO E 61 -10.38 18.88 2.24
N ARG E 62 -10.06 17.95 3.13
CA ARG E 62 -8.78 17.99 3.86
C ARG E 62 -7.56 17.62 3.01
N GLU E 63 -7.67 16.59 2.18
CA GLU E 63 -6.55 16.15 1.32
C GLU E 63 -6.28 17.10 0.15
N ILE E 64 -7.33 17.71 -0.39
CA ILE E 64 -7.20 18.69 -1.48
C ILE E 64 -6.37 19.91 -1.03
N ARG E 65 -6.60 20.35 0.21
CA ARG E 65 -5.84 21.44 0.83
C ARG E 65 -4.35 21.09 0.99
N ALA E 66 -4.08 19.85 1.42
CA ALA E 66 -2.70 19.41 1.70
C ALA E 66 -1.81 19.29 0.47
N GLU E 67 -2.39 18.91 -0.67
CA GLU E 67 -1.63 18.74 -1.91
C GLU E 67 -1.44 20.05 -2.71
N SER E 68 -2.20 21.09 -2.33
CA SER E 68 -2.22 22.35 -3.09
C SER E 68 -1.01 23.28 -2.89
N VAL E 69 -0.07 22.87 -2.03
CA VAL E 69 1.09 23.71 -1.64
C VAL E 69 2.10 23.97 -2.77
N MET E 70 1.87 23.36 -3.93
CA MET E 70 2.79 23.43 -5.08
C MET E 70 2.49 24.55 -6.08
N ILE E 71 1.25 25.05 -6.08
CA ILE E 71 0.74 25.93 -7.15
C ILE E 71 1.31 27.36 -7.11
N ARG E 72 1.67 27.87 -8.29
CA ARG E 72 2.17 29.25 -8.46
C ARG E 72 1.12 30.16 -9.15
N PRO E 73 1.28 31.49 -9.04
CA PRO E 73 0.16 32.40 -9.37
C PRO E 73 -0.08 32.78 -10.85
N TYR E 74 0.91 32.63 -11.72
CA TYR E 74 0.80 33.09 -13.11
C TYR E 74 0.69 31.94 -14.14
N ASN E 75 -0.29 32.05 -15.05
CA ASN E 75 -0.57 31.03 -16.06
C ASN E 75 0.30 31.21 -17.32
N MET E 76 1.25 30.31 -17.53
CA MET E 76 2.21 30.41 -18.64
C MET E 76 1.55 30.27 -20.03
N ALA E 77 0.51 29.43 -20.12
CA ALA E 77 -0.16 29.15 -21.39
C ALA E 77 -1.12 30.25 -21.85
N THR E 78 -1.96 30.74 -20.94
CA THR E 78 -3.01 31.70 -21.31
C THR E 78 -2.64 33.17 -21.04
N GLY E 79 -1.81 33.40 -20.03
CA GLY E 79 -1.39 34.75 -19.66
C GLY E 79 -2.24 35.40 -18.58
N ALA E 80 -3.14 34.62 -17.99
CA ALA E 80 -4.06 35.13 -16.96
C ALA E 80 -3.38 35.37 -15.61
N ALA E 81 -3.80 36.43 -14.92
CA ALA E 81 -3.28 36.78 -13.60
C ALA E 81 -4.39 37.23 -12.64
N PRO E 82 -5.05 36.26 -11.97
CA PRO E 82 -6.18 36.56 -11.08
C PRO E 82 -5.83 37.33 -9.81
N PHE E 83 -4.64 37.11 -9.26
CA PHE E 83 -4.23 37.72 -8.00
C PHE E 83 -3.82 39.20 -8.14
N ASP E 84 -3.73 39.69 -9.37
CA ASP E 84 -3.50 41.11 -9.64
C ASP E 84 -4.81 41.85 -9.93
N SER E 85 -5.91 41.10 -9.99
CA SER E 85 -7.23 41.65 -10.32
C SER E 85 -8.25 41.57 -9.19
N LEU E 86 -8.31 40.42 -8.52
CA LEU E 86 -9.34 40.15 -7.51
C LEU E 86 -8.78 39.90 -6.10
N ASN E 87 -9.64 40.04 -5.09
CA ASN E 87 -9.29 39.79 -3.68
C ASN E 87 -9.87 38.45 -3.20
N VAL E 88 -8.99 37.52 -2.82
CA VAL E 88 -9.39 36.12 -2.54
C VAL E 88 -8.80 35.57 -1.22
N ALA E 89 -9.55 34.68 -0.55
CA ALA E 89 -9.10 34.03 0.70
C ALA E 89 -9.80 32.67 0.99
N ASP E 90 -9.40 32.02 2.08
CA ASP E 90 -10.00 30.76 2.56
C ASP E 90 -10.92 31.02 3.76
N ILE E 91 -12.17 30.55 3.67
CA ILE E 91 -13.18 30.83 4.71
C ILE E 91 -13.70 29.64 5.53
N GLY E 92 -13.12 28.45 5.34
CA GLY E 92 -13.41 27.28 6.19
C GLY E 92 -14.46 26.30 5.69
N ASP E 93 -15.08 25.57 6.62
CA ASP E 93 -16.06 24.51 6.31
C ASP E 93 -17.46 24.78 6.90
N VAL E 94 -18.46 24.09 6.37
CA VAL E 94 -19.85 24.15 6.89
C VAL E 94 -20.12 22.99 7.87
N ALA E 95 -20.70 23.31 9.02
CA ALA E 95 -20.95 22.32 10.08
C ALA E 95 -22.23 21.51 9.88
N ILE E 96 -22.11 20.37 9.19
CA ILE E 96 -23.24 19.49 8.89
C ILE E 96 -23.58 18.50 10.03
N ASN E 97 -24.78 17.93 9.97
CA ASN E 97 -25.24 16.89 10.90
C ASN E 97 -25.06 15.50 10.26
N THR E 98 -24.04 14.77 10.71
CA THR E 98 -23.68 13.48 10.11
C THR E 98 -24.62 12.31 10.48
N PHE E 99 -25.62 12.59 11.31
CA PHE E 99 -26.56 11.57 11.80
C PHE E 99 -27.98 11.68 11.21
N ASN E 100 -28.25 12.74 10.44
CA ASN E 100 -29.57 13.00 9.86
C ASN E 100 -29.48 13.72 8.51
N LEU E 101 -29.83 13.03 7.43
CA LEU E 101 -29.67 13.52 6.06
C LEU E 101 -30.54 14.74 5.70
N LEU E 102 -31.80 14.74 6.11
CA LEU E 102 -32.71 15.84 5.80
C LEU E 102 -32.38 17.13 6.55
N GLU E 103 -31.86 16.99 7.77
CA GLU E 103 -31.43 18.13 8.60
C GLU E 103 -30.15 18.77 8.02
N ALA E 104 -29.30 17.95 7.43
CA ALA E 104 -28.08 18.44 6.78
C ALA E 104 -28.39 19.27 5.53
N VAL E 105 -29.46 18.92 4.83
CA VAL E 105 -29.91 19.64 3.64
C VAL E 105 -30.46 21.04 4.00
N ARG E 106 -31.14 21.12 5.15
CA ARG E 106 -31.68 22.38 5.65
C ARG E 106 -30.55 23.35 6.06
N ILE E 107 -29.49 22.81 6.65
CA ILE E 107 -28.33 23.60 7.10
C ILE E 107 -27.57 24.22 5.92
N ILE E 108 -27.39 23.46 4.84
CA ILE E 108 -26.67 23.93 3.64
C ILE E 108 -27.32 25.18 3.01
N GLU E 109 -28.63 25.15 2.80
CA GLU E 109 -29.35 26.29 2.20
C GLU E 109 -29.24 27.57 3.03
N GLN E 110 -29.28 27.44 4.35
CA GLN E 110 -29.21 28.59 5.25
C GLN E 110 -27.87 29.33 5.19
N GLU E 111 -26.76 28.59 5.19
CA GLU E 111 -25.43 29.18 5.21
C GLU E 111 -25.02 29.83 3.88
N TYR E 112 -25.51 29.29 2.77
CA TYR E 112 -25.24 29.86 1.44
C TYR E 112 -26.05 31.15 1.19
N ASP E 113 -27.17 31.30 1.90
CA ASP E 113 -27.92 32.56 1.91
C ASP E 113 -27.08 33.69 2.52
N ARG E 114 -26.31 33.36 3.56
CA ARG E 114 -25.44 34.32 4.24
C ARG E 114 -24.20 34.69 3.43
N ILE E 115 -23.63 33.70 2.72
CA ILE E 115 -22.44 33.91 1.89
C ILE E 115 -22.73 34.87 0.72
N LEU E 116 -23.85 34.66 0.05
CA LEU E 116 -24.26 35.52 -1.07
C LEU E 116 -24.72 36.91 -0.58
N GLY E 117 -25.13 36.99 0.68
CA GLY E 117 -25.49 38.25 1.33
C GLY E 117 -24.32 39.20 1.50
N HIS E 118 -23.12 38.65 1.66
CA HIS E 118 -21.88 39.43 1.72
C HIS E 118 -21.37 39.81 0.33
N GLY E 119 -22.00 39.28 -0.71
CA GLY E 119 -21.63 39.56 -2.11
C GLY E 119 -20.45 38.76 -2.64
N ILE E 120 -20.32 37.51 -2.19
CA ILE E 120 -19.18 36.65 -2.52
C ILE E 120 -19.53 35.57 -3.54
N LEU E 121 -18.65 35.37 -4.53
CA LEU E 121 -18.79 34.26 -5.49
C LEU E 121 -18.04 33.03 -4.98
N PRO E 122 -18.74 31.88 -4.85
CA PRO E 122 -18.18 30.68 -4.22
C PRO E 122 -17.53 29.65 -5.16
N LEU E 123 -16.45 29.02 -4.68
CA LEU E 123 -15.78 27.90 -5.36
C LEU E 123 -15.69 26.73 -4.38
N THR E 124 -16.47 25.67 -4.63
CA THR E 124 -16.79 24.66 -3.62
C THR E 124 -16.00 23.34 -3.70
N LEU E 125 -15.57 22.87 -2.53
CA LEU E 125 -14.90 21.57 -2.37
C LEU E 125 -15.84 20.57 -1.66
N GLY E 126 -16.12 19.44 -2.31
CA GLY E 126 -17.00 18.41 -1.74
C GLY E 126 -16.28 17.15 -1.28
N GLY E 127 -17.02 16.12 -0.84
CA GLY E 127 -18.49 16.11 -0.77
C GLY E 127 -19.14 15.34 -1.90
N ASP E 128 -20.20 14.59 -1.60
CA ASP E 128 -20.95 13.85 -2.64
C ASP E 128 -21.96 14.75 -3.38
N HIS E 129 -22.55 14.24 -4.46
CA HIS E 129 -23.34 15.06 -5.41
C HIS E 129 -24.70 15.55 -4.91
N THR E 130 -25.11 15.14 -3.70
CA THR E 130 -26.37 15.60 -3.10
C THR E 130 -26.34 17.10 -2.76
N ILE E 131 -25.15 17.62 -2.48
CA ILE E 131 -24.96 19.02 -2.06
C ILE E 131 -25.38 20.09 -3.07
N THR E 132 -25.45 19.72 -4.35
CA THR E 132 -25.73 20.68 -5.44
C THR E 132 -27.18 21.16 -5.47
N LEU E 133 -28.11 20.36 -4.93
CA LEU E 133 -29.53 20.73 -4.90
C LEU E 133 -29.85 21.94 -3.99
N PRO E 134 -29.41 21.89 -2.70
CA PRO E 134 -29.65 23.06 -1.82
C PRO E 134 -28.86 24.32 -2.22
N ILE E 135 -27.73 24.15 -2.90
CA ILE E 135 -26.95 25.29 -3.41
C ILE E 135 -27.71 26.04 -4.50
N LEU E 136 -28.31 25.30 -5.43
CA LEU E 136 -29.10 25.89 -6.52
C LEU E 136 -30.38 26.58 -6.03
N ARG E 137 -30.92 26.13 -4.90
CA ARG E 137 -32.08 26.76 -4.26
C ARG E 137 -31.79 28.21 -3.82
N ALA E 138 -30.58 28.43 -3.32
CA ALA E 138 -30.15 29.76 -2.88
C ALA E 138 -29.69 30.66 -4.04
N ILE E 139 -29.15 30.05 -5.09
CA ILE E 139 -28.73 30.77 -6.30
C ILE E 139 -29.91 31.40 -7.04
N MLY E 140 -31.00 30.65 -7.16
CA MLY E 140 -32.19 31.09 -7.90
CB MLY E 140 -33.21 29.96 -8.05
CG MLY E 140 -34.25 30.21 -9.15
CD MLY E 140 -35.67 29.91 -8.67
CE MLY E 140 -36.69 30.38 -9.68
NZ MLY E 140 -38.10 30.28 -9.16
C MLY E 140 -32.87 32.31 -7.25
O MLY E 140 -33.41 33.17 -7.94
N LYS E 141 -32.84 32.35 -5.91
CA LYS E 141 -33.41 33.48 -5.16
C LYS E 141 -32.71 34.80 -5.44
N MLY E 142 -31.42 34.72 -5.78
CA MLY E 142 -30.60 35.91 -6.05
CB MLY E 142 -29.16 35.68 -5.56
CG MLY E 142 -28.28 36.93 -5.51
CD MLY E 142 -28.52 37.73 -4.23
CE MLY E 142 -27.56 38.91 -4.13
NZ MLY E 142 -27.82 39.74 -2.93
C MLY E 142 -30.60 36.31 -7.53
O MLY E 142 -30.74 37.49 -7.85
N HIS E 143 -30.45 35.33 -8.42
CA HIS E 143 -30.19 35.60 -9.85
C HIS E 143 -31.36 35.29 -10.79
N GLY E 144 -32.28 34.43 -10.37
CA GLY E 144 -33.34 33.93 -11.26
C GLY E 144 -32.96 32.58 -11.85
N MLY E 145 -33.57 32.23 -12.99
CA MLY E 145 -33.28 30.96 -13.67
CB MLY E 145 -34.36 30.65 -14.72
CG MLY E 145 -35.65 30.18 -14.07
CD MLY E 145 -36.45 29.29 -15.03
CE MLY E 145 -37.63 30.03 -15.64
NZ MLY E 145 -38.89 29.25 -15.69
CH1 MLY E 145 -39.28 28.78 -14.34
CH2 MLY E 145 -38.78 28.11 -16.61
C MLY E 145 -31.94 30.97 -14.35
O MLY E 145 -31.54 31.99 -14.94
N VAL E 146 -31.22 29.85 -14.29
CA VAL E 146 -29.85 29.75 -14.80
C VAL E 146 -29.59 28.60 -15.79
N GLY E 147 -28.55 28.76 -16.61
CA GLY E 147 -28.06 27.69 -17.50
C GLY E 147 -27.03 26.82 -16.79
N LEU E 148 -26.64 25.72 -17.44
CA LEU E 148 -25.79 24.71 -16.79
C LEU E 148 -24.85 23.95 -17.74
N VAL E 149 -23.60 23.77 -17.29
CA VAL E 149 -22.62 22.87 -17.93
C VAL E 149 -22.27 21.74 -16.94
N HIS E 150 -22.52 20.50 -17.35
CA HIS E 150 -22.43 19.34 -16.45
C HIS E 150 -21.53 18.22 -17.01
N VAL E 151 -20.47 17.89 -16.26
CA VAL E 151 -19.52 16.83 -16.65
C VAL E 151 -19.67 15.61 -15.72
N ASP E 152 -19.93 14.44 -16.31
CA ASP E 152 -20.26 13.23 -15.54
C ASP E 152 -20.23 11.97 -16.40
N ALA E 153 -20.07 10.81 -15.76
CA ALA E 153 -20.22 9.52 -16.43
C ALA E 153 -21.66 9.00 -16.35
N HIS E 154 -22.47 9.68 -15.53
CA HIS E 154 -23.87 9.29 -15.27
C HIS E 154 -24.83 10.46 -15.53
N ALA E 155 -26.11 10.15 -15.76
CA ALA E 155 -27.15 11.16 -16.01
C ALA E 155 -27.71 11.80 -14.74
N ASP E 156 -27.85 11.00 -13.68
CA ASP E 156 -28.34 11.45 -12.36
C ASP E 156 -29.77 12.02 -12.37
N VAL E 157 -30.69 11.30 -13.01
CA VAL E 157 -32.10 11.74 -13.14
C VAL E 157 -33.14 10.73 -12.65
N ASN E 158 -32.77 9.90 -11.67
CA ASN E 158 -33.66 8.89 -11.09
C ASN E 158 -34.86 9.49 -10.35
N ASP E 159 -36.00 8.80 -10.39
CA ASP E 159 -37.20 9.24 -9.67
C ASP E 159 -37.10 8.92 -8.18
N HIS E 160 -36.47 7.80 -7.84
CA HIS E 160 -36.27 7.39 -6.45
C HIS E 160 -35.08 6.42 -6.29
N MET E 161 -34.53 6.36 -5.07
CA MET E 161 -33.52 5.37 -4.70
C MET E 161 -33.93 4.65 -3.41
N PHE E 162 -34.18 3.35 -3.51
CA PHE E 162 -34.68 2.50 -2.40
C PHE E 162 -35.96 3.08 -1.75
N GLY E 163 -36.75 3.78 -2.55
CA GLY E 163 -38.00 4.39 -2.09
C GLY E 163 -37.87 5.81 -1.58
N GLU E 164 -36.65 6.33 -1.59
CA GLU E 164 -36.37 7.69 -1.08
C GLU E 164 -36.16 8.68 -2.23
N MLY E 165 -36.66 9.90 -2.05
CA MLY E 165 -36.65 10.91 -3.11
CB MLY E 165 -37.95 11.73 -3.09
CG MLY E 165 -39.21 10.91 -3.39
CD MLY E 165 -40.32 11.76 -4.01
CE MLY E 165 -41.50 10.90 -4.40
NZ MLY E 165 -42.52 11.64 -5.19
C MLY E 165 -35.42 11.83 -3.15
O MLY E 165 -35.13 12.44 -4.18
N ILE E 166 -34.72 11.94 -2.02
CA ILE E 166 -33.51 12.77 -1.94
C ILE E 166 -32.24 11.92 -1.75
N ALA E 167 -31.45 11.80 -2.82
CA ALA E 167 -30.19 11.02 -2.81
C ALA E 167 -29.24 11.51 -3.90
N HIS E 168 -28.01 10.98 -3.91
CA HIS E 168 -26.94 11.48 -4.80
C HIS E 168 -27.14 11.17 -6.30
N GLY E 169 -28.20 10.42 -6.63
CA GLY E 169 -28.52 10.10 -8.03
C GLY E 169 -29.84 10.66 -8.54
N THR E 170 -30.47 11.54 -7.76
CA THR E 170 -31.77 12.14 -8.13
C THR E 170 -31.71 13.66 -8.29
N THR E 171 -30.53 14.25 -8.05
CA THR E 171 -30.32 15.71 -7.98
C THR E 171 -31.01 16.54 -9.08
N PHE E 172 -30.78 16.18 -10.34
CA PHE E 172 -31.22 17.00 -11.47
C PHE E 172 -32.68 16.78 -11.91
N ARG E 173 -33.26 15.65 -11.51
CA ARG E 173 -34.70 15.40 -11.68
C ARG E 173 -35.51 16.36 -10.81
N ARG E 174 -35.06 16.55 -9.56
CA ARG E 174 -35.70 17.46 -8.61
C ARG E 174 -35.60 18.92 -9.03
N ALA E 175 -34.48 19.29 -9.66
CA ALA E 175 -34.24 20.67 -10.12
C ALA E 175 -35.19 21.10 -11.23
N VAL E 176 -35.56 20.16 -12.09
CA VAL E 176 -36.52 20.41 -13.18
C VAL E 176 -37.94 20.59 -12.64
N GLU E 177 -38.32 19.75 -11.67
CA GLU E 177 -39.65 19.81 -11.04
C GLU E 177 -39.87 21.08 -10.21
N GLU E 178 -38.79 21.64 -9.66
CA GLU E 178 -38.85 22.82 -8.80
C GLU E 178 -38.64 24.14 -9.56
N ASP E 179 -38.48 24.05 -10.89
CA ASP E 179 -38.33 25.21 -11.78
C ASP E 179 -37.12 26.09 -11.49
N LEU E 180 -35.94 25.48 -11.41
CA LEU E 180 -34.70 26.21 -11.11
C LEU E 180 -33.84 26.53 -12.33
N LEU E 181 -34.12 25.87 -13.45
CA LEU E 181 -33.27 25.96 -14.65
C LEU E 181 -33.99 26.45 -15.91
N ASP E 182 -33.23 27.10 -16.80
CA ASP E 182 -33.69 27.41 -18.15
C ASP E 182 -33.36 26.21 -19.04
N CYS E 183 -34.38 25.39 -19.31
CA CYS E 183 -34.20 24.07 -19.93
C CYS E 183 -33.59 24.07 -21.34
N ASP E 184 -33.67 25.20 -22.04
CA ASP E 184 -33.12 25.33 -23.39
C ASP E 184 -31.63 25.71 -23.42
N ARG E 185 -31.02 25.85 -22.24
CA ARG E 185 -29.61 26.23 -22.12
C ARG E 185 -28.81 25.24 -21.25
N VAL E 186 -28.91 23.95 -21.56
CA VAL E 186 -28.25 22.89 -20.78
C VAL E 186 -27.56 21.83 -21.68
N VAL E 187 -26.34 21.42 -21.31
CA VAL E 187 -25.59 20.35 -22.00
C VAL E 187 -24.93 19.38 -21.00
N GLN E 188 -25.01 18.08 -21.27
CA GLN E 188 -24.38 17.02 -20.46
C GLN E 188 -23.33 16.25 -21.29
N ILE E 189 -22.11 16.11 -20.73
CA ILE E 189 -20.97 15.54 -21.49
C ILE E 189 -20.25 14.37 -20.78
N GLY E 190 -20.23 13.20 -21.43
CA GLY E 190 -19.40 12.08 -20.97
C GLY E 190 -20.05 10.75 -20.58
N LEU E 191 -21.37 10.65 -20.78
CA LEU E 191 -22.15 9.49 -20.32
C LEU E 191 -21.80 8.18 -21.06
N ARG E 192 -21.74 7.07 -20.32
CA ARG E 192 -21.35 5.76 -20.86
C ARG E 192 -21.89 4.54 -20.06
N ALA E 193 -21.38 3.35 -20.36
CA ALA E 193 -21.66 2.10 -19.61
C ALA E 193 -23.07 1.48 -19.77
N GLN E 194 -23.59 0.87 -18.70
CA GLN E 194 -24.84 0.08 -18.75
C GLN E 194 -26.04 0.73 -18.06
N GLY E 195 -27.25 0.26 -18.41
CA GLY E 195 -28.51 0.73 -17.82
C GLY E 195 -29.61 -0.32 -17.80
N TYR E 196 -30.86 0.13 -17.96
CA TYR E 196 -32.03 -0.77 -17.98
C TYR E 196 -32.82 -0.71 -19.29
N THR E 197 -33.15 0.52 -19.71
CA THR E 197 -33.84 0.77 -20.99
C THR E 197 -33.21 1.93 -21.75
N ALA E 198 -33.63 2.13 -22.99
CA ALA E 198 -33.14 3.25 -23.82
C ALA E 198 -33.60 4.61 -23.28
N GLU E 199 -34.63 4.61 -22.44
CA GLU E 199 -35.16 5.84 -21.83
C GLU E 199 -34.23 6.44 -20.77
N ASP E 200 -33.22 5.68 -20.36
CA ASP E 200 -32.24 6.12 -19.36
C ASP E 200 -31.45 7.35 -19.81
N PHE E 201 -31.24 7.49 -21.12
CA PHE E 201 -30.64 8.69 -21.69
C PHE E 201 -31.67 9.55 -22.43
N ASN E 202 -32.74 8.92 -22.93
CA ASN E 202 -33.75 9.61 -23.75
C ASN E 202 -34.70 10.54 -23.00
N TRP E 203 -34.77 10.43 -21.68
CA TRP E 203 -35.60 11.31 -20.85
C TRP E 203 -35.10 12.76 -20.89
N SER E 204 -33.79 12.93 -20.90
CA SER E 204 -33.14 14.24 -20.95
C SER E 204 -33.38 14.94 -22.29
N ARG E 205 -33.32 14.17 -23.38
CA ARG E 205 -33.54 14.68 -24.74
C ARG E 205 -34.95 15.25 -24.95
N MLY E 206 -35.94 14.63 -24.29
CA MLY E 206 -37.33 15.06 -24.40
CB MLY E 206 -38.28 13.94 -23.94
CG MLY E 206 -38.35 12.75 -24.88
CD MLY E 206 -39.18 11.61 -24.30
CE MLY E 206 -39.34 10.47 -25.29
NZ MLY E 206 -40.14 9.34 -24.75
C MLY E 206 -37.62 16.35 -23.63
O MLY E 206 -38.61 17.04 -23.91
N GLN E 207 -36.77 16.67 -22.66
CA GLN E 207 -36.90 17.89 -21.85
C GLN E 207 -36.31 19.12 -22.53
N GLY E 208 -35.37 18.91 -23.45
CA GLY E 208 -34.73 20.00 -24.19
C GLY E 208 -33.21 20.04 -24.09
N PHE E 209 -32.64 19.09 -23.36
CA PHE E 209 -31.19 18.99 -23.15
C PHE E 209 -30.48 18.48 -24.40
N ARG E 210 -29.17 18.76 -24.51
CA ARG E 210 -28.31 18.08 -25.49
C ARG E 210 -27.40 17.07 -24.76
N VAL E 211 -27.37 15.84 -25.27
CA VAL E 211 -26.58 14.75 -24.69
C VAL E 211 -25.39 14.39 -25.58
N VAL E 212 -24.19 14.39 -25.00
CA VAL E 212 -22.96 13.99 -25.70
C VAL E 212 -22.33 12.77 -25.02
N GLN E 213 -22.48 11.60 -25.65
CA GLN E 213 -21.95 10.34 -25.12
C GLN E 213 -20.44 10.19 -25.36
N ALA E 214 -19.79 9.32 -24.58
CA ALA E 214 -18.33 9.15 -24.62
C ALA E 214 -17.77 8.78 -25.99
N GLU E 215 -18.52 7.97 -26.73
CA GLU E 215 -18.11 7.52 -28.08
C GLU E 215 -17.94 8.66 -29.09
N GLU E 216 -18.62 9.78 -28.85
CA GLU E 216 -18.50 10.99 -29.68
C GLU E 216 -17.20 11.76 -29.39
N CYS E 217 -16.54 11.43 -28.28
CA CYS E 217 -15.31 12.12 -27.85
C CYS E 217 -14.00 11.37 -28.17
N TRP E 218 -14.08 10.07 -28.44
CA TRP E 218 -12.89 9.23 -28.67
C TRP E 218 -12.00 9.70 -29.84
N HIS E 219 -10.68 9.70 -29.60
CA HIS E 219 -9.65 10.10 -30.58
C HIS E 219 -9.64 11.57 -31.03
N MLY E 220 -10.31 12.46 -30.30
CA MLY E 220 -10.52 13.84 -30.79
CB MLY E 220 -11.97 14.04 -31.24
CG MLY E 220 -12.36 13.28 -32.50
CD MLY E 220 -13.83 13.45 -32.82
CE MLY E 220 -14.21 12.72 -34.10
NZ MLY E 220 -15.66 12.87 -34.41
C MLY E 220 -10.13 14.97 -29.83
O MLY E 220 -10.20 14.82 -28.60
N SER E 221 -9.70 16.10 -30.40
CA SER E 221 -9.56 17.36 -29.66
C SER E 221 -10.95 17.97 -29.47
N LEU E 222 -11.16 18.62 -28.32
CA LEU E 222 -12.48 19.15 -27.96
C LEU E 222 -12.63 20.68 -28.13
N GLU E 223 -11.71 21.29 -28.87
CA GLU E 223 -11.82 22.72 -29.19
C GLU E 223 -13.02 23.07 -30.08
N PRO E 224 -13.27 22.28 -31.16
CA PRO E 224 -14.44 22.57 -32.02
C PRO E 224 -15.79 22.38 -31.32
N LEU E 225 -15.87 21.45 -30.37
CA LEU E 225 -17.10 21.19 -29.62
C LEU E 225 -17.51 22.39 -28.76
N MET E 226 -16.53 23.02 -28.10
CA MET E 226 -16.81 24.12 -27.17
C MET E 226 -17.27 25.42 -27.86
N ALA E 227 -17.04 25.53 -29.17
CA ALA E 227 -17.55 26.65 -29.94
C ALA E 227 -19.07 26.56 -30.12
N GLU E 228 -19.56 25.33 -30.29
CA GLU E 228 -21.00 25.06 -30.38
C GLU E 228 -21.68 25.19 -29.02
N VAL E 229 -20.96 24.82 -27.96
CA VAL E 229 -21.47 24.89 -26.58
C VAL E 229 -21.70 26.34 -26.14
N ARG E 230 -20.75 27.23 -26.43
CA ARG E 230 -20.86 28.65 -26.09
C ARG E 230 -22.08 29.33 -26.72
N GLU E 231 -22.42 28.90 -27.94
CA GLU E 231 -23.56 29.44 -28.68
C GLU E 231 -24.90 29.00 -28.09
N MLY E 232 -24.93 27.76 -27.58
CA MLY E 232 -26.16 27.17 -27.02
CB MLY E 232 -26.02 25.63 -26.98
CG MLY E 232 -27.04 24.90 -26.09
CD MLY E 232 -28.41 24.76 -26.74
CE MLY E 232 -28.53 23.45 -27.52
NZ MLY E 232 -29.94 23.13 -27.87
C MLY E 232 -26.57 27.73 -25.65
O MLY E 232 -27.74 28.02 -25.43
N VAL E 233 -25.59 27.89 -24.74
CA VAL E 233 -25.90 28.27 -23.35
C VAL E 233 -25.77 29.76 -23.03
N GLY E 234 -25.19 30.53 -23.95
CA GLY E 234 -24.91 31.95 -23.74
C GLY E 234 -26.13 32.87 -23.65
N GLY E 235 -25.88 34.11 -23.25
CA GLY E 235 -26.93 35.13 -23.16
C GLY E 235 -27.67 35.15 -21.83
N GLY E 236 -26.94 34.92 -20.75
CA GLY E 236 -27.50 34.88 -19.40
C GLY E 236 -26.57 34.20 -18.40
N PRO E 237 -26.90 34.26 -17.09
CA PRO E 237 -26.07 33.65 -16.04
C PRO E 237 -26.02 32.12 -16.14
N VAL E 238 -24.90 31.52 -15.70
CA VAL E 238 -24.62 30.09 -15.89
C VAL E 238 -23.81 29.48 -14.73
N TYR E 239 -24.12 28.21 -14.40
CA TYR E 239 -23.43 27.45 -13.33
C TYR E 239 -22.62 26.28 -13.92
N LEU E 240 -21.51 25.93 -13.27
CA LEU E 240 -20.64 24.81 -13.70
C LEU E 240 -20.48 23.75 -12.60
N SER E 241 -20.71 22.49 -12.95
CA SER E 241 -20.64 21.37 -11.99
C SER E 241 -19.81 20.19 -12.53
N PHE E 242 -18.77 19.79 -11.80
CA PHE E 242 -17.80 18.78 -12.28
C PHE E 242 -17.67 17.56 -11.36
N ASP E 243 -18.19 16.41 -11.81
CA ASP E 243 -18.04 15.11 -11.12
C ASP E 243 -16.75 14.44 -11.60
N ILE E 244 -15.91 14.05 -10.64
CA ILE E 244 -14.57 13.51 -10.94
C ILE E 244 -14.56 12.15 -11.65
N ASP E 245 -15.68 11.41 -11.58
CA ASP E 245 -15.76 10.10 -12.24
C ASP E 245 -15.98 10.16 -13.76
N GLY E 246 -16.07 11.38 -14.29
CA GLY E 246 -16.09 11.60 -15.74
C GLY E 246 -14.76 11.28 -16.41
N ILE E 247 -13.67 11.40 -15.65
CA ILE E 247 -12.32 11.09 -16.12
C ILE E 247 -12.00 9.59 -15.91
N ASP E 248 -11.26 9.01 -16.86
CA ASP E 248 -10.81 7.60 -16.84
C ASP E 248 -10.08 7.22 -15.54
N PRO E 249 -10.41 6.05 -14.96
CA PRO E 249 -9.79 5.57 -13.70
C PRO E 249 -8.27 5.37 -13.71
N ALA E 250 -7.63 5.47 -14.88
CA ALA E 250 -6.17 5.45 -14.95
C ALA E 250 -5.57 6.72 -14.33
N TRP E 251 -6.31 7.82 -14.42
CA TRP E 251 -5.90 9.11 -13.86
C TRP E 251 -6.53 9.41 -12.49
N ALA E 252 -7.76 8.94 -12.28
CA ALA E 252 -8.49 9.22 -11.03
C ALA E 252 -9.13 7.96 -10.39
N PRO E 253 -8.31 7.12 -9.73
CA PRO E 253 -8.81 5.88 -9.11
C PRO E 253 -9.60 6.06 -7.81
N GLY E 254 -9.37 7.17 -7.10
CA GLY E 254 -10.01 7.40 -5.80
C GLY E 254 -11.41 8.01 -5.88
N THR E 255 -12.41 7.18 -6.20
CA THR E 255 -13.80 7.64 -6.34
C THR E 255 -14.82 6.53 -6.03
N GLY E 256 -16.08 6.93 -5.84
CA GLY E 256 -17.14 6.03 -5.36
C GLY E 256 -17.75 5.05 -6.35
N THR E 257 -17.97 5.49 -7.59
CA THR E 257 -18.57 4.66 -8.65
C THR E 257 -17.83 4.78 -10.00
N PRO E 258 -16.70 4.08 -10.16
CA PRO E 258 -15.88 4.21 -11.38
C PRO E 258 -16.39 3.43 -12.60
N GLU E 259 -16.19 3.99 -13.79
CA GLU E 259 -16.58 3.37 -15.07
C GLU E 259 -15.43 3.44 -16.10
N ILE E 260 -15.24 2.35 -16.86
CA ILE E 260 -14.09 2.25 -17.79
C ILE E 260 -14.24 3.05 -19.10
N GLY E 261 -13.09 3.42 -19.69
CA GLY E 261 -13.02 4.09 -20.99
C GLY E 261 -13.59 5.49 -21.10
N GLY E 262 -13.02 6.42 -20.33
CA GLY E 262 -13.52 7.80 -20.26
C GLY E 262 -12.63 8.87 -20.88
N LEU E 263 -12.72 10.08 -20.33
CA LEU E 263 -11.98 11.25 -20.84
C LEU E 263 -10.55 11.35 -20.27
N THR E 264 -9.64 11.95 -21.04
CA THR E 264 -8.26 12.20 -20.57
C THR E 264 -8.16 13.53 -19.82
N THR E 265 -7.02 13.78 -19.16
CA THR E 265 -6.80 15.05 -18.46
C THR E 265 -6.55 16.22 -19.42
N ILE E 266 -6.02 15.91 -20.61
CA ILE E 266 -5.85 16.90 -21.69
C ILE E 266 -7.22 17.42 -22.16
N GLN E 267 -8.19 16.51 -22.29
CA GLN E 267 -9.56 16.85 -22.71
C GLN E 267 -10.33 17.66 -21.65
N ALA E 268 -10.05 17.40 -20.37
CA ALA E 268 -10.64 18.15 -19.26
C ALA E 268 -10.16 19.60 -19.24
N MET E 269 -8.89 19.80 -19.60
CA MET E 269 -8.28 21.13 -19.67
C MET E 269 -8.86 21.96 -20.81
N GLU E 270 -9.17 21.29 -21.92
CA GLU E 270 -9.78 21.94 -23.10
C GLU E 270 -11.22 22.40 -22.84
N ILE E 271 -11.91 21.73 -21.92
CA ILE E 271 -13.28 22.11 -21.55
C ILE E 271 -13.31 23.39 -20.71
N ILE E 272 -12.51 23.44 -19.64
CA ILE E 272 -12.47 24.59 -18.72
C ILE E 272 -11.95 25.87 -19.38
N ARG E 273 -10.82 25.77 -20.09
CA ARG E 273 -10.26 26.91 -20.83
C ARG E 273 -11.20 27.43 -21.91
N GLY E 274 -12.11 26.57 -22.37
CA GLY E 274 -13.10 26.93 -23.39
C GLY E 274 -14.35 27.64 -22.89
N CYS E 275 -14.44 27.85 -21.58
CA CYS E 275 -15.58 28.56 -20.96
C CYS E 275 -15.39 30.08 -20.92
N GLN E 276 -14.22 30.55 -21.37
CA GLN E 276 -13.88 31.97 -21.39
C GLN E 276 -14.89 32.80 -22.21
N GLY E 277 -15.48 33.81 -21.56
CA GLY E 277 -16.45 34.68 -22.21
C GLY E 277 -17.87 34.60 -21.67
N LEU E 278 -18.13 33.59 -20.83
CA LEU E 278 -19.46 33.38 -20.26
C LEU E 278 -19.64 34.11 -18.92
N ASP E 279 -20.91 34.34 -18.55
CA ASP E 279 -21.26 34.99 -17.29
C ASP E 279 -21.42 33.96 -16.16
N LEU E 280 -20.30 33.45 -15.66
CA LEU E 280 -20.29 32.43 -14.61
C LEU E 280 -20.58 33.03 -13.23
N ILE E 281 -21.42 32.35 -12.46
CA ILE E 281 -21.83 32.82 -11.13
C ILE E 281 -21.48 31.85 -9.98
N GLY E 282 -20.87 30.71 -10.31
CA GLY E 282 -20.48 29.70 -9.31
C GLY E 282 -19.99 28.39 -9.91
N CYS E 283 -19.14 27.66 -9.19
CA CYS E 283 -18.52 26.41 -9.66
C CYS E 283 -18.33 25.38 -8.52
N ASP E 284 -18.31 24.08 -8.85
CA ASP E 284 -17.95 23.02 -7.87
C ASP E 284 -17.20 21.79 -8.43
N LEU E 285 -16.51 21.06 -7.55
CA LEU E 285 -15.75 19.84 -7.88
C LEU E 285 -16.01 18.76 -6.82
N VAL E 286 -16.68 17.68 -7.21
CA VAL E 286 -17.25 16.70 -6.25
C VAL E 286 -16.78 15.23 -6.38
N GLU E 287 -16.97 14.47 -5.30
CA GLU E 287 -16.83 12.98 -5.24
C GLU E 287 -15.41 12.38 -5.12
N VAL E 288 -14.44 13.18 -4.67
CA VAL E 288 -13.08 12.68 -4.40
C VAL E 288 -13.04 11.93 -3.06
N SER E 289 -12.59 10.67 -3.10
CA SER E 289 -12.54 9.80 -1.93
C SER E 289 -11.11 9.29 -1.62
N PRO E 290 -10.44 9.92 -0.63
CA PRO E 290 -9.02 9.62 -0.29
C PRO E 290 -8.64 8.18 0.08
N PRO E 291 -9.47 7.45 0.87
CA PRO E 291 -9.01 6.11 1.28
C PRO E 291 -8.92 5.04 0.18
N TYR E 292 -9.35 5.37 -1.04
CA TYR E 292 -9.26 4.45 -2.18
C TYR E 292 -8.16 4.83 -3.19
N ASP E 293 -7.27 5.75 -2.80
CA ASP E 293 -6.07 6.08 -3.57
C ASP E 293 -4.95 6.50 -2.62
N THR E 294 -3.93 5.63 -2.51
CA THR E 294 -2.87 5.79 -1.51
C THR E 294 -1.73 6.74 -1.91
N THR E 295 -1.62 7.06 -3.21
CA THR E 295 -0.54 7.92 -3.70
C THR E 295 -0.78 9.41 -3.43
N GLY E 296 -2.05 9.81 -3.42
CA GLY E 296 -2.42 11.22 -3.28
C GLY E 296 -2.62 11.92 -4.62
N ASN E 297 -2.51 11.16 -5.71
CA ASN E 297 -2.61 11.70 -7.07
C ASN E 297 -4.00 12.23 -7.48
N THR E 298 -5.05 11.61 -6.93
CA THR E 298 -6.42 12.04 -7.23
C THR E 298 -6.72 13.43 -6.64
N SER E 299 -6.25 13.68 -5.42
CA SER E 299 -6.42 14.97 -4.76
C SER E 299 -5.58 16.09 -5.39
N LEU E 300 -4.38 15.73 -5.86
CA LEU E 300 -3.50 16.67 -6.56
C LEU E 300 -4.13 17.18 -7.86
N LEU E 301 -4.82 16.27 -8.56
CA LEU E 301 -5.53 16.62 -9.79
C LEU E 301 -6.68 17.60 -9.52
N GLY E 302 -7.41 17.37 -8.45
CA GLY E 302 -8.53 18.25 -8.05
C GLY E 302 -8.14 19.69 -7.75
N ALA E 303 -7.01 19.85 -7.05
CA ALA E 303 -6.49 21.18 -6.71
C ALA E 303 -6.07 22.00 -7.95
N ASN E 304 -5.39 21.34 -8.88
CA ASN E 304 -4.94 21.98 -10.13
C ASN E 304 -6.09 22.40 -11.06
N LEU E 305 -7.19 21.64 -11.03
CA LEU E 305 -8.38 21.97 -11.84
C LEU E 305 -9.14 23.19 -11.30
N LEU E 306 -9.17 23.32 -9.97
CA LEU E 306 -9.82 24.47 -9.31
C LEU E 306 -9.11 25.80 -9.58
N TYR E 307 -7.80 25.76 -9.80
CA TYR E 307 -7.02 26.95 -10.18
C TYR E 307 -7.38 27.45 -11.58
N GLU E 308 -7.58 26.51 -12.52
CA GLU E 308 -8.01 26.85 -13.87
C GLU E 308 -9.42 27.47 -13.91
N MET E 309 -10.26 27.08 -12.94
CA MET E 309 -11.60 27.66 -12.79
C MET E 309 -11.54 29.14 -12.37
N LEU E 310 -10.64 29.45 -11.44
CA LEU E 310 -10.42 30.83 -10.96
C LEU E 310 -9.95 31.78 -12.07
N CYS E 311 -9.13 31.26 -12.99
CA CYS E 311 -8.53 32.08 -14.06
C CYS E 311 -9.53 32.62 -15.10
N VAL E 312 -10.68 31.95 -15.25
CA VAL E 312 -11.67 32.32 -16.28
C VAL E 312 -12.88 33.13 -15.79
N LEU E 313 -12.82 33.63 -14.55
CA LEU E 313 -13.90 34.46 -13.99
C LEU E 313 -13.90 35.86 -14.61
N PRO E 314 -15.09 36.47 -14.79
CA PRO E 314 -15.17 37.82 -15.38
C PRO E 314 -14.42 38.86 -14.55
N GLY E 315 -13.60 39.67 -15.21
CA GLY E 315 -12.83 40.74 -14.55
C GLY E 315 -11.33 40.52 -14.51
N VAL E 316 -10.89 39.31 -14.83
CA VAL E 316 -9.46 38.94 -14.78
C VAL E 316 -8.71 39.47 -16.00
N VAL E 317 -7.54 40.10 -15.76
CA VAL E 317 -6.74 40.69 -16.83
C VAL E 317 -5.67 39.74 -17.40
N ARG E 318 -5.22 40.05 -18.62
CA ARG E 318 -4.23 39.24 -19.34
C ARG E 318 -2.92 39.98 -19.56
N ARG E 319 -1.81 39.30 -19.27
CA ARG E 319 -0.47 39.84 -19.51
C ARG E 319 0.52 38.72 -19.88
N ASN F 4 36.03 -12.14 -28.08
CA ASN F 4 35.30 -12.32 -26.80
C ASN F 4 34.63 -11.02 -26.33
N LEU F 5 33.30 -11.04 -26.27
CA LEU F 5 32.52 -9.91 -25.76
C LEU F 5 31.55 -10.39 -24.68
N HIS F 6 31.35 -9.57 -23.65
CA HIS F 6 30.47 -9.90 -22.52
C HIS F 6 29.01 -10.06 -22.95
N GLN F 7 28.29 -10.96 -22.27
CA GLN F 7 26.88 -11.23 -22.57
C GLN F 7 26.06 -11.32 -21.27
N PRO F 8 24.76 -10.93 -21.32
CA PRO F 8 23.87 -11.08 -20.16
C PRO F 8 23.50 -12.55 -19.90
N LEU F 9 23.11 -12.86 -18.67
CA LEU F 9 22.69 -14.22 -18.29
C LEU F 9 21.33 -14.59 -18.86
N GLY F 10 21.24 -15.79 -19.44
CA GLY F 10 20.00 -16.28 -20.03
C GLY F 10 19.12 -17.03 -19.04
N GLY F 11 17.85 -17.20 -19.40
CA GLY F 11 16.87 -17.89 -18.55
C GLY F 11 17.07 -19.38 -18.43
N ASN F 12 17.71 -19.98 -19.44
CA ASN F 12 18.02 -21.41 -19.43
C ASN F 12 19.31 -21.74 -18.68
N GLU F 13 20.04 -20.72 -18.25
CA GLU F 13 21.20 -20.88 -17.39
C GLU F 13 20.79 -20.75 -15.91
N MET F 14 19.96 -19.75 -15.62
CA MET F 14 19.44 -19.48 -14.28
C MET F 14 18.13 -18.69 -14.41
N PRO F 15 17.05 -19.16 -13.74
CA PRO F 15 15.75 -18.47 -13.76
C PRO F 15 15.86 -17.01 -13.32
N ARG F 16 15.08 -16.14 -13.95
CA ARG F 16 15.24 -14.68 -13.85
C ARG F 16 14.90 -14.07 -12.48
N PHE F 17 14.18 -14.82 -11.63
CA PHE F 17 13.93 -14.38 -10.24
C PHE F 17 15.10 -14.69 -9.30
N GLY F 18 16.15 -15.33 -9.82
CA GLY F 18 17.35 -15.64 -9.05
C GLY F 18 18.64 -15.06 -9.63
N GLY F 19 19.75 -15.23 -8.90
CA GLY F 19 21.04 -14.68 -9.29
C GLY F 19 21.33 -13.33 -8.65
N ILE F 20 22.61 -12.96 -8.59
CA ILE F 20 23.04 -11.66 -8.03
C ILE F 20 22.63 -10.50 -8.95
N ALA F 21 22.10 -9.44 -8.35
CA ALA F 21 21.43 -8.37 -9.10
C ALA F 21 22.30 -7.19 -9.56
N THR F 22 23.12 -7.42 -10.58
CA THR F 22 23.79 -6.33 -11.32
C THR F 22 22.86 -5.84 -12.44
N MET F 23 23.24 -4.74 -13.11
CA MET F 23 22.45 -4.22 -14.25
C MET F 23 22.47 -5.21 -15.41
N MET F 24 21.27 -5.64 -15.82
CA MET F 24 21.07 -6.65 -16.89
C MET F 24 21.81 -7.98 -16.65
N ARG F 25 22.09 -8.27 -15.38
CA ARG F 25 22.88 -9.43 -14.94
C ARG F 25 24.24 -9.59 -15.65
N LEU F 26 24.96 -8.47 -15.77
CA LEU F 26 26.28 -8.41 -16.43
C LEU F 26 27.44 -8.53 -15.42
N PRO F 27 28.67 -8.82 -15.91
CA PRO F 27 29.87 -8.91 -15.05
C PRO F 27 30.24 -7.62 -14.31
N HIS F 28 30.85 -7.76 -13.14
CA HIS F 28 31.26 -6.64 -12.29
C HIS F 28 32.78 -6.42 -12.34
N VAL F 29 33.21 -5.32 -12.96
CA VAL F 29 34.62 -5.04 -13.24
C VAL F 29 35.16 -3.90 -12.37
N GLN F 30 36.38 -4.06 -11.85
CA GLN F 30 36.97 -3.07 -10.93
C GLN F 30 38.43 -2.66 -11.22
N SER F 31 39.23 -3.57 -11.79
CA SER F 31 40.68 -3.34 -11.97
C SER F 31 41.04 -2.40 -13.12
N PRO F 32 42.13 -1.61 -12.98
CA PRO F 32 42.54 -0.67 -14.03
C PRO F 32 42.89 -1.33 -15.37
N ALA F 33 43.38 -2.57 -15.33
CA ALA F 33 43.73 -3.31 -16.54
C ALA F 33 42.51 -3.70 -17.37
N GLU F 34 41.41 -4.07 -16.70
CA GLU F 34 40.19 -4.48 -17.39
C GLU F 34 39.31 -3.30 -17.83
N LEU F 35 39.46 -2.17 -17.14
CA LEU F 35 38.74 -0.94 -17.49
C LEU F 35 39.19 -0.38 -18.85
N ASP F 36 40.45 -0.62 -19.20
CA ASP F 36 41.02 -0.19 -20.47
C ASP F 36 40.44 -0.91 -21.69
N ALA F 37 39.85 -2.09 -21.47
CA ALA F 37 39.32 -2.91 -22.55
C ALA F 37 37.81 -2.74 -22.83
N LEU F 38 37.16 -1.80 -22.13
CA LEU F 38 35.72 -1.56 -22.30
C LEU F 38 35.43 -0.40 -23.26
N ASP F 39 34.37 -0.54 -24.05
CA ASP F 39 33.91 0.52 -24.95
C ASP F 39 32.87 1.44 -24.29
N ALA F 40 31.99 0.87 -23.46
CA ALA F 40 30.96 1.61 -22.71
C ALA F 40 30.60 0.90 -21.40
N ALA F 41 29.95 1.61 -20.47
CA ALA F 41 29.60 1.06 -19.15
C ALA F 41 28.47 1.78 -18.40
N PHE F 42 27.76 1.05 -17.53
CA PHE F 42 26.74 1.61 -16.64
C PHE F 42 27.35 2.01 -15.28
N VAL F 43 26.90 3.15 -14.72
CA VAL F 43 27.44 3.70 -13.46
C VAL F 43 26.40 4.58 -12.70
N GLY F 44 26.45 4.57 -11.37
CA GLY F 44 25.45 5.27 -10.53
C GLY F 44 25.97 6.33 -9.56
N VAL F 45 25.12 7.33 -9.26
CA VAL F 45 25.45 8.45 -8.35
C VAL F 45 24.27 8.78 -7.39
N PRO F 46 24.31 8.27 -6.14
CA PRO F 46 23.18 8.36 -5.20
C PRO F 46 23.09 9.63 -4.33
N LEU F 47 22.62 10.74 -4.92
CA LEU F 47 22.53 12.03 -4.20
C LEU F 47 21.10 12.59 -4.17
N ASP F 48 20.66 13.07 -3.00
CA ASP F 48 19.34 13.73 -2.89
C ASP F 48 19.28 15.02 -2.05
N ILE F 49 20.45 15.50 -1.60
CA ILE F 49 20.51 16.68 -0.71
C ILE F 49 20.39 18.03 -1.42
N GLY F 50 20.03 18.00 -2.71
CA GLY F 50 19.80 19.23 -3.47
C GLY F 50 18.35 19.49 -3.85
N THR F 51 17.44 18.69 -3.28
CA THR F 51 16.00 18.73 -3.62
C THR F 51 15.23 19.87 -2.94
N SER F 52 14.20 20.40 -3.67
CA SER F 52 13.35 21.51 -3.04
C SER F 52 12.00 21.05 -2.44
N LEU F 53 11.49 19.89 -2.87
CA LEU F 53 10.21 19.37 -2.32
C LEU F 53 10.36 18.00 -1.63
N ARG F 54 10.09 16.91 -2.34
CA ARG F 54 10.26 15.56 -1.78
C ARG F 54 11.69 15.02 -1.93
N SER F 55 12.18 14.36 -0.87
CA SER F 55 13.48 13.61 -0.96
C SER F 55 13.22 12.13 -1.31
N GLY F 56 14.31 11.35 -1.40
CA GLY F 56 14.20 9.90 -1.62
C GLY F 56 14.91 9.32 -2.83
N THR F 57 15.40 10.18 -3.72
CA THR F 57 16.06 9.70 -4.95
C THR F 57 17.48 9.12 -4.72
N ARG F 58 17.88 9.04 -3.45
CA ARG F 58 19.13 8.37 -3.07
C ARG F 58 19.08 6.84 -3.29
N PHE F 59 17.87 6.29 -3.33
CA PHE F 59 17.66 4.84 -3.55
C PHE F 59 17.36 4.48 -5.02
N GLY F 60 17.44 5.45 -5.92
CA GLY F 60 17.19 5.26 -7.34
C GLY F 60 17.99 4.15 -8.03
N PRO F 61 19.34 4.24 -7.97
CA PRO F 61 20.20 3.24 -8.64
C PRO F 61 19.97 1.78 -8.23
N ARG F 62 19.63 1.54 -6.96
CA ARG F 62 19.39 0.19 -6.45
C ARG F 62 18.11 -0.48 -7.02
N GLU F 63 17.02 0.28 -7.09
CA GLU F 63 15.74 -0.26 -7.60
C GLU F 63 15.71 -0.44 -9.13
N ILE F 64 16.44 0.41 -9.86
CA ILE F 64 16.56 0.28 -11.31
C ILE F 64 17.28 -1.02 -11.71
N ARG F 65 18.35 -1.35 -10.98
CA ARG F 65 19.09 -2.61 -11.18
C ARG F 65 18.21 -3.85 -10.93
N ALA F 66 17.41 -3.80 -9.86
CA ALA F 66 16.54 -4.93 -9.47
C ALA F 66 15.44 -5.28 -10.48
N GLU F 67 14.86 -4.27 -11.13
CA GLU F 67 13.80 -4.50 -12.11
C GLU F 67 14.31 -4.86 -13.53
N SER F 68 15.60 -4.64 -13.78
CA SER F 68 16.19 -4.81 -15.12
C SER F 68 16.41 -6.25 -15.59
N VAL F 69 16.05 -7.22 -14.76
CA VAL F 69 16.32 -8.64 -15.03
C VAL F 69 15.43 -9.26 -16.13
N MET F 70 14.50 -8.46 -16.66
CA MET F 70 13.52 -8.91 -17.67
C MET F 70 14.01 -8.78 -19.12
N ILE F 71 15.00 -7.91 -19.35
CA ILE F 71 15.35 -7.45 -20.70
C ILE F 71 16.22 -8.45 -21.48
N ARG F 72 15.88 -8.63 -22.77
CA ARG F 72 16.62 -9.50 -23.69
C ARG F 72 17.49 -8.68 -24.68
N PRO F 73 18.42 -9.36 -25.41
CA PRO F 73 19.49 -8.66 -26.15
C PRO F 73 19.14 -8.00 -27.51
N TYR F 74 18.18 -8.55 -28.25
CA TYR F 74 17.91 -8.12 -29.63
C TYR F 74 16.60 -7.33 -29.81
N ASN F 75 16.68 -6.22 -30.56
CA ASN F 75 15.56 -5.29 -30.78
C ASN F 75 14.69 -5.69 -31.97
N MET F 76 13.46 -6.12 -31.71
CA MET F 76 12.57 -6.65 -32.76
C MET F 76 12.11 -5.59 -33.78
N ALA F 77 11.89 -4.36 -33.31
CA ALA F 77 11.35 -3.28 -34.14
C ALA F 77 12.37 -2.65 -35.10
N THR F 78 13.56 -2.28 -34.59
CA THR F 78 14.57 -1.58 -35.39
C THR F 78 15.66 -2.50 -35.97
N GLY F 79 15.91 -3.62 -35.30
CA GLY F 79 16.91 -4.59 -35.75
C GLY F 79 18.30 -4.44 -35.14
N ALA F 80 18.46 -3.47 -34.25
CA ALA F 80 19.76 -3.19 -33.61
C ALA F 80 20.24 -4.31 -32.68
N ALA F 81 21.54 -4.60 -32.73
CA ALA F 81 22.15 -5.63 -31.89
C ALA F 81 23.50 -5.18 -31.29
N PRO F 82 23.43 -4.40 -30.19
CA PRO F 82 24.62 -3.78 -29.57
C PRO F 82 25.65 -4.75 -28.99
N PHE F 83 25.21 -5.91 -28.50
CA PHE F 83 26.12 -6.88 -27.89
C PHE F 83 26.93 -7.70 -28.91
N ASP F 84 26.69 -7.44 -30.20
CA ASP F 84 27.48 -8.00 -31.29
C ASP F 84 28.66 -7.08 -31.65
N SER F 85 28.54 -5.79 -31.30
CA SER F 85 29.48 -4.75 -31.75
C SER F 85 30.40 -4.19 -30.67
N LEU F 86 29.90 -4.06 -29.44
CA LEU F 86 30.63 -3.39 -28.35
C LEU F 86 30.83 -4.27 -27.12
N ASN F 87 31.82 -3.92 -26.30
CA ASN F 87 32.12 -4.61 -25.04
C ASN F 87 31.66 -3.78 -23.83
N VAL F 88 30.71 -4.33 -23.05
CA VAL F 88 29.98 -3.58 -22.02
C VAL F 88 29.96 -4.29 -20.64
N ALA F 89 29.98 -3.52 -19.55
CA ALA F 89 29.92 -4.04 -18.17
C ALA F 89 29.36 -3.05 -17.13
N ASP F 90 29.19 -3.53 -15.89
CA ASP F 90 28.72 -2.73 -14.74
C ASP F 90 29.90 -2.40 -13.81
N ILE F 91 30.12 -1.12 -13.55
CA ILE F 91 31.30 -0.67 -12.77
C ILE F 91 31.04 -0.08 -11.36
N GLY F 92 29.81 -0.22 -10.86
CA GLY F 92 29.49 0.18 -9.47
C GLY F 92 29.07 1.63 -9.27
N ASP F 93 29.25 2.13 -8.04
CA ASP F 93 28.80 3.47 -7.62
C ASP F 93 29.94 4.44 -7.21
N VAL F 94 29.62 5.73 -7.18
CA VAL F 94 30.53 6.78 -6.72
C VAL F 94 30.25 7.13 -5.24
N ALA F 95 31.31 7.23 -4.44
CA ALA F 95 31.19 7.46 -2.98
C ALA F 95 31.12 8.95 -2.59
N ILE F 96 29.91 9.50 -2.60
CA ILE F 96 29.68 10.92 -2.27
C ILE F 96 29.63 11.21 -0.76
N ASN F 97 29.77 12.48 -0.40
CA ASN F 97 29.63 12.95 0.99
C ASN F 97 28.21 13.49 1.21
N THR F 98 27.43 12.79 2.03
CA THR F 98 26.01 13.12 2.21
C THR F 98 25.72 14.20 3.26
N PHE F 99 26.78 14.73 3.88
CA PHE F 99 26.65 15.76 4.93
C PHE F 99 27.10 17.15 4.47
N ASN F 100 27.69 17.24 3.27
CA ASN F 100 28.22 18.50 2.74
C ASN F 100 28.07 18.56 1.21
N LEU F 101 27.23 19.48 0.73
CA LEU F 101 26.87 19.56 -0.70
C LEU F 101 28.02 19.95 -1.63
N LEU F 102 28.75 21.01 -1.29
CA LEU F 102 29.86 21.50 -2.13
C LEU F 102 31.06 20.55 -2.17
N GLU F 103 31.22 19.75 -1.12
CA GLU F 103 32.26 18.70 -1.08
C GLU F 103 31.89 17.53 -2.01
N ALA F 104 30.60 17.22 -2.09
CA ALA F 104 30.11 16.16 -2.98
C ALA F 104 30.33 16.50 -4.46
N VAL F 105 30.20 17.79 -4.79
CA VAL F 105 30.39 18.29 -6.17
C VAL F 105 31.86 18.14 -6.62
N ARG F 106 32.80 18.35 -5.71
CA ARG F 106 34.23 18.18 -5.99
C ARG F 106 34.59 16.72 -6.31
N ILE F 107 34.01 15.78 -5.57
CA ILE F 107 34.28 14.34 -5.75
C ILE F 107 33.82 13.81 -7.11
N ILE F 108 32.67 14.28 -7.57
CA ILE F 108 32.08 13.85 -8.85
C ILE F 108 32.95 14.22 -10.07
N GLU F 109 33.48 15.44 -10.10
CA GLU F 109 34.37 15.88 -11.19
C GLU F 109 35.67 15.06 -11.24
N GLN F 110 36.20 14.73 -10.06
CA GLN F 110 37.44 13.97 -9.93
C GLN F 110 37.33 12.54 -10.48
N GLU F 111 36.20 11.89 -10.23
CA GLU F 111 35.99 10.50 -10.67
C GLU F 111 35.66 10.35 -12.15
N TYR F 112 35.05 11.37 -12.75
CA TYR F 112 34.75 11.35 -14.18
C TYR F 112 35.99 11.68 -15.03
N ASP F 113 36.96 12.38 -14.45
CA ASP F 113 38.27 12.57 -15.08
C ASP F 113 39.00 11.23 -15.26
N ARG F 114 38.83 10.33 -14.30
CA ARG F 114 39.44 9.00 -14.33
C ARG F 114 38.79 8.06 -15.34
N ILE F 115 37.46 8.11 -15.42
CA ILE F 115 36.68 7.29 -16.36
C ILE F 115 37.01 7.59 -17.82
N LEU F 116 37.00 8.88 -18.18
CA LEU F 116 37.28 9.33 -19.55
C LEU F 116 38.75 9.12 -19.96
N GLY F 117 39.62 8.94 -18.97
CA GLY F 117 41.03 8.63 -19.21
C GLY F 117 41.25 7.24 -19.78
N HIS F 118 40.41 6.29 -19.37
CA HIS F 118 40.44 4.92 -19.89
C HIS F 118 39.77 4.77 -21.27
N GLY F 119 39.02 5.80 -21.68
CA GLY F 119 38.36 5.82 -22.99
C GLY F 119 36.95 5.25 -23.01
N ILE F 120 36.25 5.37 -21.88
CA ILE F 120 34.89 4.82 -21.72
C ILE F 120 33.81 5.89 -21.96
N LEU F 121 32.74 5.51 -22.67
CA LEU F 121 31.55 6.36 -22.82
C LEU F 121 30.51 5.98 -21.76
N PRO F 122 30.11 6.94 -20.90
CA PRO F 122 29.27 6.63 -19.74
C PRO F 122 27.75 6.69 -19.96
N LEU F 123 27.02 5.80 -19.29
CA LEU F 123 25.56 5.82 -19.21
C LEU F 123 25.12 5.82 -17.73
N THR F 124 24.58 6.96 -17.27
CA THR F 124 24.47 7.27 -15.84
C THR F 124 23.09 7.08 -15.20
N LEU F 125 23.07 6.43 -14.03
CA LEU F 125 21.86 6.27 -13.21
C LEU F 125 21.88 7.22 -12.01
N GLY F 126 20.88 8.10 -11.91
CA GLY F 126 20.78 9.09 -10.82
C GLY F 126 19.72 8.76 -9.77
N GLY F 127 19.50 9.65 -8.79
CA GLY F 127 20.23 10.92 -8.64
C GLY F 127 19.41 12.14 -9.02
N ASP F 128 19.56 13.23 -8.27
CA ASP F 128 18.89 14.51 -8.59
C ASP F 128 19.68 15.35 -9.62
N HIS F 129 19.03 16.36 -10.19
CA HIS F 129 19.56 17.06 -11.38
C HIS F 129 20.81 17.94 -11.15
N THR F 130 21.28 18.04 -9.91
CA THR F 130 22.52 18.80 -9.61
C THR F 130 23.76 18.09 -10.18
N ILE F 131 23.69 16.77 -10.31
CA ILE F 131 24.84 15.96 -10.76
C ILE F 131 25.35 16.27 -12.18
N THR F 132 24.50 16.82 -13.04
CA THR F 132 24.84 17.08 -14.45
C THR F 132 25.87 18.21 -14.64
N LEU F 133 25.95 19.14 -13.68
CA LEU F 133 26.90 20.25 -13.76
C LEU F 133 28.39 19.83 -13.69
N PRO F 134 28.81 19.09 -12.63
CA PRO F 134 30.20 18.62 -12.59
C PRO F 134 30.57 17.60 -13.66
N ILE F 135 29.59 16.85 -14.16
CA ILE F 135 29.80 15.93 -15.29
C ILE F 135 30.17 16.69 -16.58
N LEU F 136 29.49 17.80 -16.83
CA LEU F 136 29.78 18.64 -18.01
C LEU F 136 31.14 19.36 -17.92
N ARG F 137 31.63 19.55 -16.69
CA ARG F 137 32.94 20.15 -16.47
C ARG F 137 34.09 19.25 -16.97
N ALA F 138 33.91 17.94 -16.82
CA ALA F 138 34.91 16.96 -17.28
C ALA F 138 34.81 16.67 -18.79
N ILE F 139 33.59 16.71 -19.32
CA ILE F 139 33.32 16.50 -20.74
C ILE F 139 33.98 17.56 -21.64
N MLY F 140 33.87 18.83 -21.23
CA MLY F 140 34.44 19.96 -21.98
CB MLY F 140 33.96 21.28 -21.36
CG MLY F 140 34.07 22.45 -22.34
CD MLY F 140 35.02 23.53 -21.80
CE MLY F 140 35.26 24.62 -22.84
NZ MLY F 140 36.33 25.59 -22.47
CH1 MLY F 140 37.58 24.92 -22.05
CH2 MLY F 140 35.88 26.51 -21.41
C MLY F 140 35.94 19.94 -22.04
O MLY F 140 36.53 20.40 -23.01
N LYS F 141 36.57 19.41 -20.98
CA LYS F 141 38.04 19.29 -20.93
C LYS F 141 38.61 18.31 -21.95
N MLY F 142 37.78 17.35 -22.37
CA MLY F 142 38.20 16.32 -23.32
CB MLY F 142 37.68 14.97 -22.84
CG MLY F 142 38.14 13.77 -23.67
CD MLY F 142 39.66 13.58 -23.66
CE MLY F 142 40.06 12.38 -22.81
NZ MLY F 142 41.54 12.28 -22.79
CH1 MLY F 142 41.98 11.15 -23.62
CH2 MLY F 142 41.99 12.08 -21.40
C MLY F 142 37.77 16.60 -24.75
O MLY F 142 38.53 16.35 -25.68
N HIS F 143 36.56 17.13 -24.92
CA HIS F 143 35.95 17.29 -26.25
C HIS F 143 35.80 18.73 -26.73
N GLY F 144 35.72 19.68 -25.81
CA GLY F 144 35.42 21.07 -26.15
C GLY F 144 33.96 21.41 -25.89
N MLY F 145 33.47 22.50 -26.50
CA MLY F 145 32.06 22.90 -26.37
CB MLY F 145 31.85 24.31 -26.95
CG MLY F 145 32.42 25.40 -26.04
CD MLY F 145 32.68 26.67 -26.84
CE MLY F 145 32.64 27.92 -25.94
NZ MLY F 145 32.28 29.17 -26.66
CH1 MLY F 145 30.82 29.27 -26.85
CH2 MLY F 145 32.96 29.29 -27.96
C MLY F 145 31.13 21.94 -27.06
O MLY F 145 31.45 21.44 -28.14
N VAL F 146 29.99 21.65 -26.44
CA VAL F 146 29.04 20.64 -26.93
C VAL F 146 27.61 21.15 -27.13
N GLY F 147 26.82 20.41 -27.93
CA GLY F 147 25.38 20.64 -28.08
C GLY F 147 24.58 19.84 -27.06
N LEU F 148 23.26 20.08 -27.00
CA LEU F 148 22.41 19.48 -25.94
C LEU F 148 20.95 19.22 -26.34
N VAL F 149 20.46 18.02 -26.01
CA VAL F 149 19.04 17.66 -26.13
C VAL F 149 18.47 17.40 -24.73
N HIS F 150 17.51 18.22 -24.31
CA HIS F 150 17.04 18.26 -22.91
C HIS F 150 15.53 18.06 -22.77
N VAL F 151 15.14 17.00 -22.06
CA VAL F 151 13.71 16.66 -21.82
C VAL F 151 13.33 16.89 -20.35
N ASP F 152 12.32 17.74 -20.13
CA ASP F 152 11.95 18.20 -18.78
C ASP F 152 10.57 18.86 -18.76
N ALA F 153 9.97 18.96 -17.57
CA ALA F 153 8.76 19.75 -17.38
C ALA F 153 9.09 21.17 -16.90
N HIS F 154 10.36 21.39 -16.55
CA HIS F 154 10.84 22.68 -16.05
C HIS F 154 12.08 23.16 -16.83
N ALA F 155 12.29 24.47 -16.86
CA ALA F 155 13.42 25.07 -17.60
C ALA F 155 14.76 24.99 -16.86
N ASP F 156 14.71 24.98 -15.52
CA ASP F 156 15.90 24.89 -14.66
C ASP F 156 16.97 25.97 -14.94
N VAL F 157 16.55 27.24 -14.95
CA VAL F 157 17.46 28.37 -15.21
C VAL F 157 17.41 29.49 -14.14
N ASN F 158 17.07 29.12 -12.91
CA ASN F 158 16.99 30.08 -11.80
C ASN F 158 18.34 30.68 -11.40
N ASP F 159 18.34 31.94 -10.98
CA ASP F 159 19.56 32.62 -10.53
C ASP F 159 19.99 32.15 -9.14
N HIS F 160 19.02 31.90 -8.26
CA HIS F 160 19.28 31.41 -6.90
C HIS F 160 18.09 30.65 -6.29
N MET F 161 18.36 29.84 -5.27
CA MET F 161 17.32 29.16 -4.48
C MET F 161 17.61 29.33 -2.97
N PHE F 162 16.74 30.09 -2.29
CA PHE F 162 16.93 30.49 -0.88
C PHE F 162 18.27 31.19 -0.64
N GLY F 163 18.74 31.92 -1.66
CA GLY F 163 19.99 32.67 -1.58
C GLY F 163 21.25 31.91 -1.96
N GLU F 164 21.10 30.62 -2.28
CA GLU F 164 22.24 29.78 -2.65
C GLU F 164 22.38 29.65 -4.17
N MLY F 165 23.63 29.55 -4.63
CA MLY F 165 23.95 29.55 -6.07
CB MLY F 165 25.33 30.20 -6.31
CG MLY F 165 25.39 31.70 -6.04
CD MLY F 165 24.95 32.52 -7.24
CE MLY F 165 24.65 33.96 -6.87
NZ MLY F 165 25.87 34.75 -6.52
C MLY F 165 23.87 28.20 -6.77
O MLY F 165 23.58 28.12 -7.96
N ILE F 166 24.15 27.11 -6.03
CA ILE F 166 24.18 25.76 -6.59
C ILE F 166 23.06 24.87 -6.02
N ALA F 167 22.12 24.49 -6.89
CA ALA F 167 20.98 23.62 -6.53
C ALA F 167 20.39 22.96 -7.78
N HIS F 168 19.44 22.06 -7.61
CA HIS F 168 18.89 21.27 -8.73
C HIS F 168 18.02 22.06 -9.73
N GLY F 169 17.73 23.32 -9.40
CA GLY F 169 16.98 24.21 -10.30
C GLY F 169 17.79 25.30 -10.96
N THR F 170 19.11 25.30 -10.75
CA THR F 170 20.00 26.34 -11.31
C THR F 170 21.04 25.81 -12.31
N THR F 171 21.02 24.49 -12.54
CA THR F 171 22.06 23.79 -13.32
C THR F 171 22.44 24.43 -14.67
N PHE F 172 21.45 24.80 -15.47
CA PHE F 172 21.69 25.29 -16.84
C PHE F 172 21.99 26.79 -16.96
N ARG F 173 21.70 27.54 -15.91
CA ARG F 173 22.11 28.95 -15.82
C ARG F 173 23.62 29.04 -15.57
N ARG F 174 24.14 28.14 -14.73
CA ARG F 174 25.57 28.07 -14.43
C ARG F 174 26.40 27.59 -15.62
N ALA F 175 25.83 26.69 -16.43
CA ALA F 175 26.50 26.11 -17.59
C ALA F 175 26.81 27.15 -18.68
N VAL F 176 25.88 28.09 -18.86
CA VAL F 176 26.04 29.18 -19.83
C VAL F 176 27.12 30.17 -19.36
N GLU F 177 27.11 30.50 -18.07
CA GLU F 177 28.08 31.43 -17.46
C GLU F 177 29.53 30.92 -17.50
N GLU F 178 29.69 29.60 -17.42
CA GLU F 178 31.02 28.97 -17.40
C GLU F 178 31.56 28.60 -18.79
N ASP F 179 30.82 28.95 -19.84
CA ASP F 179 31.21 28.72 -21.25
C ASP F 179 31.38 27.24 -21.64
N LEU F 180 30.46 26.40 -21.18
CA LEU F 180 30.54 24.96 -21.43
C LEU F 180 29.74 24.50 -22.66
N LEU F 181 28.84 25.36 -23.15
CA LEU F 181 27.93 24.98 -24.24
C LEU F 181 28.05 25.87 -25.49
N ASP F 182 27.69 25.28 -26.64
CA ASP F 182 27.48 26.03 -27.88
C ASP F 182 26.00 26.43 -27.94
N CYS F 183 25.71 27.68 -27.58
CA CYS F 183 24.34 28.17 -27.37
C CYS F 183 23.39 28.01 -28.57
N ASP F 184 23.93 28.04 -29.78
CA ASP F 184 23.12 27.93 -31.00
C ASP F 184 22.81 26.49 -31.43
N ARG F 185 23.21 25.51 -30.61
CA ARG F 185 22.91 24.09 -30.87
C ARG F 185 22.19 23.41 -29.70
N VAL F 186 21.14 24.05 -29.17
CA VAL F 186 20.40 23.57 -27.98
C VAL F 186 18.87 23.56 -28.18
N VAL F 187 18.21 22.49 -27.69
CA VAL F 187 16.74 22.34 -27.75
C VAL F 187 16.17 21.83 -26.41
N GLN F 188 15.07 22.43 -25.95
CA GLN F 188 14.35 22.03 -24.72
C GLN F 188 12.91 21.58 -25.03
N ILE F 189 12.53 20.39 -24.58
CA ILE F 189 11.21 19.79 -24.93
C ILE F 189 10.34 19.38 -23.72
N GLY F 190 9.14 19.97 -23.63
CA GLY F 190 8.11 19.52 -22.67
C GLY F 190 7.61 20.47 -21.60
N LEU F 191 8.01 21.75 -21.67
CA LEU F 191 7.73 22.73 -20.62
C LEU F 191 6.23 23.09 -20.47
N ARG F 192 5.78 23.19 -19.22
CA ARG F 192 4.35 23.46 -18.90
C ARG F 192 4.10 24.11 -17.51
N ALA F 193 2.83 24.13 -17.08
CA ALA F 193 2.40 24.57 -15.73
C ALA F 193 2.53 26.09 -15.43
N GLN F 194 2.70 26.43 -14.15
CA GLN F 194 2.67 27.83 -13.68
C GLN F 194 4.04 28.48 -13.44
N GLY F 195 4.06 29.82 -13.43
CA GLY F 195 5.28 30.60 -13.18
C GLY F 195 5.04 31.94 -12.49
N TYR F 196 5.85 32.95 -12.82
CA TYR F 196 5.73 34.30 -12.25
C TYR F 196 5.52 35.40 -13.29
N THR F 197 6.30 35.37 -14.36
CA THR F 197 6.15 36.30 -15.50
C THR F 197 6.37 35.57 -16.83
N ALA F 198 6.18 36.29 -17.93
CA ALA F 198 6.42 35.76 -19.28
C ALA F 198 7.89 35.46 -19.55
N GLU F 199 8.77 36.16 -18.82
CA GLU F 199 10.23 35.98 -18.94
C GLU F 199 10.73 34.61 -18.47
N ASP F 200 9.87 33.85 -17.81
CA ASP F 200 10.23 32.52 -17.30
C ASP F 200 10.56 31.52 -18.41
N PHE F 201 9.98 31.71 -19.60
CA PHE F 201 10.35 30.93 -20.79
C PHE F 201 11.12 31.76 -21.82
N ASN F 202 10.97 33.09 -21.78
CA ASN F 202 11.59 33.98 -22.78
C ASN F 202 13.10 34.21 -22.63
N TRP F 203 13.64 33.95 -21.44
CA TRP F 203 15.08 34.10 -21.19
C TRP F 203 15.91 33.12 -22.03
N SER F 204 15.39 31.89 -22.17
CA SER F 204 16.04 30.84 -22.96
C SER F 204 16.08 31.17 -24.46
N ARG F 205 14.98 31.72 -24.96
CA ARG F 205 14.86 32.09 -26.38
C ARG F 205 15.82 33.21 -26.79
N MLY F 206 16.07 34.13 -25.86
CA MLY F 206 16.99 35.25 -26.09
CB MLY F 206 16.82 36.31 -25.00
CG MLY F 206 15.53 37.13 -25.11
CD MLY F 206 15.41 38.13 -23.98
CE MLY F 206 14.10 38.88 -24.04
NZ MLY F 206 13.97 39.90 -22.95
C MLY F 206 18.47 34.81 -26.16
O MLY F 206 19.27 35.47 -26.81
N GLN F 207 18.79 33.71 -25.49
CA GLN F 207 20.15 33.15 -25.53
C GLN F 207 20.43 32.40 -26.84
N GLY F 208 19.37 31.93 -27.50
CA GLY F 208 19.49 31.22 -28.77
C GLY F 208 18.86 29.84 -28.82
N PHE F 209 18.30 29.39 -27.70
CA PHE F 209 17.66 28.06 -27.61
C PHE F 209 16.34 28.03 -28.38
N ARG F 210 15.91 26.84 -28.80
CA ARG F 210 14.55 26.63 -29.28
C ARG F 210 13.73 25.90 -28.21
N VAL F 211 12.53 26.41 -27.95
CA VAL F 211 11.66 25.91 -26.88
C VAL F 211 10.37 25.28 -27.44
N VAL F 212 10.11 24.04 -27.04
CA VAL F 212 8.90 23.31 -27.45
C VAL F 212 8.01 22.99 -26.24
N GLN F 213 6.90 23.72 -26.11
CA GLN F 213 5.95 23.51 -25.01
C GLN F 213 5.07 22.28 -25.26
N ALA F 214 4.53 21.71 -24.17
CA ALA F 214 3.69 20.50 -24.23
C ALA F 214 2.44 20.66 -25.10
N GLU F 215 1.89 21.88 -25.14
CA GLU F 215 0.73 22.20 -25.96
C GLU F 215 0.95 21.94 -27.46
N GLU F 216 2.19 22.11 -27.92
CA GLU F 216 2.57 21.83 -29.30
C GLU F 216 2.68 20.33 -29.61
N CYS F 217 2.71 19.51 -28.55
CA CYS F 217 2.85 18.05 -28.69
C CYS F 217 1.53 17.28 -28.62
N TRP F 218 0.49 17.87 -28.04
CA TRP F 218 -0.80 17.20 -27.82
C TRP F 218 -1.44 16.60 -29.09
N HIS F 219 -1.95 15.38 -28.97
CA HIS F 219 -2.64 14.64 -30.04
C HIS F 219 -1.76 14.20 -31.25
N MLY F 220 -0.43 14.25 -31.12
CA MLY F 220 0.45 14.03 -32.30
CB MLY F 220 1.08 15.36 -32.72
CG MLY F 220 0.10 16.28 -33.44
CD MLY F 220 0.42 17.73 -33.10
CE MLY F 220 0.38 18.60 -34.36
NZ MLY F 220 -0.16 19.93 -34.02
CH1 MLY F 220 -1.26 20.26 -34.94
CH2 MLY F 220 0.90 20.94 -34.15
C MLY F 220 1.58 13.04 -32.16
O MLY F 220 2.03 12.74 -31.05
N SER F 221 2.04 12.52 -33.30
CA SER F 221 3.28 11.74 -33.38
C SER F 221 4.49 12.66 -33.53
N LEU F 222 5.59 12.32 -32.87
CA LEU F 222 6.79 13.18 -32.87
C LEU F 222 7.90 12.72 -33.84
N GLU F 223 7.56 11.82 -34.76
CA GLU F 223 8.49 11.39 -35.81
C GLU F 223 8.93 12.51 -36.76
N PRO F 224 7.98 13.35 -37.24
CA PRO F 224 8.39 14.45 -38.12
C PRO F 224 9.12 15.59 -37.38
N LEU F 225 8.83 15.77 -36.09
CA LEU F 225 9.48 16.82 -35.28
C LEU F 225 10.99 16.62 -35.13
N MET F 226 11.42 15.37 -34.99
CA MET F 226 12.83 15.03 -34.75
C MET F 226 13.75 15.34 -35.94
N ALA F 227 13.17 15.54 -37.12
CA ALA F 227 13.93 15.98 -38.31
C ALA F 227 14.42 17.42 -38.15
N GLU F 228 13.60 18.26 -37.51
CA GLU F 228 13.98 19.64 -37.17
C GLU F 228 15.07 19.67 -36.10
N VAL F 229 14.97 18.75 -35.14
CA VAL F 229 15.89 18.66 -34.01
C VAL F 229 17.30 18.27 -34.47
N ARG F 230 17.38 17.34 -35.41
CA ARG F 230 18.66 16.92 -36.01
C ARG F 230 19.34 18.08 -36.77
N GLU F 231 18.52 18.92 -37.40
CA GLU F 231 19.00 20.09 -38.14
C GLU F 231 19.62 21.16 -37.22
N MLY F 232 19.01 21.36 -36.04
CA MLY F 232 19.46 22.39 -35.09
CB MLY F 232 18.32 22.72 -34.11
CG MLY F 232 18.62 23.87 -33.17
CD MLY F 232 18.29 25.24 -33.77
CE MLY F 232 18.43 26.35 -32.73
NZ MLY F 232 18.12 27.65 -33.35
CH1 MLY F 232 19.28 28.55 -33.25
CH2 MLY F 232 16.96 28.26 -32.68
C MLY F 232 20.73 22.07 -34.35
O MLY F 232 21.60 22.94 -34.22
N VAL F 233 20.88 20.83 -33.88
CA VAL F 233 21.99 20.47 -32.98
C VAL F 233 23.21 19.81 -33.66
N GLY F 234 23.04 19.38 -34.91
CA GLY F 234 24.08 18.62 -35.62
C GLY F 234 25.32 19.39 -36.04
N GLY F 235 26.32 18.66 -36.53
CA GLY F 235 27.58 19.25 -37.00
C GLY F 235 28.69 19.30 -35.96
N GLY F 236 28.57 18.45 -34.94
CA GLY F 236 29.53 18.37 -33.84
C GLY F 236 29.06 17.43 -32.73
N PRO F 237 29.80 17.36 -31.61
CA PRO F 237 29.48 16.48 -30.47
C PRO F 237 28.25 16.93 -29.66
N VAL F 238 27.50 15.96 -29.13
CA VAL F 238 26.21 16.20 -28.46
C VAL F 238 26.03 15.34 -27.17
N TYR F 239 25.44 15.94 -26.13
CA TYR F 239 25.08 15.25 -24.87
C TYR F 239 23.56 15.14 -24.70
N LEU F 240 23.08 14.07 -24.05
CA LEU F 240 21.64 13.82 -23.84
C LEU F 240 21.26 13.67 -22.35
N SER F 241 20.28 14.46 -21.90
CA SER F 241 19.83 14.48 -20.49
C SER F 241 18.30 14.39 -20.34
N PHE F 242 17.82 13.38 -19.59
CA PHE F 242 16.38 13.05 -19.49
C PHE F 242 15.85 13.09 -18.04
N ASP F 243 15.00 14.07 -17.73
CA ASP F 243 14.29 14.15 -16.46
C ASP F 243 12.96 13.40 -16.55
N ILE F 244 12.74 12.48 -15.62
CA ILE F 244 11.55 11.60 -15.64
C ILE F 244 10.20 12.32 -15.45
N ASP F 245 10.22 13.51 -14.84
CA ASP F 245 8.97 14.26 -14.65
C ASP F 245 8.41 14.91 -15.93
N GLY F 246 9.11 14.71 -17.05
CA GLY F 246 8.61 15.10 -18.37
C GLY F 246 7.43 14.26 -18.81
N ILE F 247 7.40 13.01 -18.33
CA ILE F 247 6.30 12.06 -18.61
C ILE F 247 5.16 12.23 -17.60
N ASP F 248 3.92 12.08 -18.09
CA ASP F 248 2.68 12.19 -17.30
C ASP F 248 2.66 11.25 -16.08
N PRO F 249 2.21 11.75 -14.90
CA PRO F 249 2.17 10.96 -13.65
C PRO F 249 1.30 9.69 -13.68
N ALA F 250 0.47 9.53 -14.71
CA ALA F 250 -0.28 8.28 -14.92
C ALA F 250 0.65 7.11 -15.22
N TRP F 251 1.81 7.42 -15.81
CA TRP F 251 2.84 6.41 -16.12
C TRP F 251 4.02 6.45 -15.13
N ALA F 252 4.29 7.62 -14.56
CA ALA F 252 5.46 7.79 -13.68
C ALA F 252 5.18 8.56 -12.38
N PRO F 253 4.50 7.92 -11.41
CA PRO F 253 4.12 8.61 -10.16
C PRO F 253 5.27 8.82 -9.16
N GLY F 254 6.32 8.01 -9.25
CA GLY F 254 7.44 8.07 -8.28
C GLY F 254 8.50 9.10 -8.60
N THR F 255 8.22 10.37 -8.28
CA THR F 255 9.15 11.48 -8.56
C THR F 255 8.93 12.66 -7.60
N GLY F 256 9.92 13.57 -7.53
CA GLY F 256 9.92 14.67 -6.57
C GLY F 256 9.00 15.85 -6.82
N THR F 257 8.89 16.30 -8.07
CA THR F 257 8.02 17.43 -8.44
C THR F 257 7.13 17.14 -9.66
N PRO F 258 5.98 16.47 -9.45
CA PRO F 258 5.06 16.09 -10.55
C PRO F 258 4.20 17.24 -11.09
N GLU F 259 3.87 17.18 -12.37
CA GLU F 259 3.00 18.18 -13.05
C GLU F 259 2.04 17.50 -14.04
N ILE F 260 0.78 17.96 -14.07
CA ILE F 260 -0.27 17.29 -14.88
C ILE F 260 -0.22 17.57 -16.40
N GLY F 261 -0.80 16.64 -17.17
CA GLY F 261 -0.96 16.76 -18.62
C GLY F 261 0.31 16.81 -19.47
N GLY F 262 1.09 15.73 -19.42
CA GLY F 262 2.39 15.67 -20.11
C GLY F 262 2.49 14.67 -21.25
N LEU F 263 3.70 14.20 -21.50
CA LEU F 263 4.00 13.28 -22.62
C LEU F 263 3.66 11.82 -22.29
N THR F 264 3.33 11.04 -23.32
CA THR F 264 3.09 9.59 -23.17
C THR F 264 4.39 8.79 -23.31
N THR F 265 4.33 7.49 -23.02
CA THR F 265 5.50 6.60 -23.16
C THR F 265 5.80 6.25 -24.62
N ILE F 266 4.75 6.25 -25.46
CA ILE F 266 4.90 6.08 -26.91
C ILE F 266 5.70 7.26 -27.50
N GLN F 267 5.37 8.47 -27.06
CA GLN F 267 6.06 9.69 -27.51
C GLN F 267 7.53 9.74 -27.05
N ALA F 268 7.83 9.18 -25.88
CA ALA F 268 9.20 9.11 -25.36
C ALA F 268 10.07 8.17 -26.19
N MET F 269 9.48 7.08 -26.67
CA MET F 269 10.17 6.10 -27.50
C MET F 269 10.50 6.69 -28.88
N GLU F 270 9.62 7.54 -29.40
CA GLU F 270 9.81 8.21 -30.69
C GLU F 270 10.98 9.22 -30.68
N ILE F 271 11.22 9.83 -29.52
CA ILE F 271 12.33 10.79 -29.35
C ILE F 271 13.71 10.11 -29.39
N ILE F 272 13.88 9.08 -28.55
CA ILE F 272 15.17 8.38 -28.41
C ILE F 272 15.58 7.63 -29.69
N ARG F 273 14.62 6.95 -30.33
CA ARG F 273 14.87 6.25 -31.59
C ARG F 273 15.25 7.21 -32.72
N GLY F 274 14.78 8.45 -32.62
CA GLY F 274 15.06 9.49 -33.62
C GLY F 274 16.40 10.20 -33.48
N CYS F 275 17.20 9.77 -32.51
CA CYS F 275 18.56 10.32 -32.31
C CYS F 275 19.62 9.59 -33.16
N GLN F 276 19.21 8.53 -33.85
CA GLN F 276 20.11 7.74 -34.71
C GLN F 276 20.72 8.58 -35.82
N GLY F 277 22.06 8.68 -35.82
CA GLY F 277 22.79 9.48 -36.79
C GLY F 277 23.62 10.61 -36.21
N LEU F 278 23.42 10.90 -34.93
CA LEU F 278 24.16 11.97 -34.24
C LEU F 278 25.44 11.45 -33.58
N ASP F 279 26.36 12.38 -33.26
CA ASP F 279 27.63 12.04 -32.60
C ASP F 279 27.50 12.16 -31.08
N LEU F 280 26.85 11.17 -30.46
CA LEU F 280 26.61 11.19 -29.01
C LEU F 280 27.86 10.81 -28.23
N ILE F 281 28.14 11.57 -27.17
CA ILE F 281 29.32 11.36 -26.32
C ILE F 281 29.00 11.07 -24.84
N GLY F 282 27.72 10.96 -24.50
CA GLY F 282 27.27 10.66 -23.12
C GLY F 282 25.77 10.83 -22.91
N CYS F 283 25.22 10.10 -21.94
CA CYS F 283 23.77 10.11 -21.62
C CYS F 283 23.49 9.99 -20.11
N ASP F 284 22.33 10.50 -19.66
CA ASP F 284 21.85 10.27 -18.27
C ASP F 284 20.32 10.21 -18.08
N LEU F 285 19.89 9.58 -16.98
CA LEU F 285 18.46 9.42 -16.60
C LEU F 285 18.25 9.70 -15.10
N VAL F 286 17.52 10.77 -14.77
CA VAL F 286 17.50 11.32 -13.41
C VAL F 286 16.12 11.43 -12.71
N GLU F 287 16.16 11.59 -11.38
CA GLU F 287 15.01 11.95 -10.52
C GLU F 287 13.96 10.85 -10.18
N VAL F 288 14.33 9.57 -10.33
CA VAL F 288 13.46 8.46 -9.90
C VAL F 288 13.50 8.31 -8.37
N SER F 289 12.31 8.29 -7.75
CA SER F 289 12.18 8.25 -6.28
C SER F 289 11.30 7.09 -5.78
N PRO F 290 11.94 5.97 -5.39
CA PRO F 290 11.27 4.70 -4.99
C PRO F 290 10.22 4.75 -3.86
N PRO F 291 10.45 5.50 -2.76
CA PRO F 291 9.43 5.47 -1.68
C PRO F 291 8.07 6.11 -2.00
N TYR F 292 7.95 6.73 -3.18
CA TYR F 292 6.68 7.33 -3.61
C TYR F 292 5.98 6.55 -4.73
N ASP F 293 6.44 5.33 -4.98
CA ASP F 293 5.75 4.38 -5.86
C ASP F 293 5.84 2.96 -5.30
N THR F 294 4.69 2.36 -5.01
CA THR F 294 4.61 1.07 -4.33
C THR F 294 4.79 -0.15 -5.24
N THR F 295 4.45 -0.01 -6.52
CA THR F 295 4.41 -1.13 -7.46
C THR F 295 5.75 -1.43 -8.13
N GLY F 296 6.68 -0.47 -8.11
CA GLY F 296 7.96 -0.61 -8.79
C GLY F 296 7.92 -0.31 -10.28
N ASN F 297 6.77 0.17 -10.77
CA ASN F 297 6.55 0.43 -12.20
C ASN F 297 7.37 1.60 -12.79
N THR F 298 7.65 2.61 -11.95
CA THR F 298 8.47 3.74 -12.38
C THR F 298 9.91 3.31 -12.66
N SER F 299 10.44 2.43 -11.80
CA SER F 299 11.79 1.89 -11.97
C SER F 299 11.93 0.95 -13.17
N LEU F 300 10.86 0.18 -13.44
CA LEU F 300 10.81 -0.70 -14.62
C LEU F 300 10.88 0.09 -15.94
N LEU F 301 10.22 1.24 -15.97
CA LEU F 301 10.24 2.14 -17.13
C LEU F 301 11.64 2.72 -17.39
N GLY F 302 12.32 3.14 -16.33
CA GLY F 302 13.67 3.71 -16.42
C GLY F 302 14.72 2.77 -17.01
N ALA F 303 14.65 1.49 -16.64
CA ALA F 303 15.57 0.48 -17.15
C ALA F 303 15.36 0.19 -18.64
N ASN F 304 14.09 0.18 -19.07
CA ASN F 304 13.75 -0.03 -20.49
C ASN F 304 14.17 1.13 -21.39
N LEU F 305 14.13 2.36 -20.87
CA LEU F 305 14.56 3.53 -21.63
C LEU F 305 16.10 3.61 -21.77
N LEU F 306 16.81 3.12 -20.75
CA LEU F 306 18.27 3.04 -20.80
C LEU F 306 18.78 2.02 -21.84
N TYR F 307 18.00 0.98 -22.10
CA TYR F 307 18.32 0.00 -23.16
C TYR F 307 18.22 0.62 -24.56
N GLU F 308 17.21 1.47 -24.76
CA GLU F 308 17.01 2.14 -26.06
C GLU F 308 18.13 3.14 -26.37
N MET F 309 18.72 3.73 -25.32
CA MET F 309 19.86 4.66 -25.44
C MET F 309 21.13 3.96 -25.96
N LEU F 310 21.40 2.75 -25.46
CA LEU F 310 22.54 1.94 -25.91
C LEU F 310 22.44 1.55 -27.39
N CYS F 311 21.22 1.29 -27.85
CA CYS F 311 20.95 0.87 -29.23
C CYS F 311 21.31 1.90 -30.31
N VAL F 312 21.31 3.19 -29.96
CA VAL F 312 21.60 4.26 -30.94
C VAL F 312 23.01 4.89 -30.87
N LEU F 313 23.92 4.27 -30.13
CA LEU F 313 25.32 4.72 -30.07
C LEU F 313 26.04 4.43 -31.40
N PRO F 314 27.01 5.29 -31.79
CA PRO F 314 27.75 5.13 -33.05
C PRO F 314 28.50 3.79 -33.16
N GLY F 315 28.25 3.04 -34.24
CA GLY F 315 28.95 1.79 -34.50
C GLY F 315 28.15 0.50 -34.33
N VAL F 316 26.87 0.63 -33.99
CA VAL F 316 25.98 -0.52 -33.76
C VAL F 316 25.36 -1.02 -35.07
N VAL F 317 25.50 -2.32 -35.34
CA VAL F 317 24.98 -2.92 -36.58
C VAL F 317 23.51 -3.32 -36.52
N ARG F 318 22.86 -3.37 -37.69
CA ARG F 318 21.48 -3.83 -37.83
C ARG F 318 21.38 -5.17 -38.56
N ARG F 319 20.62 -6.10 -37.97
CA ARG F 319 20.40 -7.42 -38.57
C ARG F 319 18.94 -7.87 -38.36
MN MN G . -18.24 0.44 21.10
MN MN H . -14.96 1.49 21.34
MN MN I . 6.85 -25.81 8.25
MN MN J . 4.33 -23.87 9.69
MN MN K . 19.03 9.35 18.35
MN MN L . 18.32 6.11 17.65
MN MN M . 0.17 -15.44 -23.31
MN MN N . 1.74 -12.41 -22.91
MN MN O . -22.74 12.56 -10.27
MN MN P . -21.07 10.05 -11.79
MN MN Q . 15.09 18.87 -14.00
MN MN R . 11.62 18.81 -13.84
#